data_8P0G
#
_entry.id   8P0G
#
_cell.length_a   1.00
_cell.length_b   1.00
_cell.length_c   1.00
_cell.angle_alpha   90.00
_cell.angle_beta   90.00
_cell.angle_gamma   90.00
#
_symmetry.space_group_name_H-M   'P 1'
#
loop_
_entity.id
_entity.type
_entity.pdbx_description
1 polymer 'Polymerase acidic protein'
2 polymer 'RNA-directed RNA polymerase catalytic subunit'
3 polymer 'Polymerase basic protein 2'
4 polymer "5'RNA"
5 non-polymer 'MAGNESIUM ION'
#
loop_
_entity_poly.entity_id
_entity_poly.type
_entity_poly.pdbx_seq_one_letter_code
_entity_poly.pdbx_strand_id
1 'polypeptide(L)'
;MTDRPDHIDSRVWELSETQEDWITQVHGHVRRVVECWKYTICCLISNMHTHRGAPQYDVFKWQDRSTIEWICSKKKVQYP
ERDTPDLYDNERAVAYKVLLVSDLSDHSPTSGIYHDLAFNLEGEAEESCALVLRGSQLQDIKGFLCRALEWVVSNNLTQE
VVETISGEAKLQFSVGTTFRTLLKRDTDWDVIPTPRVEPNVPRIEGRRWTQMKKLPLLKEKEGPPSPWRALLLGADSEYI
VCPPGTDQEAISWIHSQSEIECIRESKSTPASVITCLTSSLQSFAEGNPVRSRIHEDIIAFGINKKQEKKQSASSSASGE
WKRAEYQVEEMSLPPWVEEEMVLLRSDQEDNWIELEKNAIYTEVDGVAEGLVDKYIEIVGRTKVASVIEKWQIAATRTFS
QLHTDRSRITACPIITRDPSGNCQFWGMVLLGPHHVKRDTDNAPLLIAEIMGEDTEEKYPKHSVFSLKVEGKQFLLSLKI
TSFSRNKLYTFSNIRRVLIQPASIYSQVVLSRAAENNSLNLEVNPEIQLYLEGAQRGMTLYQWVRMILCLEFLMAIYNNP
QMEGFLANMRRLHMSRHAMMERRQVFLPFGSRPEDKVNECIINNPIVAYLAKGWNSMPNVYY
;
A
2 'polypeptide(L)'
;MNLFTPRSEINPTTTQELLYAYTGPAPVAYGTRTRAVLENIIRPYQYFYKEPNVQRALDIKTGCKEPEDINVEGPSSGFH
TASVLKLADNFFRKYRPAMEKLKYWILVKLPKLKYAELSKGRQTYSFIHKRNLPAPIALEETVEFLEQNLRRKIGPTLLS
YCQAIADVMELDETTYEGARDPRPWDIQLEEIDSDEEDPLFRQVGREETYTIKFSREELWDQMRTLNTMWKHLERGRLNR
RTIATPSMLIRGFVKIVEDAAKEILENVPTSGVPVGGEEKLAKLASKQTFHTAVTGELSGDQEKFNECLDPDAMRLMWTV
FLRKLGCPDWIMELFNIPFMVFKSKLADMGEGLVYTKGKLTDRKPLGEMPSEFDDLVRNVVGNSISCRLGMFMGMYNLTS
TLLALISIEREELTGSHVESSDDFIHFFNCKTHEEMFKQAETLRLTLKLVGINMSPSKCILISPAGIGEFNSKFHHRDFV
GNVATELPALVPNGTNPMTDLAMGLNVIKHSVNTGQMNLCTGALAMRIFNHAYKYAYMALGVTRRTRFMEENAITPLLTN
QGASPVHSFSTMHLDEVALRRHLGLLDEETLRRILNPNNPVTQKGDPSMFFRIENKMPQIMEDYSVPSCFKYTLSRNRTI
QDKPHKALLNKEERYQRVTSIINKLFPEVLIQEASAPGTVRESLKRRLELVVERSDLDEERKKRILSRIF
;
B
3 'polypeptide(L)'
;MDREEPAESECTLRALVEEYNGACKEAPKEMSKQFTDYNTFKRYTTSKKDHAPQMRLVYSVRKPWPISMTPSKEIPLVFN
GTKLKDTILDLGESKRTRANIVVPDYWSKYGSQTSLEVVNAILYAEDLKVQRFFSTEWGEIRYGRMLPFRKPVQACPTIE
EVNPASIPHTLLQVFCPQYTTLDSKRKAHMGAVEKLKRVMEPICKVQTQESAVHIARSLIDSNKKWLPTVVDHTPRTAEM
AHFLCSKYHYVHTNTQDLSDTRSIDNLCGELVKRSLKCRCPKETLVANLDKITIQGRPMREVLADHDGELPYLGICRVAM
GLSTHHTMKIRSTKFSILNSDHPRIEVKKVFSLSPDVQVTIPYRRFKGKAKVYFQNDQIQGYFSCTDRQIDEIKISAPKN
APLLEPLLDICYYGSFIEPGFEQTFGFYPAGKREFVDSFFMHHSKDHKAFLIHMGLDKDLSLPLSPELNWKEPALSKVCR
VTELDSTVQPYTSATREFVLGETLNVYTQHENGLELLICPTEIRSTRGPLPPGTNLSGSEFIDIYQDPFSRAKSLLKSTI
LHAERCKEFVGNMLEEYQDPAETTVQSLVPINTWGKSAKRKLQEEITSDPDWHQCPRKRAKMSYLAIIAGSIQDRDKKQT
NVPRAFMLRGSQIEYDMKATRGLVVDTTNRIIVGGETVLREGKGGPEGYVQTGVFEEQPRCYLVDTPDHGLSMGLSRFCV
HSQGRYFQYEKKISIWEETDNIKATIDSQRDLKRRRDIEEMVSKRARIV
;
C
4 'polyribonucleotide' AGAGAAAUCAAGGCCCCCGGCCUGUUUUUGCUAUU V,R
#
# COMPACT_ATOMS: atom_id res chain seq x y z
N LYS A 170 39.15 -6.13 -15.91
CA LYS A 170 39.80 -7.43 -16.08
C LYS A 170 39.84 -8.19 -14.76
N LEU A 171 39.93 -7.45 -13.66
CA LEU A 171 39.99 -8.08 -12.34
C LEU A 171 38.73 -8.89 -12.07
N GLN A 172 37.60 -8.23 -11.94
CA GLN A 172 36.31 -8.89 -11.76
C GLN A 172 35.28 -8.42 -12.77
N PHE A 173 35.30 -7.15 -13.16
CA PHE A 173 34.37 -6.58 -14.12
C PHE A 173 35.15 -5.77 -15.14
N SER A 174 34.84 -5.98 -16.43
CA SER A 174 35.53 -5.31 -17.52
C SER A 174 34.51 -4.73 -18.49
N VAL A 175 34.83 -3.56 -19.04
CA VAL A 175 33.97 -2.87 -20.00
C VAL A 175 34.73 -2.81 -21.32
N GLY A 176 34.11 -3.33 -22.38
CA GLY A 176 34.74 -3.32 -23.68
C GLY A 176 34.81 -1.92 -24.27
N THR A 177 35.65 -1.78 -25.30
CA THR A 177 35.83 -0.48 -25.93
C THR A 177 34.55 0.01 -26.58
N THR A 178 33.83 -0.87 -27.27
CA THR A 178 32.58 -0.46 -27.90
C THR A 178 31.56 -0.01 -26.87
N PHE A 179 31.42 -0.77 -25.79
CA PHE A 179 30.50 -0.36 -24.73
C PHE A 179 30.96 0.92 -24.05
N ARG A 180 32.29 1.11 -23.93
CA ARG A 180 32.79 2.37 -23.38
C ARG A 180 32.38 3.55 -24.24
N THR A 181 32.52 3.41 -25.56
CA THR A 181 32.12 4.48 -26.47
C THR A 181 30.62 4.72 -26.39
N LEU A 182 29.83 3.65 -26.31
CA LEU A 182 28.39 3.81 -26.18
C LEU A 182 28.03 4.56 -24.91
N LEU A 183 28.68 4.22 -23.79
CA LEU A 183 28.42 4.92 -22.54
C LEU A 183 28.82 6.39 -22.62
N LYS A 184 29.96 6.67 -23.25
CA LYS A 184 30.43 8.05 -23.40
C LYS A 184 29.81 8.71 -24.62
N ARG A 185 28.48 8.69 -24.69
CA ARG A 185 27.75 9.25 -25.83
C ARG A 185 26.99 10.52 -25.49
N ASP A 186 26.31 10.55 -24.34
CA ASP A 186 25.51 11.69 -23.91
C ASP A 186 26.04 12.27 -22.62
N THR A 187 27.37 12.33 -22.49
CA THR A 187 28.01 12.89 -21.32
C THR A 187 29.35 13.50 -21.72
N ASP A 188 29.84 14.41 -20.89
CA ASP A 188 31.07 15.15 -21.17
C ASP A 188 32.30 14.52 -20.55
N TRP A 189 32.15 13.41 -19.82
CA TRP A 189 33.27 12.77 -19.13
C TRP A 189 33.37 11.31 -19.54
N ASP A 190 34.48 10.69 -19.16
CA ASP A 190 34.73 9.29 -19.49
C ASP A 190 33.91 8.39 -18.58
N VAL A 191 34.16 7.09 -18.64
CA VAL A 191 33.44 6.16 -17.77
C VAL A 191 33.71 6.49 -16.30
N ILE A 192 34.95 6.86 -15.98
CA ILE A 192 35.31 7.35 -14.65
C ILE A 192 35.45 8.86 -14.76
N PRO A 193 34.51 9.65 -14.23
CA PRO A 193 34.60 11.11 -14.37
C PRO A 193 35.77 11.66 -13.57
N THR A 194 36.64 12.41 -14.25
CA THR A 194 37.78 13.08 -13.61
C THR A 194 37.83 14.53 -14.08
N PRO A 195 36.82 15.32 -13.74
CA PRO A 195 36.83 16.74 -14.14
C PRO A 195 38.03 17.46 -13.53
N ARG A 196 38.60 18.38 -14.31
CA ARG A 196 39.77 19.14 -13.88
C ARG A 196 39.32 20.52 -13.41
N VAL A 197 38.76 20.54 -12.20
CA VAL A 197 38.31 21.78 -11.57
C VAL A 197 38.70 21.72 -10.10
N GLU A 198 39.21 22.83 -9.59
CA GLU A 198 39.61 22.89 -8.18
C GLU A 198 38.36 22.89 -7.31
N PRO A 199 38.19 21.93 -6.40
CA PRO A 199 36.94 21.85 -5.63
C PRO A 199 36.82 22.99 -4.64
N ASN A 200 35.70 23.73 -4.73
CA ASN A 200 35.37 24.74 -3.75
C ASN A 200 33.89 25.07 -3.88
N VAL A 201 33.34 25.69 -2.85
CA VAL A 201 31.94 26.07 -2.81
C VAL A 201 31.86 27.59 -3.01
N PRO A 202 31.30 28.07 -4.11
CA PRO A 202 31.21 29.51 -4.32
C PRO A 202 30.12 30.14 -3.46
N ARG A 203 30.16 31.46 -3.39
CA ARG A 203 29.17 32.24 -2.66
C ARG A 203 28.18 32.83 -3.65
N ILE A 204 26.89 32.58 -3.41
CA ILE A 204 25.81 33.04 -4.28
C ILE A 204 24.99 34.06 -3.51
N GLU A 205 24.69 35.18 -4.15
CA GLU A 205 23.85 36.20 -3.55
C GLU A 205 22.45 35.63 -3.29
N GLY A 206 22.10 35.48 -2.02
CA GLY A 206 20.81 34.94 -1.64
C GLY A 206 19.74 36.03 -1.56
N ARG A 207 18.63 35.66 -0.94
CA ARG A 207 17.50 36.55 -0.74
C ARG A 207 17.19 36.66 0.75
N ARG A 208 16.22 37.51 1.07
CA ARG A 208 15.82 37.74 2.45
C ARG A 208 14.68 36.80 2.82
N TRP A 209 14.72 36.29 4.05
CA TRP A 209 13.68 35.40 4.56
C TRP A 209 12.63 36.24 5.28
N THR A 210 11.52 36.49 4.60
CA THR A 210 10.46 37.31 5.17
C THR A 210 9.69 36.53 6.23
N GLN A 211 8.88 37.26 7.00
CA GLN A 211 8.10 36.70 8.09
C GLN A 211 6.62 36.73 7.74
N MET A 212 5.92 35.64 8.04
CA MET A 212 4.47 35.56 7.86
C MET A 212 3.83 36.22 9.07
N LYS A 213 3.69 37.54 9.00
CA LYS A 213 3.16 38.30 10.12
C LYS A 213 1.71 37.92 10.41
N LYS A 214 0.91 37.74 9.36
CA LYS A 214 -0.49 37.37 9.51
C LYS A 214 -0.78 36.16 8.62
N LEU A 215 -1.66 35.29 9.10
CA LEU A 215 -2.01 34.11 8.33
C LEU A 215 -2.73 34.53 7.05
N PRO A 216 -2.61 33.75 5.99
CA PRO A 216 -3.25 34.12 4.72
C PRO A 216 -4.75 33.83 4.73
N LEU A 217 -5.40 34.29 3.67
CA LEU A 217 -6.83 34.04 3.44
C LEU A 217 -6.99 33.32 2.12
N LEU A 218 -7.80 32.27 2.12
CA LEU A 218 -7.99 31.48 0.91
C LEU A 218 -8.94 32.18 -0.06
N LYS A 219 -8.88 31.78 -1.31
CA LYS A 219 -9.69 32.38 -2.36
C LYS A 219 -11.08 31.76 -2.36
N GLU A 220 -12.11 32.58 -2.19
CA GLU A 220 -13.49 32.13 -2.26
C GLU A 220 -13.99 32.32 -3.68
N LYS A 221 -14.30 31.21 -4.34
CA LYS A 221 -14.68 31.26 -5.75
C LYS A 221 -16.07 31.86 -5.90
N GLU A 222 -16.36 32.32 -7.12
CA GLU A 222 -17.65 32.90 -7.48
C GLU A 222 -18.24 32.10 -8.63
N GLY A 223 -19.51 31.74 -8.50
CA GLY A 223 -20.20 30.99 -9.52
C GLY A 223 -21.49 30.39 -9.01
N PRO A 224 -22.12 29.55 -9.81
CA PRO A 224 -23.36 28.90 -9.37
C PRO A 224 -23.10 28.06 -8.13
N PRO A 225 -24.06 27.98 -7.20
CA PRO A 225 -23.85 27.14 -6.01
C PRO A 225 -23.60 25.69 -6.42
N SER A 226 -22.70 25.05 -5.70
CA SER A 226 -22.34 23.67 -5.99
C SER A 226 -23.48 22.75 -5.61
N PRO A 227 -24.02 21.94 -6.52
CA PRO A 227 -25.11 21.03 -6.17
C PRO A 227 -24.60 19.83 -5.39
N TRP A 228 -25.53 18.96 -5.01
CA TRP A 228 -25.19 17.72 -4.30
C TRP A 228 -24.80 16.68 -5.34
N ARG A 229 -23.50 16.43 -5.48
CA ARG A 229 -22.97 15.54 -6.50
C ARG A 229 -22.55 14.18 -5.95
N ALA A 230 -22.82 13.90 -4.68
CA ALA A 230 -22.46 12.63 -4.10
C ALA A 230 -23.28 11.50 -4.73
N LEU A 231 -22.99 10.27 -4.33
CA LEU A 231 -23.69 9.12 -4.88
C LEU A 231 -25.12 9.04 -4.34
N LEU A 232 -25.26 8.87 -3.03
CA LEU A 232 -26.56 8.80 -2.38
C LEU A 232 -26.85 10.11 -1.65
N LEU A 233 -28.05 10.19 -1.07
CA LEU A 233 -28.41 11.36 -0.31
C LEU A 233 -27.70 11.38 1.04
N GLY A 234 -27.53 12.57 1.58
CA GLY A 234 -26.87 12.73 2.87
C GLY A 234 -27.85 12.89 4.01
N ALA A 235 -27.95 14.12 4.53
CA ALA A 235 -28.83 14.37 5.67
C ALA A 235 -30.29 14.23 5.29
N ASP A 236 -30.66 14.54 4.06
CA ASP A 236 -32.05 14.49 3.63
C ASP A 236 -32.57 13.07 3.50
N SER A 237 -31.70 12.06 3.59
CA SER A 237 -32.14 10.68 3.44
C SER A 237 -33.16 10.32 4.52
N GLU A 238 -34.19 9.58 4.12
CA GLU A 238 -35.22 9.11 5.02
C GLU A 238 -35.55 7.67 4.68
N TYR A 239 -36.42 7.05 5.48
CA TYR A 239 -36.80 5.66 5.27
C TYR A 239 -38.29 5.50 5.57
N ILE A 240 -38.87 4.45 5.00
CA ILE A 240 -40.27 4.11 5.22
C ILE A 240 -40.34 2.91 6.16
N VAL A 241 -41.19 2.99 7.17
CA VAL A 241 -41.32 1.91 8.14
C VAL A 241 -42.30 0.88 7.60
N CYS A 242 -41.91 -0.39 7.64
CA CYS A 242 -42.68 -1.51 7.15
C CYS A 242 -42.76 -2.57 8.22
N PRO A 243 -43.79 -3.43 8.16
CA PRO A 243 -43.92 -4.46 9.19
C PRO A 243 -42.75 -5.44 9.11
N PRO A 244 -42.44 -6.11 10.22
CA PRO A 244 -41.27 -7.01 10.21
C PRO A 244 -41.43 -8.12 9.18
N GLY A 245 -40.30 -8.49 8.59
CA GLY A 245 -40.28 -9.55 7.59
C GLY A 245 -38.98 -9.52 6.82
N THR A 246 -38.95 -10.33 5.77
CA THR A 246 -37.80 -10.37 4.88
C THR A 246 -37.81 -9.16 3.95
N ASP A 247 -36.68 -8.95 3.27
CA ASP A 247 -36.59 -7.85 2.33
C ASP A 247 -37.65 -7.97 1.24
N GLN A 248 -37.88 -9.20 0.77
CA GLN A 248 -38.92 -9.42 -0.23
C GLN A 248 -40.29 -9.02 0.31
N GLU A 249 -40.60 -9.38 1.55
CA GLU A 249 -41.89 -9.03 2.13
C GLU A 249 -42.05 -7.52 2.24
N ALA A 250 -41.02 -6.82 2.70
CA ALA A 250 -41.11 -5.37 2.83
C ALA A 250 -41.26 -4.70 1.46
N ILE A 251 -40.51 -5.18 0.47
CA ILE A 251 -40.61 -4.61 -0.87
C ILE A 251 -42.00 -4.83 -1.44
N SER A 252 -42.55 -6.03 -1.25
CA SER A 252 -43.90 -6.30 -1.72
C SER A 252 -44.93 -5.42 -1.02
N TRP A 253 -44.76 -5.22 0.29
CA TRP A 253 -45.68 -4.38 1.03
C TRP A 253 -45.64 -2.94 0.52
N ILE A 254 -44.43 -2.42 0.27
CA ILE A 254 -44.32 -1.06 -0.25
C ILE A 254 -44.92 -0.97 -1.65
N HIS A 255 -44.64 -1.95 -2.50
CA HIS A 255 -45.10 -1.90 -3.89
C HIS A 255 -46.62 -2.00 -3.97
N SER A 256 -47.23 -2.85 -3.14
CA SER A 256 -48.67 -3.05 -3.23
C SER A 256 -49.43 -1.76 -2.94
N GLN A 257 -49.00 -1.01 -1.93
CA GLN A 257 -49.62 0.25 -1.54
C GLN A 257 -48.69 1.37 -1.99
N SER A 258 -48.89 1.84 -3.22
CA SER A 258 -48.06 2.90 -3.78
C SER A 258 -48.86 3.68 -4.81
N GLU A 259 -48.68 4.99 -4.80
CA GLU A 259 -49.33 5.91 -5.74
C GLU A 259 -48.31 6.89 -6.29
N ILE A 260 -47.16 6.36 -6.74
CA ILE A 260 -46.07 7.20 -7.20
C ILE A 260 -46.54 8.11 -8.33
N GLU A 261 -46.31 9.41 -8.18
CA GLU A 261 -46.63 10.38 -9.21
C GLU A 261 -45.54 11.44 -9.25
N CYS A 262 -45.21 11.90 -10.45
CA CYS A 262 -44.13 12.86 -10.61
C CYS A 262 -44.47 14.20 -9.97
N ILE A 263 -43.46 14.81 -9.35
CA ILE A 263 -43.59 16.13 -8.73
C ILE A 263 -42.65 17.14 -9.37
N ARG A 264 -41.40 16.75 -9.62
CA ARG A 264 -40.40 17.62 -10.23
C ARG A 264 -39.53 16.77 -11.14
N GLU A 265 -39.64 16.98 -12.45
CA GLU A 265 -38.91 16.21 -13.45
C GLU A 265 -37.77 17.07 -13.99
N SER A 266 -36.53 16.63 -13.76
CA SER A 266 -35.36 17.30 -14.31
C SER A 266 -34.96 16.64 -15.62
N LYS A 267 -34.47 17.45 -16.55
CA LYS A 267 -34.10 16.92 -17.85
C LYS A 267 -32.96 15.91 -17.75
N SER A 268 -32.14 16.02 -16.70
CA SER A 268 -31.05 15.05 -16.51
C SER A 268 -31.61 13.66 -16.24
N THR A 269 -32.67 13.56 -15.44
CA THR A 269 -33.29 12.30 -15.06
C THR A 269 -34.75 12.33 -15.47
N PRO A 270 -35.08 11.90 -16.69
CA PRO A 270 -36.49 11.97 -17.13
C PRO A 270 -37.40 11.17 -16.23
N ALA A 271 -38.62 11.67 -16.06
CA ALA A 271 -39.57 11.01 -15.17
C ALA A 271 -39.96 9.63 -15.67
N SER A 272 -39.92 9.41 -16.98
CA SER A 272 -40.31 8.12 -17.54
C SER A 272 -39.49 6.99 -16.93
N VAL A 273 -38.25 7.26 -16.53
CA VAL A 273 -37.39 6.25 -15.95
C VAL A 273 -38.00 5.62 -14.69
N ILE A 274 -39.03 6.24 -14.12
CA ILE A 274 -39.70 5.64 -12.97
C ILE A 274 -40.20 4.25 -13.33
N THR A 275 -40.59 4.03 -14.59
CA THR A 275 -41.06 2.71 -14.99
C THR A 275 -40.02 1.64 -14.70
N CYS A 276 -38.74 1.99 -14.77
CA CYS A 276 -37.69 1.02 -14.43
C CYS A 276 -37.74 0.63 -12.96
N LEU A 277 -37.94 1.60 -12.08
CA LEU A 277 -37.93 1.31 -10.65
C LEU A 277 -39.07 0.38 -10.27
N THR A 278 -40.30 0.73 -10.64
CA THR A 278 -41.46 -0.07 -10.26
C THR A 278 -41.33 -1.49 -10.80
N SER A 279 -40.98 -1.62 -12.08
CA SER A 279 -40.78 -2.95 -12.65
C SER A 279 -39.76 -3.76 -11.86
N SER A 280 -38.77 -3.08 -11.28
CA SER A 280 -37.82 -3.80 -10.41
C SER A 280 -38.49 -4.23 -9.11
N LEU A 281 -39.22 -3.31 -8.48
CA LEU A 281 -39.90 -3.64 -7.22
C LEU A 281 -40.82 -4.83 -7.41
N GLN A 282 -41.66 -4.79 -8.46
CA GLN A 282 -42.48 -5.95 -8.79
C GLN A 282 -41.62 -7.20 -8.94
N SER A 283 -40.53 -7.09 -9.68
CA SER A 283 -39.66 -8.25 -9.85
C SER A 283 -39.08 -8.71 -8.52
N PHE A 284 -38.87 -7.77 -7.58
CA PHE A 284 -38.38 -8.15 -6.27
C PHE A 284 -39.48 -8.72 -5.37
N ALA A 285 -40.74 -8.49 -5.71
CA ALA A 285 -41.84 -9.06 -4.94
C ALA A 285 -42.12 -10.51 -5.29
N GLU A 286 -41.60 -11.00 -6.41
CA GLU A 286 -41.75 -12.39 -6.81
C GLU A 286 -40.60 -13.26 -6.36
N GLY A 287 -39.58 -12.67 -5.74
CA GLY A 287 -38.42 -13.42 -5.27
C GLY A 287 -37.25 -13.48 -6.23
N ASN A 288 -37.31 -12.76 -7.34
CA ASN A 288 -36.22 -12.74 -8.32
C ASN A 288 -35.73 -11.31 -8.50
N PRO A 289 -34.66 -10.90 -7.80
CA PRO A 289 -34.20 -9.50 -7.95
C PRO A 289 -33.80 -9.14 -9.36
N VAL A 290 -33.24 -10.08 -10.12
CA VAL A 290 -32.78 -9.76 -11.47
C VAL A 290 -33.98 -9.57 -12.38
N ARG A 291 -33.95 -8.50 -13.18
CA ARG A 291 -35.03 -8.16 -14.09
C ARG A 291 -34.45 -7.85 -15.47
N SER A 292 -35.20 -8.19 -16.51
CA SER A 292 -34.78 -8.00 -17.87
C SER A 292 -35.18 -6.62 -18.38
N ARG A 293 -34.34 -6.05 -19.25
CA ARG A 293 -34.63 -4.75 -19.84
C ARG A 293 -35.90 -4.83 -20.67
N ILE A 294 -36.69 -3.74 -20.67
CA ILE A 294 -37.89 -3.72 -21.48
C ILE A 294 -37.91 -2.55 -22.47
N HIS A 295 -38.02 -1.31 -21.98
CA HIS A 295 -37.93 -0.16 -22.88
C HIS A 295 -37.09 0.96 -22.28
N GLU A 296 -37.22 1.18 -20.98
CA GLU A 296 -36.73 2.40 -20.35
C GLU A 296 -35.30 2.28 -19.84
N ASP A 297 -34.66 1.13 -20.01
CA ASP A 297 -33.28 0.97 -19.61
C ASP A 297 -32.29 1.55 -20.62
N ILE A 298 -32.76 1.91 -21.83
CA ILE A 298 -31.89 2.51 -22.82
C ILE A 298 -31.39 3.87 -22.33
N ILE A 299 -32.29 4.68 -21.78
CA ILE A 299 -31.90 5.99 -21.26
C ILE A 299 -31.52 5.92 -19.79
N ALA A 300 -32.10 4.98 -19.04
CA ALA A 300 -31.81 4.87 -17.61
C ALA A 300 -30.34 4.55 -17.37
N PHE A 301 -29.78 3.64 -18.16
CA PHE A 301 -28.40 3.19 -17.97
C PHE A 301 -27.50 3.53 -19.14
N GLY A 302 -27.95 4.38 -20.07
CA GLY A 302 -27.13 4.82 -21.16
C GLY A 302 -26.63 3.68 -22.03
N ILE A 303 -27.53 2.78 -22.41
CA ILE A 303 -27.15 1.66 -23.26
C ILE A 303 -26.91 2.17 -24.68
N ASN A 304 -25.74 1.85 -25.23
CA ASN A 304 -25.36 2.28 -26.57
C ASN A 304 -25.40 3.80 -26.68
N LYS A 305 -24.96 4.49 -25.63
CA LYS A 305 -24.88 5.94 -25.65
C LYS A 305 -23.54 6.43 -26.16
N LYS A 306 -22.46 5.69 -25.89
CA LYS A 306 -21.16 6.08 -26.41
C LYS A 306 -21.14 6.11 -27.93
N GLN A 307 -21.75 5.09 -28.56
CA GLN A 307 -21.83 5.08 -30.01
C GLN A 307 -22.64 6.25 -30.54
N GLU A 308 -23.75 6.58 -29.87
CA GLU A 308 -24.56 7.71 -30.29
C GLU A 308 -23.78 9.01 -30.21
N LYS A 309 -23.06 9.22 -29.10
CA LYS A 309 -22.26 10.44 -28.96
C LYS A 309 -21.17 10.50 -30.02
N LYS A 310 -20.50 9.37 -30.28
CA LYS A 310 -19.45 9.36 -31.29
C LYS A 310 -20.01 9.68 -32.68
N GLN A 311 -21.16 9.10 -33.02
CA GLN A 311 -21.77 9.38 -34.31
C GLN A 311 -22.19 10.85 -34.41
N SER A 312 -22.75 11.40 -33.34
CA SER A 312 -23.14 12.81 -33.36
C SER A 312 -21.93 13.71 -33.55
N ALA A 313 -20.83 13.40 -32.86
CA ALA A 313 -19.61 14.20 -33.02
C ALA A 313 -19.07 14.07 -34.44
N SER A 314 -19.08 12.86 -35.00
CA SER A 314 -18.57 12.66 -36.36
C SER A 314 -19.41 13.43 -37.38
N SER A 315 -20.74 13.40 -37.24
CA SER A 315 -21.60 14.10 -38.17
C SER A 315 -21.51 15.61 -38.03
N SER A 316 -20.91 16.10 -36.95
CA SER A 316 -20.78 17.54 -36.72
C SER A 316 -19.30 17.92 -36.59
N ALA A 317 -18.46 17.38 -37.48
CA ALA A 317 -17.02 17.59 -37.44
C ALA A 317 -16.62 18.62 -38.48
N SER A 318 -15.95 19.68 -38.04
CA SER A 318 -15.44 20.70 -38.94
C SER A 318 -14.46 21.62 -38.21
N GLY A 319 -13.29 21.84 -38.80
CA GLY A 319 -12.28 22.69 -38.22
C GLY A 319 -10.92 22.03 -38.30
N GLU A 320 -10.01 22.47 -37.43
CA GLU A 320 -8.66 21.95 -37.35
C GLU A 320 -8.38 21.48 -35.93
N TRP A 321 -7.56 20.42 -35.83
CA TRP A 321 -7.25 19.86 -34.53
C TRP A 321 -6.51 20.88 -33.67
N LYS A 322 -6.95 20.99 -32.42
CA LYS A 322 -6.33 21.86 -31.43
C LYS A 322 -6.02 21.05 -30.17
N ARG A 323 -4.96 21.44 -29.48
CA ARG A 323 -4.59 20.77 -28.23
C ARG A 323 -5.80 20.79 -27.30
N ALA A 324 -6.27 19.61 -26.92
CA ALA A 324 -7.49 19.50 -26.11
C ALA A 324 -7.36 20.31 -24.84
N GLU A 325 -8.31 21.24 -24.64
CA GLU A 325 -8.34 22.08 -23.45
C GLU A 325 -9.48 21.63 -22.55
N TYR A 326 -9.17 21.36 -21.30
CA TYR A 326 -10.15 20.97 -20.29
C TYR A 326 -10.25 22.05 -19.25
N GLN A 327 -11.47 22.42 -18.88
CA GLN A 327 -11.73 23.46 -17.90
C GLN A 327 -12.67 22.94 -16.83
N VAL A 328 -12.38 23.29 -15.58
CA VAL A 328 -13.20 22.91 -14.44
C VAL A 328 -14.03 24.12 -14.03
N GLU A 329 -15.35 24.00 -14.14
CA GLU A 329 -16.25 25.12 -13.88
C GLU A 329 -16.18 25.49 -12.40
N GLU A 330 -15.65 26.67 -12.10
CA GLU A 330 -15.54 27.13 -10.73
C GLU A 330 -16.93 27.40 -10.15
N MET A 331 -17.12 27.03 -8.89
CA MET A 331 -18.40 27.20 -8.22
C MET A 331 -18.17 27.73 -6.81
N SER A 332 -19.18 28.40 -6.28
CA SER A 332 -19.09 29.03 -4.97
C SER A 332 -19.58 28.07 -3.89
N LEU A 333 -19.47 28.49 -2.64
CA LEU A 333 -19.92 27.66 -1.53
C LEU A 333 -21.45 27.62 -1.52
N PRO A 334 -22.07 26.45 -1.69
CA PRO A 334 -23.53 26.39 -1.63
C PRO A 334 -24.02 26.63 -0.22
N PRO A 335 -25.26 27.12 -0.06
CA PRO A 335 -25.78 27.37 1.28
C PRO A 335 -26.33 26.15 2.00
N TRP A 336 -26.31 24.98 1.37
CA TRP A 336 -26.86 23.78 1.99
C TRP A 336 -25.84 22.99 2.78
N VAL A 337 -24.56 23.37 2.76
CA VAL A 337 -23.56 22.65 3.55
C VAL A 337 -23.83 22.85 5.03
N GLU A 338 -24.13 24.09 5.43
CA GLU A 338 -24.46 24.35 6.83
C GLU A 338 -25.71 23.60 7.25
N GLU A 339 -26.73 23.57 6.37
CA GLU A 339 -27.94 22.84 6.69
C GLU A 339 -27.68 21.35 6.86
N GLU A 340 -26.86 20.77 5.96
CA GLU A 340 -26.51 19.36 6.09
C GLU A 340 -25.75 19.10 7.37
N MET A 341 -24.80 19.97 7.72
CA MET A 341 -24.06 19.79 8.96
C MET A 341 -25.00 19.86 10.17
N VAL A 342 -25.96 20.79 10.14
CA VAL A 342 -26.89 20.92 11.27
C VAL A 342 -27.77 19.69 11.38
N LEU A 343 -28.31 19.20 10.26
CA LEU A 343 -29.25 18.10 10.28
C LEU A 343 -28.58 16.74 10.47
N LEU A 344 -27.28 16.63 10.22
CA LEU A 344 -26.59 15.35 10.34
C LEU A 344 -26.34 14.97 11.79
N ARG A 345 -26.25 15.95 12.69
CA ARG A 345 -25.94 15.69 14.09
C ARG A 345 -27.19 15.65 14.97
N SER A 346 -28.38 15.66 14.38
CA SER A 346 -29.60 15.53 15.15
C SER A 346 -29.72 14.14 15.75
N ASP A 347 -30.16 14.08 17.01
CA ASP A 347 -30.24 12.81 17.71
C ASP A 347 -31.37 11.96 17.16
N GLN A 348 -31.17 10.64 17.21
CA GLN A 348 -32.16 9.65 16.79
C GLN A 348 -32.69 8.91 18.01
N GLU A 349 -33.53 7.92 17.76
CA GLU A 349 -34.14 7.14 18.83
C GLU A 349 -33.32 5.90 19.18
N ASP A 350 -32.94 5.11 18.19
CA ASP A 350 -32.21 3.87 18.39
C ASP A 350 -30.75 4.03 17.96
N ASN A 351 -29.93 3.10 18.43
CA ASN A 351 -28.51 3.10 18.11
C ASN A 351 -28.29 2.46 16.75
N TRP A 352 -27.60 3.16 15.86
CA TRP A 352 -27.38 2.71 14.49
C TRP A 352 -26.02 2.06 14.28
N ILE A 353 -25.20 1.96 15.33
CA ILE A 353 -23.91 1.29 15.25
C ILE A 353 -24.03 0.00 16.06
N GLU A 354 -23.96 -1.13 15.37
CA GLU A 354 -24.07 -2.46 15.98
C GLU A 354 -22.86 -3.29 15.55
N LEU A 355 -21.86 -3.39 16.42
CA LEU A 355 -20.67 -4.17 16.16
C LEU A 355 -20.47 -5.17 17.29
N GLU A 356 -20.25 -6.43 16.94
CA GLU A 356 -20.04 -7.45 17.96
C GLU A 356 -18.79 -7.13 18.76
N LYS A 357 -18.94 -7.14 20.09
CA LYS A 357 -17.83 -6.79 20.96
C LYS A 357 -16.78 -7.90 20.98
N ASN A 358 -15.55 -7.50 21.29
CA ASN A 358 -14.47 -8.45 21.44
C ASN A 358 -14.48 -9.06 22.84
N ALA A 359 -13.79 -10.18 22.99
CA ALA A 359 -13.66 -10.81 24.29
C ALA A 359 -12.76 -9.97 25.18
N ILE A 360 -12.95 -10.10 26.49
CA ILE A 360 -12.17 -9.37 27.49
C ILE A 360 -11.41 -10.39 28.32
N TYR A 361 -10.08 -10.24 28.38
CA TYR A 361 -9.23 -11.11 29.18
C TYR A 361 -8.33 -10.36 30.13
N THR A 362 -8.28 -9.03 30.06
CA THR A 362 -7.39 -8.24 30.90
C THR A 362 -8.03 -6.89 31.17
N GLU A 363 -7.52 -6.20 32.19
CA GLU A 363 -8.02 -4.87 32.50
C GLU A 363 -7.85 -3.93 31.31
N VAL A 364 -6.77 -4.09 30.54
CA VAL A 364 -6.58 -3.26 29.35
C VAL A 364 -7.70 -3.51 28.34
N ASP A 365 -8.06 -4.78 28.14
CA ASP A 365 -9.16 -5.10 27.24
C ASP A 365 -10.46 -4.48 27.73
N GLY A 366 -10.70 -4.56 29.05
CA GLY A 366 -11.91 -3.95 29.59
C GLY A 366 -11.95 -2.46 29.37
N VAL A 367 -10.82 -1.77 29.58
CA VAL A 367 -10.77 -0.33 29.39
C VAL A 367 -11.01 0.01 27.92
N ALA A 368 -10.37 -0.72 27.01
CA ALA A 368 -10.56 -0.46 25.59
C ALA A 368 -12.00 -0.66 25.16
N GLU A 369 -12.62 -1.76 25.63
CA GLU A 369 -14.02 -2.01 25.29
C GLU A 369 -14.93 -0.95 25.89
N GLY A 370 -14.64 -0.50 27.11
CA GLY A 370 -15.43 0.57 27.70
C GLY A 370 -15.34 1.85 26.91
N LEU A 371 -14.13 2.22 26.48
CA LEU A 371 -13.96 3.42 25.68
C LEU A 371 -14.71 3.31 24.36
N VAL A 372 -14.62 2.16 23.70
CA VAL A 372 -15.32 1.97 22.43
C VAL A 372 -16.83 2.05 22.64
N ASP A 373 -17.32 1.43 23.71
CA ASP A 373 -18.76 1.48 24.01
C ASP A 373 -19.21 2.90 24.27
N LYS A 374 -18.43 3.67 25.03
CA LYS A 374 -18.79 5.06 25.29
C LYS A 374 -18.80 5.88 24.02
N TYR A 375 -17.82 5.65 23.14
CA TYR A 375 -17.79 6.37 21.87
C TYR A 375 -19.02 6.03 21.03
N ILE A 376 -19.38 4.74 20.95
CA ILE A 376 -20.55 4.34 20.18
C ILE A 376 -21.81 4.96 20.77
N GLU A 377 -21.88 5.01 22.10
CA GLU A 377 -23.02 5.66 22.75
C GLU A 377 -23.08 7.14 22.39
N ILE A 378 -21.93 7.79 22.32
CA ILE A 378 -21.90 9.21 22.01
C ILE A 378 -22.38 9.46 20.58
N VAL A 379 -21.88 8.67 19.62
CA VAL A 379 -22.13 8.93 18.21
C VAL A 379 -23.09 7.90 17.62
N GLY A 380 -23.65 7.00 18.43
CA GLY A 380 -24.50 5.95 17.88
C GLY A 380 -25.89 6.40 17.51
N ARG A 381 -26.42 7.39 18.23
CA ARG A 381 -27.81 7.81 18.05
C ARG A 381 -27.92 9.13 17.28
N THR A 382 -27.06 9.33 16.29
CA THR A 382 -27.08 10.53 15.46
C THR A 382 -27.58 10.20 14.07
N LYS A 383 -28.03 11.24 13.37
CA LYS A 383 -28.45 11.08 11.98
C LYS A 383 -27.28 10.67 11.09
N VAL A 384 -26.07 11.17 11.40
CA VAL A 384 -24.91 10.81 10.60
C VAL A 384 -24.65 9.32 10.68
N ALA A 385 -24.88 8.71 11.84
CA ALA A 385 -24.72 7.26 11.96
C ALA A 385 -25.71 6.53 11.08
N SER A 386 -26.96 7.00 11.04
CA SER A 386 -27.96 6.38 10.18
C SER A 386 -27.56 6.48 8.72
N VAL A 387 -27.07 7.66 8.30
CA VAL A 387 -26.66 7.83 6.92
C VAL A 387 -25.46 6.95 6.60
N ILE A 388 -24.54 6.81 7.56
CA ILE A 388 -23.38 5.95 7.35
C ILE A 388 -23.82 4.49 7.18
N GLU A 389 -24.75 4.05 8.01
CA GLU A 389 -25.26 2.68 7.88
C GLU A 389 -25.95 2.49 6.52
N LYS A 390 -26.75 3.47 6.10
CA LYS A 390 -27.41 3.38 4.80
C LYS A 390 -26.39 3.30 3.68
N TRP A 391 -25.36 4.15 3.73
CA TRP A 391 -24.33 4.13 2.69
C TRP A 391 -23.61 2.79 2.67
N GLN A 392 -23.26 2.27 3.86
CA GLN A 392 -22.57 0.99 3.93
C GLN A 392 -23.42 -0.11 3.32
N ILE A 393 -24.71 -0.16 3.69
CA ILE A 393 -25.58 -1.22 3.18
C ILE A 393 -25.71 -1.12 1.67
N ALA A 394 -25.96 0.09 1.16
CA ALA A 394 -26.15 0.26 -0.28
C ALA A 394 -24.89 -0.10 -1.04
N ALA A 395 -23.74 0.37 -0.58
CA ALA A 395 -22.49 0.09 -1.27
C ALA A 395 -22.17 -1.40 -1.24
N THR A 396 -22.36 -2.05 -0.08
CA THR A 396 -22.07 -3.47 0.02
C THR A 396 -22.97 -4.27 -0.91
N ARG A 397 -24.27 -3.95 -0.91
CA ARG A 397 -25.20 -4.73 -1.73
C ARG A 397 -24.99 -4.49 -3.22
N THR A 398 -24.60 -3.27 -3.60
CA THR A 398 -24.33 -3.01 -5.02
C THR A 398 -23.02 -3.67 -5.46
N PHE A 399 -21.98 -3.57 -4.64
CA PHE A 399 -20.70 -4.18 -4.99
C PHE A 399 -20.80 -5.70 -5.05
N SER A 400 -21.52 -6.31 -4.11
CA SER A 400 -21.65 -7.76 -4.11
C SER A 400 -22.35 -8.25 -5.36
N GLN A 401 -23.44 -7.60 -5.75
CA GLN A 401 -24.19 -7.98 -6.94
C GLN A 401 -23.72 -7.18 -8.16
N LEU A 402 -22.41 -7.18 -8.41
CA LEU A 402 -21.83 -6.46 -9.53
C LEU A 402 -21.47 -7.36 -10.69
N HIS A 403 -21.34 -8.67 -10.47
CA HIS A 403 -21.12 -9.63 -11.55
C HIS A 403 -22.16 -10.74 -11.52
N THR A 404 -23.34 -10.49 -10.91
CA THR A 404 -24.34 -11.53 -10.78
C THR A 404 -24.84 -11.99 -12.15
N ASP A 405 -25.24 -11.05 -13.00
CA ASP A 405 -25.75 -11.38 -14.32
C ASP A 405 -25.05 -10.65 -15.45
N ARG A 406 -24.66 -9.39 -15.24
CA ARG A 406 -23.91 -8.58 -16.19
C ARG A 406 -24.74 -8.18 -17.41
N SER A 407 -25.97 -8.67 -17.55
CA SER A 407 -26.80 -8.35 -18.70
C SER A 407 -28.24 -8.05 -18.35
N ARG A 408 -28.60 -8.04 -17.06
CA ARG A 408 -29.97 -7.79 -16.63
C ARG A 408 -29.96 -6.84 -15.44
N ILE A 409 -31.08 -6.16 -15.25
CA ILE A 409 -31.18 -5.18 -14.16
C ILE A 409 -31.26 -5.91 -12.83
N THR A 410 -30.39 -5.55 -11.91
CA THR A 410 -30.32 -6.17 -10.59
C THR A 410 -30.86 -5.21 -9.54
N ALA A 411 -31.60 -5.76 -8.58
CA ALA A 411 -32.20 -4.97 -7.50
C ALA A 411 -31.41 -5.16 -6.22
N CYS A 412 -31.03 -4.05 -5.60
CA CYS A 412 -30.23 -4.05 -4.37
C CYS A 412 -30.90 -3.13 -3.34
N PRO A 413 -32.06 -3.53 -2.83
CA PRO A 413 -32.79 -2.65 -1.91
C PRO A 413 -31.98 -2.34 -0.65
N ILE A 414 -32.15 -1.13 -0.16
CA ILE A 414 -31.53 -0.68 1.09
C ILE A 414 -32.58 -0.85 2.17
N ILE A 415 -32.46 -1.91 2.98
CA ILE A 415 -33.40 -2.21 4.04
C ILE A 415 -32.62 -2.49 5.32
N THR A 416 -33.05 -1.88 6.41
CA THR A 416 -32.45 -2.08 7.72
C THR A 416 -33.52 -2.60 8.68
N ARG A 417 -33.07 -3.14 9.82
CA ARG A 417 -33.97 -3.66 10.84
C ARG A 417 -33.83 -2.81 12.09
N ASP A 418 -34.95 -2.27 12.57
CA ASP A 418 -34.98 -1.53 13.81
C ASP A 418 -35.05 -2.50 14.99
N PRO A 419 -34.71 -2.04 16.19
CA PRO A 419 -34.76 -2.94 17.35
C PRO A 419 -36.12 -3.60 17.55
N SER A 420 -37.20 -2.89 17.24
CA SER A 420 -38.54 -3.48 17.33
C SER A 420 -38.78 -4.54 16.27
N GLY A 421 -37.91 -4.65 15.27
CA GLY A 421 -38.06 -5.62 14.21
C GLY A 421 -38.67 -5.06 12.94
N ASN A 422 -39.25 -3.87 12.99
CA ASN A 422 -39.85 -3.27 11.81
C ASN A 422 -38.79 -2.94 10.77
N CYS A 423 -39.09 -3.24 9.51
CA CYS A 423 -38.16 -2.94 8.43
C CYS A 423 -38.14 -1.44 8.15
N GLN A 424 -36.99 -0.95 7.71
CA GLN A 424 -36.81 0.45 7.34
C GLN A 424 -36.26 0.48 5.92
N PHE A 425 -37.07 0.98 4.99
CA PHE A 425 -36.72 1.02 3.57
C PHE A 425 -36.11 2.39 3.26
N TRP A 426 -34.79 2.43 3.11
CA TRP A 426 -34.11 3.69 2.82
C TRP A 426 -34.23 4.06 1.35
N GLY A 427 -34.17 3.07 0.46
CA GLY A 427 -34.20 3.35 -0.97
C GLY A 427 -33.99 2.07 -1.76
N MET A 428 -33.56 2.24 -3.01
CA MET A 428 -33.40 1.12 -3.92
C MET A 428 -32.34 1.48 -4.95
N VAL A 429 -31.33 0.63 -5.09
CA VAL A 429 -30.25 0.82 -6.05
C VAL A 429 -30.37 -0.24 -7.13
N LEU A 430 -30.45 0.20 -8.38
CA LEU A 430 -30.51 -0.70 -9.53
C LEU A 430 -29.17 -0.68 -10.25
N LEU A 431 -28.80 -1.83 -10.79
CA LEU A 431 -27.60 -1.98 -11.60
C LEU A 431 -28.01 -2.32 -13.02
N GLY A 432 -27.56 -1.52 -13.99
CA GLY A 432 -27.92 -1.73 -15.37
C GLY A 432 -27.09 -2.81 -16.02
N PRO A 433 -27.34 -3.01 -17.31
CA PRO A 433 -26.55 -4.01 -18.06
C PRO A 433 -25.11 -3.56 -18.23
N HIS A 434 -24.38 -3.53 -17.12
CA HIS A 434 -23.01 -3.03 -17.14
C HIS A 434 -22.11 -3.96 -17.94
N HIS A 435 -21.16 -3.37 -18.66
CA HIS A 435 -20.11 -4.08 -19.38
C HIS A 435 -18.79 -3.59 -18.81
N VAL A 436 -18.34 -4.20 -17.72
CA VAL A 436 -17.18 -3.75 -16.96
C VAL A 436 -16.03 -4.68 -17.24
N LYS A 437 -14.88 -4.10 -17.61
CA LYS A 437 -13.65 -4.85 -17.85
C LYS A 437 -12.57 -4.49 -16.85
N ARG A 438 -12.24 -3.21 -16.71
CA ARG A 438 -11.22 -2.77 -15.76
C ARG A 438 -11.82 -2.53 -14.39
N ASP A 439 -10.94 -2.43 -13.39
CA ASP A 439 -11.38 -2.17 -12.02
C ASP A 439 -11.77 -0.72 -11.80
N THR A 440 -11.39 0.18 -12.71
CA THR A 440 -11.74 1.59 -12.60
C THR A 440 -12.89 1.98 -13.52
N ASP A 441 -13.50 1.02 -14.22
CA ASP A 441 -14.61 1.32 -15.09
C ASP A 441 -15.84 1.72 -14.29
N ASN A 442 -16.75 2.43 -14.94
CA ASN A 442 -17.97 2.93 -14.31
C ASN A 442 -19.16 2.13 -14.79
N ALA A 443 -19.95 1.60 -13.83
CA ALA A 443 -21.20 0.92 -14.12
C ALA A 443 -22.38 1.83 -13.82
N PRO A 444 -23.47 1.70 -14.59
CA PRO A 444 -24.62 2.60 -14.40
C PRO A 444 -25.48 2.19 -13.22
N LEU A 445 -26.20 3.17 -12.69
CA LEU A 445 -27.07 2.97 -11.54
C LEU A 445 -28.26 3.92 -11.65
N LEU A 446 -29.37 3.51 -11.06
CA LEU A 446 -30.62 4.28 -11.03
C LEU A 446 -31.09 4.45 -9.60
N ILE A 447 -30.19 4.91 -8.73
CA ILE A 447 -30.48 5.02 -7.31
C ILE A 447 -31.82 5.72 -7.10
N ALA A 448 -32.70 5.07 -6.34
CA ALA A 448 -33.98 5.62 -5.92
C ALA A 448 -33.99 5.67 -4.40
N GLU A 449 -34.09 6.88 -3.84
CA GLU A 449 -33.94 7.04 -2.39
C GLU A 449 -35.03 7.97 -1.86
N ILE A 450 -35.35 7.80 -0.59
CA ILE A 450 -36.41 8.58 0.06
C ILE A 450 -35.80 9.85 0.63
N MET A 451 -36.41 10.98 0.30
CA MET A 451 -35.98 12.29 0.78
C MET A 451 -36.78 12.70 2.02
N GLY A 452 -36.31 13.77 2.66
CA GLY A 452 -37.04 14.40 3.74
C GLY A 452 -37.46 15.80 3.36
N GLU A 453 -36.66 16.45 2.53
CA GLU A 453 -36.96 17.77 2.01
C GLU A 453 -36.22 17.95 0.69
N ASP A 454 -36.91 18.49 -0.30
CA ASP A 454 -36.38 18.64 -1.65
C ASP A 454 -36.05 20.10 -1.92
N THR A 455 -34.86 20.34 -2.46
CA THR A 455 -34.43 21.68 -2.87
C THR A 455 -33.99 21.63 -4.32
N GLU A 456 -34.57 22.50 -5.14
CA GLU A 456 -34.26 22.49 -6.56
C GLU A 456 -32.78 22.80 -6.82
N GLU A 457 -32.24 23.78 -6.10
CA GLU A 457 -30.86 24.20 -6.30
C GLU A 457 -29.85 23.22 -5.72
N LYS A 458 -30.29 22.29 -4.88
CA LYS A 458 -29.39 21.29 -4.30
C LYS A 458 -29.38 19.98 -5.06
N TYR A 459 -30.46 19.63 -5.74
CA TYR A 459 -30.57 18.39 -6.51
C TYR A 459 -31.09 18.73 -7.90
N PRO A 460 -30.31 19.46 -8.68
CA PRO A 460 -30.76 19.83 -10.03
C PRO A 460 -30.91 18.65 -10.97
N LYS A 461 -30.28 17.52 -10.68
CA LYS A 461 -30.32 16.36 -11.58
C LYS A 461 -31.27 15.27 -11.11
N HIS A 462 -31.68 15.28 -9.84
CA HIS A 462 -32.64 14.29 -9.37
C HIS A 462 -34.03 14.61 -9.86
N SER A 463 -34.84 13.57 -9.99
CA SER A 463 -36.27 13.71 -10.29
C SER A 463 -37.07 13.22 -9.10
N VAL A 464 -37.97 14.07 -8.59
CA VAL A 464 -38.67 13.83 -7.34
C VAL A 464 -40.12 13.48 -7.66
N PHE A 465 -40.60 12.38 -7.05
CA PHE A 465 -41.97 11.92 -7.16
C PHE A 465 -42.56 11.84 -5.77
N SER A 466 -43.89 11.82 -5.70
CA SER A 466 -44.62 11.69 -4.44
C SER A 466 -45.11 10.25 -4.30
N LEU A 467 -44.71 9.60 -3.22
CA LEU A 467 -45.05 8.20 -2.96
C LEU A 467 -45.95 8.14 -1.72
N LYS A 468 -47.14 7.56 -1.89
CA LYS A 468 -48.12 7.48 -0.81
C LYS A 468 -48.18 6.04 -0.31
N VAL A 469 -47.94 5.86 0.99
CA VAL A 469 -48.01 4.56 1.65
C VAL A 469 -48.82 4.71 2.92
N GLU A 470 -49.91 3.93 3.03
CA GLU A 470 -50.75 3.93 4.23
C GLU A 470 -51.15 5.35 4.63
N GLY A 471 -51.51 6.16 3.63
CA GLY A 471 -51.92 7.53 3.88
C GLY A 471 -50.76 8.49 3.96
N LYS A 472 -49.66 8.07 4.58
CA LYS A 472 -48.49 8.93 4.70
C LYS A 472 -47.89 9.20 3.32
N GLN A 473 -47.26 10.36 3.19
CA GLN A 473 -46.65 10.79 1.94
C GLN A 473 -45.16 10.98 2.14
N PHE A 474 -44.39 10.51 1.16
CA PHE A 474 -42.94 10.66 1.14
C PHE A 474 -42.51 11.13 -0.24
N LEU A 475 -41.27 11.59 -0.33
CA LEU A 475 -40.66 12.00 -1.59
C LEU A 475 -39.65 10.95 -2.01
N LEU A 476 -39.73 10.51 -3.26
CA LEU A 476 -38.81 9.53 -3.82
C LEU A 476 -38.01 10.20 -4.93
N SER A 477 -36.69 10.21 -4.78
CA SER A 477 -35.79 10.86 -5.73
C SER A 477 -35.07 9.80 -6.55
N LEU A 478 -35.11 9.96 -7.86
CA LEU A 478 -34.41 9.11 -8.81
C LEU A 478 -33.23 9.87 -9.40
N LYS A 479 -32.10 9.19 -9.50
CA LYS A 479 -30.88 9.75 -10.07
C LYS A 479 -30.28 8.73 -11.02
N ILE A 480 -29.80 9.21 -12.17
CA ILE A 480 -29.11 8.38 -13.15
C ILE A 480 -27.61 8.60 -12.92
N THR A 481 -26.97 7.67 -12.23
CA THR A 481 -25.59 7.79 -11.83
C THR A 481 -24.74 6.77 -12.55
N SER A 482 -23.42 6.95 -12.48
CA SER A 482 -22.46 5.99 -13.01
C SER A 482 -21.28 5.95 -12.05
N PHE A 483 -21.11 4.83 -11.35
CA PHE A 483 -20.12 4.73 -10.28
C PHE A 483 -19.13 3.61 -10.57
N SER A 484 -17.90 3.82 -10.11
CA SER A 484 -16.81 2.89 -10.38
C SER A 484 -16.76 1.78 -9.34
N ARG A 485 -16.13 0.67 -9.72
CA ARG A 485 -15.97 -0.45 -8.80
C ARG A 485 -15.14 -0.05 -7.59
N ASN A 486 -14.06 0.72 -7.80
CA ASN A 486 -13.22 1.13 -6.70
C ASN A 486 -14.00 1.98 -5.69
N LYS A 487 -14.81 2.91 -6.18
CA LYS A 487 -15.59 3.76 -5.28
C LYS A 487 -16.63 2.94 -4.52
N LEU A 488 -17.29 2.00 -5.19
CA LEU A 488 -18.26 1.16 -4.52
C LEU A 488 -17.58 0.34 -3.42
N TYR A 489 -16.41 -0.23 -3.72
CA TYR A 489 -15.69 -1.00 -2.71
C TYR A 489 -15.28 -0.11 -1.53
N THR A 490 -14.80 1.10 -1.82
CA THR A 490 -14.37 1.99 -0.75
C THR A 490 -15.54 2.37 0.15
N PHE A 491 -16.69 2.68 -0.46
CA PHE A 491 -17.86 3.07 0.33
C PHE A 491 -18.54 1.90 1.00
N SER A 492 -18.26 0.67 0.56
CA SER A 492 -18.73 -0.50 1.30
C SER A 492 -18.11 -0.53 2.69
N ASN A 493 -16.82 -0.20 2.79
CA ASN A 493 -16.14 -0.08 4.07
C ASN A 493 -16.13 1.38 4.53
N ILE A 494 -17.32 1.97 4.60
CA ILE A 494 -17.44 3.35 5.04
C ILE A 494 -17.38 3.47 6.56
N ARG A 495 -17.56 2.37 7.29
CA ARG A 495 -17.52 2.43 8.74
C ARG A 495 -16.20 2.97 9.26
N ARG A 496 -15.14 2.90 8.45
CA ARG A 496 -13.86 3.44 8.88
C ARG A 496 -13.92 4.93 9.17
N VAL A 497 -14.94 5.63 8.67
CA VAL A 497 -15.10 7.04 8.99
C VAL A 497 -15.28 7.24 10.48
N LEU A 498 -15.71 6.21 11.20
CA LEU A 498 -15.86 6.30 12.64
C LEU A 498 -14.52 6.26 13.38
N ILE A 499 -13.46 5.79 12.71
CA ILE A 499 -12.18 5.64 13.39
C ILE A 499 -11.56 6.98 13.71
N GLN A 500 -11.58 7.92 12.75
CA GLN A 500 -10.89 9.19 12.96
C GLN A 500 -11.46 9.96 14.15
N PRO A 501 -12.77 10.24 14.23
CA PRO A 501 -13.27 10.93 15.43
C PRO A 501 -12.98 10.19 16.71
N ALA A 502 -13.10 8.85 16.69
CA ALA A 502 -12.94 8.07 17.92
C ALA A 502 -11.64 8.41 18.62
N SER A 503 -10.53 8.36 17.87
CA SER A 503 -9.23 8.69 18.45
C SER A 503 -9.29 10.04 19.16
N ILE A 504 -9.80 11.06 18.47
CA ILE A 504 -9.86 12.39 19.06
C ILE A 504 -10.63 12.36 20.37
N TYR A 505 -11.73 11.61 20.42
CA TYR A 505 -12.43 11.43 21.67
C TYR A 505 -11.54 10.69 22.66
N SER A 506 -11.02 9.54 22.26
CA SER A 506 -10.26 8.71 23.20
C SER A 506 -9.10 9.49 23.79
N GLN A 507 -8.31 10.12 22.93
CA GLN A 507 -7.18 10.91 23.41
C GLN A 507 -7.64 11.89 24.49
N VAL A 508 -8.73 12.62 24.23
CA VAL A 508 -9.20 13.58 25.21
C VAL A 508 -9.47 12.87 26.54
N VAL A 509 -10.21 11.76 26.48
CA VAL A 509 -10.45 10.99 27.71
C VAL A 509 -9.11 10.56 28.29
N LEU A 510 -8.24 9.98 27.46
CA LEU A 510 -6.94 9.54 27.94
C LEU A 510 -6.07 10.71 28.37
N SER A 511 -6.39 11.93 27.91
CA SER A 511 -5.68 13.09 28.41
C SER A 511 -6.12 13.47 29.81
N ARG A 512 -7.39 13.24 30.14
CA ARG A 512 -7.87 13.55 31.49
C ARG A 512 -7.42 12.50 32.50
N ALA A 513 -7.31 11.24 32.08
CA ALA A 513 -6.84 10.20 33.00
C ALA A 513 -5.36 10.36 33.31
N ALA A 514 -4.58 10.93 32.38
CA ALA A 514 -3.15 11.06 32.60
C ALA A 514 -2.83 12.15 33.60
N GLU A 515 -3.66 13.19 33.69
CA GLU A 515 -3.40 14.31 34.58
C GLU A 515 -3.78 14.02 36.03
N ASN A 516 -4.48 12.92 36.29
CA ASN A 516 -4.85 12.58 37.66
C ASN A 516 -4.70 11.08 37.95
N ASN A 517 -4.19 10.30 37.00
CA ASN A 517 -3.95 8.87 37.20
C ASN A 517 -5.25 8.16 37.62
N SER A 518 -6.33 8.45 36.90
CA SER A 518 -7.62 7.84 37.19
C SER A 518 -8.50 7.98 35.96
N LEU A 519 -8.87 6.85 35.36
CA LEU A 519 -9.73 6.88 34.19
C LEU A 519 -11.15 7.29 34.58
N ASN A 520 -11.83 7.97 33.65
CA ASN A 520 -13.20 8.42 33.86
C ASN A 520 -13.90 8.37 32.51
N LEU A 521 -14.73 7.35 32.30
CA LEU A 521 -15.44 7.23 31.03
C LEU A 521 -16.54 8.26 30.89
N GLU A 522 -17.15 8.67 32.00
CA GLU A 522 -18.25 9.63 31.98
C GLU A 522 -17.73 11.07 32.06
N VAL A 523 -16.83 11.44 31.15
CA VAL A 523 -16.22 12.75 31.13
C VAL A 523 -16.44 13.38 29.75
N ASN A 524 -16.89 14.63 29.75
CA ASN A 524 -17.03 15.40 28.51
C ASN A 524 -16.66 16.84 28.82
N PRO A 525 -15.37 17.16 28.83
CA PRO A 525 -14.96 18.52 29.21
C PRO A 525 -15.38 19.55 28.18
N GLU A 526 -14.98 20.81 28.39
CA GLU A 526 -15.33 21.90 27.49
C GLU A 526 -14.23 22.11 26.46
N ILE A 527 -14.60 22.06 25.19
CA ILE A 527 -13.68 22.34 24.08
C ILE A 527 -13.99 23.73 23.56
N GLN A 528 -13.00 24.61 23.59
CA GLN A 528 -13.15 25.96 23.08
C GLN A 528 -12.85 26.01 21.59
N LEU A 529 -13.62 26.79 20.86
CA LEU A 529 -13.50 26.85 19.41
C LEU A 529 -13.83 28.26 18.94
N TYR A 530 -13.42 28.56 17.71
CA TYR A 530 -13.76 29.81 17.04
C TYR A 530 -15.13 29.66 16.41
N LEU A 531 -16.16 29.90 17.22
CA LEU A 531 -17.55 29.74 16.80
C LEU A 531 -18.15 31.11 16.49
N GLU A 532 -19.04 31.12 15.49
CA GLU A 532 -19.59 32.38 15.00
C GLU A 532 -20.41 33.09 16.07
N GLY A 533 -21.21 32.35 16.83
CA GLY A 533 -22.06 32.94 17.84
C GLY A 533 -21.28 33.36 19.07
N ALA A 534 -22.02 33.90 20.04
CA ALA A 534 -21.42 34.31 21.30
C ALA A 534 -20.89 33.13 22.12
N GLN A 535 -21.26 31.90 21.76
CA GLN A 535 -20.78 30.74 22.49
C GLN A 535 -19.25 30.65 22.41
N ARG A 536 -18.63 30.41 23.56
CA ARG A 536 -17.18 30.28 23.60
C ARG A 536 -16.70 28.94 23.06
N GLY A 537 -17.48 27.88 23.26
CA GLY A 537 -17.11 26.57 22.78
C GLY A 537 -18.28 25.60 22.82
N MET A 538 -18.02 24.36 23.22
CA MET A 538 -19.07 23.36 23.35
C MET A 538 -18.51 22.20 24.19
N THR A 539 -19.25 21.10 24.23
CA THR A 539 -18.86 19.93 25.00
C THR A 539 -18.15 18.91 24.12
N LEU A 540 -17.49 17.95 24.77
CA LEU A 540 -16.76 16.94 24.03
C LEU A 540 -17.69 16.09 23.17
N TYR A 541 -18.87 15.74 23.69
CA TYR A 541 -19.78 14.88 22.95
C TYR A 541 -20.28 15.60 21.69
N GLN A 542 -20.73 16.85 21.83
CA GLN A 542 -21.22 17.58 20.67
C GLN A 542 -20.10 17.81 19.66
N TRP A 543 -18.90 18.14 20.13
CA TRP A 543 -17.78 18.35 19.24
C TRP A 543 -17.43 17.08 18.47
N VAL A 544 -17.45 15.94 19.16
CA VAL A 544 -17.15 14.68 18.50
C VAL A 544 -18.22 14.33 17.47
N ARG A 545 -19.49 14.59 17.79
CA ARG A 545 -20.56 14.35 16.83
C ARG A 545 -20.36 15.22 15.59
N MET A 546 -20.04 16.49 15.78
CA MET A 546 -19.83 17.38 14.65
C MET A 546 -18.61 16.97 13.84
N ILE A 547 -17.56 16.52 14.51
CA ILE A 547 -16.38 16.03 13.80
C ILE A 547 -16.73 14.82 12.95
N LEU A 548 -17.53 13.91 13.51
CA LEU A 548 -17.96 12.75 12.72
C LEU A 548 -18.76 13.19 11.50
N CYS A 549 -19.66 14.14 11.68
CA CYS A 549 -20.46 14.63 10.55
C CYS A 549 -19.56 15.23 9.47
N LEU A 550 -18.62 16.08 9.87
CA LEU A 550 -17.75 16.74 8.90
C LEU A 550 -16.83 15.73 8.22
N GLU A 551 -16.32 14.75 8.96
CA GLU A 551 -15.47 13.73 8.38
C GLU A 551 -16.25 12.88 7.39
N PHE A 552 -17.50 12.54 7.71
CA PHE A 552 -18.33 11.81 6.76
C PHE A 552 -18.54 12.62 5.49
N LEU A 553 -18.83 13.92 5.63
CA LEU A 553 -19.03 14.76 4.46
C LEU A 553 -17.75 14.83 3.61
N MET A 554 -16.60 14.96 4.28
CA MET A 554 -15.33 15.01 3.55
C MET A 554 -15.08 13.69 2.81
N ALA A 555 -15.35 12.56 3.47
CA ALA A 555 -15.15 11.27 2.83
C ALA A 555 -16.05 11.12 1.62
N ILE A 556 -17.30 11.56 1.72
CA ILE A 556 -18.22 11.48 0.59
C ILE A 556 -17.73 12.33 -0.55
N TYR A 557 -17.15 13.49 -0.24
CA TYR A 557 -16.71 14.47 -1.24
C TYR A 557 -15.20 14.47 -1.40
N ASN A 558 -14.58 13.29 -1.37
CA ASN A 558 -13.14 13.16 -1.53
C ASN A 558 -12.81 13.02 -3.01
N ASN A 559 -12.13 14.03 -3.55
CA ASN A 559 -11.66 14.02 -4.93
C ASN A 559 -10.27 14.65 -4.95
N PRO A 560 -9.59 14.71 -6.10
CA PRO A 560 -8.25 15.31 -6.10
C PRO A 560 -8.22 16.72 -5.49
N GLN A 561 -9.27 17.50 -5.69
CA GLN A 561 -9.33 18.82 -5.08
C GLN A 561 -9.23 18.72 -3.56
N MET A 562 -10.02 17.83 -2.97
CA MET A 562 -9.98 17.67 -1.51
C MET A 562 -8.61 17.18 -1.06
N GLU A 563 -8.03 16.21 -1.78
CA GLU A 563 -6.73 15.69 -1.39
C GLU A 563 -5.68 16.81 -1.37
N GLY A 564 -5.58 17.57 -2.46
CA GLY A 564 -4.62 18.65 -2.51
C GLY A 564 -4.91 19.72 -1.48
N PHE A 565 -6.19 20.07 -1.29
CA PHE A 565 -6.54 21.11 -0.34
C PHE A 565 -6.12 20.73 1.07
N LEU A 566 -6.41 19.49 1.48
CA LEU A 566 -6.03 19.08 2.82
C LEU A 566 -4.51 18.96 2.96
N ALA A 567 -3.85 18.43 1.93
CA ALA A 567 -2.40 18.27 2.00
C ALA A 567 -1.71 19.62 2.16
N ASN A 568 -2.19 20.63 1.45
CA ASN A 568 -1.59 21.95 1.52
C ASN A 568 -2.15 22.81 2.65
N MET A 569 -3.24 22.39 3.28
CA MET A 569 -3.78 23.08 4.44
C MET A 569 -3.21 22.56 5.75
N ARG A 570 -2.62 21.37 5.74
CA ARG A 570 -1.91 20.92 6.93
C ARG A 570 -0.80 21.89 7.31
N ARG A 571 -0.10 22.43 6.31
CA ARG A 571 0.95 23.41 6.57
C ARG A 571 0.39 24.65 7.26
N LEU A 572 -0.73 25.16 6.76
CA LEU A 572 -1.33 26.35 7.36
C LEU A 572 -1.89 26.06 8.74
N HIS A 573 -2.41 24.85 8.96
CA HIS A 573 -2.83 24.46 10.30
C HIS A 573 -1.65 24.46 11.27
N MET A 574 -0.51 23.92 10.83
CA MET A 574 0.68 23.95 11.66
C MET A 574 1.12 25.38 11.93
N SER A 575 1.06 26.24 10.92
CA SER A 575 1.43 27.64 11.11
C SER A 575 0.50 28.32 12.11
N ARG A 576 -0.80 28.04 12.02
CA ARG A 576 -1.74 28.61 12.98
C ARG A 576 -1.44 28.13 14.40
N HIS A 577 -1.13 26.84 14.56
CA HIS A 577 -0.78 26.33 15.87
C HIS A 577 0.48 27.01 16.40
N ALA A 578 1.46 27.23 15.53
CA ALA A 578 2.67 27.93 15.94
C ALA A 578 2.34 29.34 16.39
N MET A 579 1.48 30.04 15.65
CA MET A 579 1.09 31.39 16.03
C MET A 579 0.38 31.40 17.38
N MET A 580 -0.46 30.40 17.63
CA MET A 580 -1.18 30.33 18.89
C MET A 580 -0.23 30.33 20.09
N GLU A 581 0.95 29.74 19.93
CA GLU A 581 1.96 29.72 20.98
C GLU A 581 2.93 30.89 20.89
N ARG A 582 2.59 31.92 20.10
CA ARG A 582 3.46 33.08 19.92
C ARG A 582 4.81 32.67 19.35
N ARG A 583 4.80 31.70 18.44
CA ARG A 583 6.00 31.29 17.72
C ARG A 583 6.02 32.02 16.38
N GLN A 584 7.14 32.68 16.08
CA GLN A 584 7.27 33.45 14.86
C GLN A 584 7.46 32.50 13.68
N VAL A 585 6.59 32.62 12.68
CA VAL A 585 6.65 31.79 11.48
C VAL A 585 7.33 32.59 10.38
N PHE A 586 8.46 32.08 9.87
CA PHE A 586 9.22 32.73 8.83
C PHE A 586 9.08 31.96 7.53
N LEU A 587 9.25 32.67 6.42
CA LEU A 587 9.00 32.12 5.10
C LEU A 587 10.18 32.41 4.18
N PRO A 588 10.39 31.58 3.16
CA PRO A 588 11.45 31.88 2.18
C PRO A 588 11.07 33.02 1.26
N PHE A 589 11.93 33.32 0.29
CA PHE A 589 11.64 34.37 -0.68
C PHE A 589 10.60 33.88 -1.68
N GLY A 590 9.63 34.74 -1.99
CA GLY A 590 8.61 34.41 -2.98
C GLY A 590 7.79 33.20 -2.60
N SER A 591 7.37 33.10 -1.34
CA SER A 591 6.60 31.97 -0.85
C SER A 591 5.14 32.40 -0.68
N ARG A 592 4.23 31.54 -1.15
CA ARG A 592 2.79 31.79 -1.05
C ARG A 592 2.08 30.46 -0.84
N PRO A 593 2.09 29.93 0.39
CA PRO A 593 1.36 28.68 0.64
C PRO A 593 -0.11 28.78 0.28
N GLU A 594 -0.71 29.95 0.51
CA GLU A 594 -2.09 30.16 0.09
C GLU A 594 -2.25 29.95 -1.41
N ASP A 595 -1.21 30.24 -2.19
CA ASP A 595 -1.27 29.97 -3.62
C ASP A 595 -1.39 28.47 -3.88
N LYS A 596 -0.64 27.66 -3.13
CA LYS A 596 -0.76 26.22 -3.27
C LYS A 596 -2.14 25.73 -2.86
N VAL A 597 -2.71 26.32 -1.79
CA VAL A 597 -4.01 25.88 -1.31
C VAL A 597 -5.11 26.27 -2.29
N ASN A 598 -5.02 27.48 -2.88
CA ASN A 598 -6.13 28.02 -3.66
C ASN A 598 -6.36 27.22 -4.94
N GLU A 599 -5.30 26.67 -5.54
CA GLU A 599 -5.48 25.93 -6.79
C GLU A 599 -6.35 24.69 -6.59
N CYS A 600 -6.55 24.26 -5.36
CA CYS A 600 -7.41 23.12 -5.05
C CYS A 600 -8.84 23.52 -4.76
N ILE A 601 -9.16 24.82 -4.81
CA ILE A 601 -10.51 25.31 -4.54
C ILE A 601 -11.13 25.66 -5.89
N ILE A 602 -11.88 24.72 -6.45
CA ILE A 602 -12.56 24.95 -7.73
C ILE A 602 -14.06 24.70 -7.57
N ASN A 603 -14.44 23.47 -7.25
CA ASN A 603 -15.84 23.07 -7.19
C ASN A 603 -16.25 22.49 -5.85
N ASN A 604 -15.41 21.65 -5.25
CA ASN A 604 -15.78 20.84 -4.09
C ASN A 604 -16.47 21.69 -3.03
N PRO A 605 -17.77 21.48 -2.78
CA PRO A 605 -18.44 22.29 -1.75
C PRO A 605 -17.85 22.13 -0.37
N ILE A 606 -17.36 20.94 -0.01
CA ILE A 606 -16.79 20.74 1.30
C ILE A 606 -15.47 21.49 1.44
N VAL A 607 -14.69 21.55 0.37
CA VAL A 607 -13.47 22.37 0.39
C VAL A 607 -13.81 23.83 0.58
N ALA A 608 -14.87 24.30 -0.08
CA ALA A 608 -15.30 25.68 0.09
C ALA A 608 -15.75 25.94 1.53
N TYR A 609 -16.46 24.97 2.12
CA TYR A 609 -16.88 25.11 3.51
C TYR A 609 -15.68 25.19 4.44
N LEU A 610 -14.69 24.33 4.21
CA LEU A 610 -13.47 24.37 5.04
C LEU A 610 -12.73 25.68 4.86
N ALA A 611 -12.68 26.20 3.63
CA ALA A 611 -12.02 27.47 3.38
C ALA A 611 -12.75 28.61 4.09
N LYS A 612 -14.08 28.59 4.06
CA LYS A 612 -14.85 29.60 4.79
C LYS A 612 -14.57 29.51 6.29
N GLY A 613 -14.52 28.29 6.83
CA GLY A 613 -14.19 28.13 8.23
C GLY A 613 -12.80 28.66 8.55
N TRP A 614 -11.83 28.41 7.68
CA TRP A 614 -10.49 28.95 7.88
C TRP A 614 -10.49 30.47 7.87
N ASN A 615 -11.21 31.07 6.91
CA ASN A 615 -11.28 32.52 6.84
C ASN A 615 -11.97 33.11 8.06
N SER A 616 -12.91 32.36 8.66
CA SER A 616 -13.62 32.86 9.83
C SER A 616 -12.67 33.09 10.99
N MET A 617 -11.72 32.19 11.21
CA MET A 617 -10.83 32.29 12.34
C MET A 617 -9.88 33.48 12.17
N PRO A 618 -9.44 34.09 13.26
CA PRO A 618 -8.53 35.24 13.16
C PRO A 618 -7.22 34.84 12.51
N ASN A 619 -6.62 35.80 11.79
CA ASN A 619 -5.35 35.59 11.12
C ASN A 619 -4.19 36.30 11.79
N VAL A 620 -4.42 37.04 12.86
CA VAL A 620 -3.39 37.75 13.58
C VAL A 620 -3.42 37.31 15.04
N TYR A 621 -2.27 36.88 15.55
CA TYR A 621 -2.14 36.44 16.93
C TYR A 621 -1.08 37.29 17.63
N TYR A 622 -1.45 37.87 18.77
CA TYR A 622 -0.54 38.72 19.53
C TYR A 622 0.05 37.97 20.71
N MET B 1 -13.72 24.14 9.16
CA MET B 1 -12.27 24.13 9.50
C MET B 1 -12.05 24.67 10.89
N ASN B 2 -12.95 25.57 11.33
CA ASN B 2 -12.88 26.06 12.69
C ASN B 2 -13.17 24.97 13.71
N LEU B 3 -13.82 23.88 13.29
CA LEU B 3 -14.07 22.76 14.20
C LEU B 3 -12.80 21.95 14.46
N PHE B 4 -11.90 21.88 13.47
CA PHE B 4 -10.65 21.14 13.60
C PHE B 4 -9.57 21.94 14.31
N THR B 5 -9.90 23.05 14.96
CA THR B 5 -8.92 23.95 15.56
C THR B 5 -9.29 24.19 17.02
N PRO B 6 -9.07 23.21 17.88
CA PRO B 6 -9.31 23.43 19.32
C PRO B 6 -8.32 24.42 19.89
N ARG B 7 -8.76 25.17 20.90
CA ARG B 7 -7.91 26.06 21.67
C ARG B 7 -8.01 25.72 23.15
N SER B 8 -8.37 24.48 23.46
CA SER B 8 -8.43 23.99 24.82
C SER B 8 -8.45 22.47 24.83
N GLU B 9 -8.10 21.86 25.96
CA GLU B 9 -8.09 20.41 26.08
C GLU B 9 -6.96 19.81 25.26
N ILE B 10 -7.05 19.92 23.94
CA ILE B 10 -6.01 19.45 23.03
C ILE B 10 -5.64 20.59 22.09
N ASN B 11 -4.57 20.38 21.32
CA ASN B 11 -4.01 21.39 20.45
C ASN B 11 -4.27 21.06 18.99
N PRO B 12 -4.19 22.04 18.09
CA PRO B 12 -4.45 21.76 16.68
C PRO B 12 -3.55 20.69 16.09
N THR B 13 -2.33 20.52 16.62
CA THR B 13 -1.45 19.48 16.12
C THR B 13 -2.06 18.10 16.29
N THR B 14 -2.70 17.86 17.44
CA THR B 14 -3.34 16.57 17.68
C THR B 14 -4.44 16.31 16.65
N THR B 15 -5.13 17.37 16.23
CA THR B 15 -6.19 17.24 15.25
C THR B 15 -5.68 17.15 13.81
N GLN B 16 -4.37 17.05 13.61
CA GLN B 16 -3.83 16.95 12.27
C GLN B 16 -4.40 15.75 11.54
N GLU B 17 -4.59 14.63 12.25
CA GLU B 17 -5.14 13.44 11.63
C GLU B 17 -6.54 13.68 11.06
N LEU B 18 -7.23 14.72 11.53
CA LEU B 18 -8.54 15.03 10.95
C LEU B 18 -8.41 15.53 9.52
N LEU B 19 -7.33 16.25 9.20
CA LEU B 19 -7.15 16.76 7.86
C LEU B 19 -6.85 15.67 6.84
N TYR B 20 -6.57 14.44 7.29
CA TYR B 20 -6.34 13.32 6.39
C TYR B 20 -7.68 12.70 6.02
N ALA B 21 -8.13 12.95 4.80
CA ALA B 21 -9.40 12.38 4.30
C ALA B 21 -9.13 11.14 3.47
N TYR B 22 -8.46 10.16 4.08
CA TYR B 22 -8.14 8.91 3.40
C TYR B 22 -9.30 7.92 3.40
N THR B 23 -10.32 8.12 4.23
CA THR B 23 -11.44 7.19 4.26
C THR B 23 -12.24 7.21 2.97
N GLY B 24 -12.07 8.23 2.14
CA GLY B 24 -12.75 8.29 0.86
C GLY B 24 -11.92 7.66 -0.23
N PRO B 25 -12.50 7.49 -1.43
CA PRO B 25 -11.76 6.88 -2.52
C PRO B 25 -10.53 7.69 -2.89
N ALA B 26 -9.45 6.98 -3.23
CA ALA B 26 -8.23 7.65 -3.64
C ALA B 26 -8.31 8.01 -5.12
N PRO B 27 -7.68 9.12 -5.52
CA PRO B 27 -7.73 9.51 -6.94
C PRO B 27 -7.00 8.49 -7.82
N VAL B 28 -7.52 8.33 -9.03
CA VAL B 28 -6.97 7.39 -10.00
C VAL B 28 -6.70 8.14 -11.30
N ALA B 29 -5.51 7.96 -11.85
CA ALA B 29 -5.16 8.60 -13.11
C ALA B 29 -5.92 7.95 -14.27
N TYR B 30 -6.24 8.77 -15.27
CA TYR B 30 -7.07 8.35 -16.38
C TYR B 30 -6.33 8.54 -17.71
N GLY B 31 -6.46 7.54 -18.58
CA GLY B 31 -6.04 7.71 -19.97
C GLY B 31 -4.55 7.93 -20.12
N THR B 32 -4.20 8.88 -21.00
CA THR B 32 -2.82 9.04 -21.43
C THR B 32 -1.98 9.73 -20.36
N ARG B 33 -0.70 9.37 -20.33
CA ARG B 33 0.29 10.02 -19.49
C ARG B 33 1.29 10.83 -20.29
N THR B 34 1.08 10.99 -21.59
CA THR B 34 2.06 11.66 -22.45
C THR B 34 2.28 13.10 -22.01
N ARG B 35 1.20 13.80 -21.66
CA ARG B 35 1.33 15.20 -21.24
C ARG B 35 2.20 15.32 -20.00
N ALA B 36 1.94 14.47 -18.99
CA ALA B 36 2.72 14.53 -17.76
C ALA B 36 4.18 14.16 -18.01
N VAL B 37 4.42 13.12 -18.81
CA VAL B 37 5.78 12.70 -19.10
C VAL B 37 6.53 13.82 -19.81
N LEU B 38 5.89 14.45 -20.79
CA LEU B 38 6.55 15.51 -21.54
C LEU B 38 6.81 16.73 -20.67
N GLU B 39 5.87 17.07 -19.77
CA GLU B 39 6.11 18.18 -18.86
C GLU B 39 7.28 17.89 -17.93
N ASN B 40 7.36 16.66 -17.41
CA ASN B 40 8.49 16.28 -16.58
C ASN B 40 9.80 16.35 -17.34
N ILE B 41 9.77 15.94 -18.62
CA ILE B 41 10.98 15.95 -19.43
C ILE B 41 11.41 17.37 -19.77
N ILE B 42 10.45 18.29 -19.94
CA ILE B 42 10.78 19.64 -20.36
C ILE B 42 11.12 20.57 -19.19
N ARG B 43 10.63 20.28 -17.99
CA ARG B 43 10.94 21.15 -16.85
C ARG B 43 12.43 21.39 -16.65
N PRO B 44 13.30 20.36 -16.69
CA PRO B 44 14.73 20.62 -16.51
C PRO B 44 15.31 21.60 -17.51
N TYR B 45 14.89 21.51 -18.77
CA TYR B 45 15.42 22.41 -19.79
C TYR B 45 14.94 23.83 -19.56
N GLN B 46 13.67 23.99 -19.16
CA GLN B 46 13.17 25.34 -18.86
C GLN B 46 13.89 25.95 -17.67
N TYR B 47 14.22 25.12 -16.67
CA TYR B 47 14.83 25.62 -15.45
C TYR B 47 16.36 25.68 -15.52
N PHE B 48 16.97 25.16 -16.58
CA PHE B 48 18.42 25.15 -16.65
C PHE B 48 18.99 26.56 -16.64
N TYR B 49 18.38 27.47 -17.41
CA TYR B 49 18.80 28.85 -17.48
C TYR B 49 17.80 29.74 -16.76
N LYS B 50 18.27 30.88 -16.25
CA LYS B 50 17.38 31.82 -15.59
C LYS B 50 16.28 32.26 -16.56
N GLU B 51 16.64 32.60 -17.78
CA GLU B 51 15.65 32.83 -18.82
C GLU B 51 15.24 31.49 -19.43
N PRO B 52 13.94 31.16 -19.50
CA PRO B 52 13.56 29.83 -19.97
C PRO B 52 13.91 29.60 -21.44
N ASN B 53 15.19 29.38 -21.71
CA ASN B 53 15.68 29.07 -23.05
C ASN B 53 15.81 27.55 -23.16
N VAL B 54 14.92 26.95 -23.95
CA VAL B 54 14.91 25.49 -24.08
C VAL B 54 15.81 25.02 -25.21
N GLN B 55 15.85 25.75 -26.33
CA GLN B 55 16.67 25.33 -27.46
C GLN B 55 18.15 25.31 -27.08
N ARG B 56 18.62 26.33 -26.36
CA ARG B 56 20.01 26.37 -25.95
C ARG B 56 20.32 25.30 -24.91
N ALA B 57 19.37 25.01 -24.01
CA ALA B 57 19.60 24.02 -22.98
C ALA B 57 19.59 22.60 -23.54
N LEU B 58 18.84 22.36 -24.61
CA LEU B 58 18.74 21.02 -25.16
C LEU B 58 20.06 20.53 -25.75
N ASP B 59 21.02 21.43 -25.99
CA ASP B 59 22.31 21.07 -26.57
C ASP B 59 23.35 20.75 -25.50
N ILE B 60 22.98 20.75 -24.23
CA ILE B 60 23.92 20.48 -23.14
C ILE B 60 23.96 18.98 -22.89
N LYS B 61 25.16 18.41 -22.97
CA LYS B 61 25.33 16.98 -22.71
C LYS B 61 25.33 16.70 -21.21
N THR B 62 26.30 17.26 -20.50
CA THR B 62 26.34 17.20 -19.04
C THR B 62 25.88 18.55 -18.51
N GLY B 63 24.87 18.53 -17.65
CA GLY B 63 24.31 19.78 -17.17
C GLY B 63 25.06 20.34 -15.99
N CYS B 64 25.98 21.25 -16.27
CA CYS B 64 26.77 21.91 -15.23
C CYS B 64 26.89 23.38 -15.59
N LYS B 65 26.76 24.24 -14.58
CA LYS B 65 26.76 25.68 -14.80
C LYS B 65 27.49 26.36 -13.66
N GLU B 66 27.97 27.57 -13.94
CA GLU B 66 28.64 28.38 -12.95
C GLU B 66 27.62 28.99 -11.99
N PRO B 67 28.07 29.43 -10.80
CA PRO B 67 27.10 30.00 -9.85
C PRO B 67 26.33 31.17 -10.39
N GLU B 68 26.93 31.98 -11.27
CA GLU B 68 26.20 33.10 -11.85
C GLU B 68 24.92 32.65 -12.53
N ASP B 69 24.92 31.45 -13.12
CA ASP B 69 23.74 30.94 -13.81
C ASP B 69 22.72 30.33 -12.85
N ILE B 70 23.10 30.06 -11.61
CA ILE B 70 22.19 29.42 -10.67
C ILE B 70 21.07 30.38 -10.30
N ASN B 71 19.83 29.92 -10.43
CA ASN B 71 18.67 30.76 -10.15
C ASN B 71 18.37 30.77 -8.66
N VAL B 72 18.26 31.97 -8.08
CA VAL B 72 17.98 32.13 -6.66
C VAL B 72 16.50 32.43 -6.47
N GLU B 73 15.87 33.04 -7.47
CA GLU B 73 14.47 33.38 -7.43
C GLU B 73 13.56 32.30 -8.00
N GLY B 74 14.13 31.18 -8.45
CA GLY B 74 13.35 30.12 -9.03
C GLY B 74 14.12 28.81 -9.04
N PRO B 75 13.50 27.77 -9.61
CA PRO B 75 14.17 26.47 -9.66
C PRO B 75 15.38 26.48 -10.59
N SER B 76 16.30 25.57 -10.32
CA SER B 76 17.48 25.36 -11.15
C SER B 76 17.57 23.88 -11.51
N SER B 77 18.18 23.61 -12.67
CA SER B 77 18.22 22.26 -13.23
C SER B 77 19.65 21.88 -13.60
N GLY B 78 20.59 22.13 -12.69
CA GLY B 78 21.97 21.78 -12.93
C GLY B 78 22.75 21.74 -11.64
N PHE B 79 24.04 21.44 -11.77
CA PHE B 79 24.93 21.32 -10.63
C PHE B 79 26.25 22.00 -10.92
N HIS B 80 26.95 22.37 -9.86
CA HIS B 80 28.28 22.96 -9.95
C HIS B 80 29.31 21.88 -9.65
N THR B 81 30.22 21.62 -10.60
CA THR B 81 31.13 20.50 -10.49
C THR B 81 32.05 20.65 -9.28
N ALA B 82 32.68 21.82 -9.14
CA ALA B 82 33.60 22.03 -8.04
C ALA B 82 32.88 21.90 -6.70
N SER B 83 31.67 22.45 -6.61
CA SER B 83 30.89 22.34 -5.39
C SER B 83 30.55 20.89 -5.09
N VAL B 84 30.18 20.11 -6.12
CA VAL B 84 29.86 18.71 -5.90
C VAL B 84 31.09 17.96 -5.38
N LEU B 85 32.26 18.21 -5.98
CA LEU B 85 33.47 17.54 -5.53
C LEU B 85 33.79 17.90 -4.08
N LYS B 86 33.73 19.18 -3.74
CA LYS B 86 34.05 19.60 -2.39
C LYS B 86 33.07 19.02 -1.38
N LEU B 87 31.78 19.02 -1.72
CA LEU B 87 30.76 18.50 -0.81
C LEU B 87 30.93 16.99 -0.62
N ALA B 88 31.25 16.27 -1.70
CA ALA B 88 31.49 14.83 -1.56
C ALA B 88 32.70 14.57 -0.67
N ASP B 89 33.77 15.35 -0.84
CA ASP B 89 34.93 15.18 0.03
C ASP B 89 34.58 15.47 1.48
N ASN B 90 33.80 16.52 1.73
CA ASN B 90 33.39 16.83 3.09
C ASN B 90 32.54 15.72 3.68
N PHE B 91 31.62 15.17 2.89
CA PHE B 91 30.79 14.07 3.36
C PHE B 91 31.64 12.85 3.71
N PHE B 92 32.62 12.53 2.86
CA PHE B 92 33.51 11.41 3.15
C PHE B 92 34.29 11.65 4.43
N ARG B 93 34.78 12.88 4.63
CA ARG B 93 35.55 13.19 5.82
C ARG B 93 34.69 13.25 7.09
N LYS B 94 33.39 13.46 6.95
CA LYS B 94 32.52 13.61 8.11
C LYS B 94 31.99 12.29 8.62
N TYR B 95 31.72 11.32 7.73
CA TYR B 95 31.09 10.07 8.11
C TYR B 95 32.00 8.89 7.78
N ARG B 96 33.27 8.99 8.18
CA ARG B 96 34.22 7.93 7.89
C ARG B 96 33.76 6.54 8.31
N PRO B 97 33.15 6.33 9.48
CA PRO B 97 32.66 4.98 9.79
C PRO B 97 31.68 4.43 8.76
N ALA B 98 30.80 5.28 8.23
CA ALA B 98 29.90 4.83 7.17
C ALA B 98 30.67 4.44 5.93
N MET B 99 31.72 5.20 5.60
CA MET B 99 32.54 4.87 4.44
C MET B 99 33.26 3.54 4.64
N GLU B 100 33.73 3.27 5.86
CA GLU B 100 34.37 1.99 6.14
C GLU B 100 33.38 0.84 6.05
N LYS B 101 32.15 1.05 6.53
CA LYS B 101 31.13 0.02 6.36
C LYS B 101 30.84 -0.22 4.88
N LEU B 102 30.81 0.85 4.08
CA LEU B 102 30.62 0.69 2.65
C LEU B 102 31.78 -0.08 2.02
N LYS B 103 33.00 0.19 2.47
CA LYS B 103 34.16 -0.55 1.98
C LYS B 103 34.04 -2.02 2.30
N TYR B 104 33.63 -2.34 3.53
CA TYR B 104 33.43 -3.74 3.91
C TYR B 104 32.34 -4.38 3.05
N TRP B 105 31.25 -3.66 2.80
CA TRP B 105 30.17 -4.20 1.97
C TRP B 105 30.68 -4.49 0.57
N ILE B 106 31.46 -3.58 0.00
CA ILE B 106 32.00 -3.79 -1.34
C ILE B 106 32.94 -4.98 -1.36
N LEU B 107 33.81 -5.10 -0.35
CA LEU B 107 34.83 -6.14 -0.37
C LEU B 107 34.31 -7.51 0.04
N VAL B 108 33.14 -7.59 0.68
CA VAL B 108 32.66 -8.86 1.20
C VAL B 108 31.26 -9.16 0.67
N LYS B 109 30.32 -8.24 0.90
CA LYS B 109 28.93 -8.52 0.57
C LYS B 109 28.66 -8.42 -0.93
N LEU B 110 29.30 -7.48 -1.62
CA LEU B 110 28.99 -7.27 -3.04
C LEU B 110 29.25 -8.52 -3.88
N PRO B 111 30.39 -9.19 -3.78
CA PRO B 111 30.61 -10.38 -4.63
C PRO B 111 29.62 -11.50 -4.38
N LYS B 112 29.00 -11.57 -3.20
CA LYS B 112 28.11 -12.65 -2.84
C LYS B 112 26.66 -12.40 -3.21
N LEU B 113 26.34 -11.23 -3.78
CA LEU B 113 24.97 -10.94 -4.17
C LEU B 113 24.59 -11.76 -5.38
N LYS B 114 23.49 -12.51 -5.28
CA LYS B 114 23.00 -13.32 -6.37
C LYS B 114 22.01 -12.52 -7.20
N TYR B 115 22.08 -12.68 -8.52
CA TYR B 115 21.16 -11.98 -9.41
C TYR B 115 19.73 -12.48 -9.29
N ALA B 116 19.50 -13.61 -8.62
CA ALA B 116 18.15 -14.09 -8.42
C ALA B 116 17.29 -13.07 -7.67
N GLU B 117 17.93 -12.24 -6.84
CA GLU B 117 17.19 -11.20 -6.14
C GLU B 117 16.48 -10.24 -7.11
N LEU B 118 16.97 -10.13 -8.34
CA LEU B 118 16.31 -9.28 -9.32
C LEU B 118 14.88 -9.73 -9.60
N SER B 119 14.56 -10.99 -9.27
CA SER B 119 13.20 -11.48 -9.46
C SER B 119 12.22 -10.90 -8.44
N LYS B 120 12.72 -10.19 -7.42
CA LYS B 120 11.87 -9.59 -6.40
C LYS B 120 11.46 -8.17 -6.75
N GLY B 121 11.79 -7.68 -7.93
CA GLY B 121 11.51 -6.32 -8.30
C GLY B 121 10.09 -6.12 -8.80
N ARG B 122 9.86 -4.94 -9.37
CA ARG B 122 8.55 -4.56 -9.87
C ARG B 122 8.37 -5.05 -11.30
N GLN B 123 7.25 -4.67 -11.91
CA GLN B 123 7.00 -5.04 -13.30
C GLN B 123 8.11 -4.49 -14.19
N THR B 124 8.55 -5.31 -15.14
CA THR B 124 9.64 -4.96 -16.03
C THR B 124 9.19 -5.06 -17.48
N TYR B 125 9.63 -4.12 -18.30
CA TYR B 125 9.33 -4.13 -19.72
C TYR B 125 10.33 -5.03 -20.43
N SER B 126 9.89 -6.20 -20.86
CA SER B 126 10.77 -7.14 -21.54
C SER B 126 11.09 -6.62 -22.94
N PHE B 127 12.38 -6.58 -23.28
CA PHE B 127 12.80 -6.15 -24.61
C PHE B 127 12.64 -7.24 -25.66
N ILE B 128 12.29 -8.46 -25.25
CA ILE B 128 12.11 -9.56 -26.19
C ILE B 128 10.67 -9.64 -26.67
N HIS B 129 9.72 -9.62 -25.75
CA HIS B 129 8.30 -9.72 -26.09
C HIS B 129 7.62 -8.37 -26.27
N LYS B 130 8.33 -7.27 -26.02
CA LYS B 130 7.77 -5.93 -26.16
C LYS B 130 6.49 -5.80 -25.35
N ARG B 131 6.56 -6.22 -24.09
CA ARG B 131 5.41 -6.18 -23.19
C ARG B 131 5.90 -6.11 -21.76
N ASN B 132 5.01 -5.72 -20.87
CA ASN B 132 5.31 -5.66 -19.44
C ASN B 132 5.06 -7.03 -18.83
N LEU B 133 6.09 -7.59 -18.20
CA LEU B 133 6.05 -8.90 -17.58
C LEU B 133 6.56 -8.81 -16.16
N PRO B 134 6.19 -9.76 -15.30
CA PRO B 134 6.70 -9.73 -13.92
C PRO B 134 8.22 -9.89 -13.88
N ALA B 135 8.79 -9.54 -12.73
CA ALA B 135 10.24 -9.61 -12.58
C ALA B 135 10.79 -10.99 -12.87
N PRO B 136 10.26 -12.09 -12.32
CA PRO B 136 10.86 -13.40 -12.62
C PRO B 136 10.89 -13.74 -14.09
N ILE B 137 9.83 -13.43 -14.83
CA ILE B 137 9.78 -13.79 -16.25
C ILE B 137 10.81 -13.00 -17.03
N ALA B 138 10.89 -11.69 -16.77
CA ALA B 138 11.88 -10.86 -17.46
C ALA B 138 13.29 -11.30 -17.13
N LEU B 139 13.55 -11.62 -15.86
CA LEU B 139 14.88 -12.06 -15.46
C LEU B 139 15.26 -13.36 -16.16
N GLU B 140 14.33 -14.32 -16.19
CA GLU B 140 14.61 -15.59 -16.86
C GLU B 140 14.87 -15.37 -18.35
N GLU B 141 14.06 -14.53 -19.00
CA GLU B 141 14.26 -14.27 -20.42
C GLU B 141 15.61 -13.61 -20.67
N THR B 142 15.99 -12.64 -19.83
CA THR B 142 17.27 -11.96 -20.01
C THR B 142 18.43 -12.93 -19.80
N VAL B 143 18.33 -13.79 -18.79
CA VAL B 143 19.41 -14.75 -18.53
C VAL B 143 19.53 -15.72 -19.70
N GLU B 144 18.39 -16.20 -20.22
CA GLU B 144 18.45 -17.09 -21.37
C GLU B 144 19.06 -16.40 -22.59
N PHE B 145 18.71 -15.13 -22.80
CA PHE B 145 19.27 -14.37 -23.91
C PHE B 145 20.79 -14.25 -23.77
N LEU B 146 21.26 -13.93 -22.56
CA LEU B 146 22.70 -13.81 -22.33
C LEU B 146 23.39 -15.15 -22.54
N GLU B 147 22.80 -16.23 -22.04
CA GLU B 147 23.41 -17.55 -22.22
C GLU B 147 23.48 -17.92 -23.70
N GLN B 148 22.42 -17.66 -24.45
CA GLN B 148 22.42 -18.00 -25.87
C GLN B 148 23.46 -17.20 -26.63
N ASN B 149 23.58 -15.90 -26.34
CA ASN B 149 24.46 -15.06 -27.15
C ASN B 149 25.93 -15.22 -26.75
N LEU B 150 26.22 -15.37 -25.45
CA LEU B 150 27.59 -15.48 -24.99
C LEU B 150 28.13 -16.91 -25.05
N ARG B 151 27.28 -17.90 -25.29
CA ARG B 151 27.70 -19.29 -25.37
C ARG B 151 28.42 -19.71 -24.09
N ARG B 152 27.91 -19.26 -22.95
CA ARG B 152 28.50 -19.59 -21.65
C ARG B 152 27.39 -19.58 -20.61
N LYS B 153 27.71 -20.08 -19.42
CA LYS B 153 26.78 -20.16 -18.31
C LYS B 153 27.00 -18.98 -17.38
N ILE B 154 25.92 -18.25 -17.09
CA ILE B 154 26.02 -17.08 -16.22
C ILE B 154 26.21 -17.54 -14.78
N GLY B 155 27.17 -16.94 -14.09
CA GLY B 155 27.44 -17.29 -12.72
C GLY B 155 26.30 -16.89 -11.80
N PRO B 156 26.18 -17.57 -10.66
CA PRO B 156 25.10 -17.24 -9.73
C PRO B 156 25.18 -15.83 -9.17
N THR B 157 26.37 -15.26 -9.09
CA THR B 157 26.54 -13.95 -8.47
C THR B 157 25.99 -12.85 -9.38
N LEU B 158 25.80 -11.67 -8.77
CA LEU B 158 25.33 -10.52 -9.53
C LEU B 158 26.44 -9.90 -10.36
N LEU B 159 27.69 -9.95 -9.88
CA LEU B 159 28.80 -9.43 -10.67
C LEU B 159 28.95 -10.20 -11.98
N SER B 160 28.72 -11.51 -11.94
CA SER B 160 28.74 -12.29 -13.17
C SER B 160 27.64 -11.84 -14.13
N TYR B 161 26.46 -11.54 -13.59
CA TYR B 161 25.38 -11.04 -14.43
C TYR B 161 25.75 -9.71 -15.08
N CYS B 162 26.35 -8.81 -14.30
CA CYS B 162 26.76 -7.52 -14.85
C CYS B 162 27.84 -7.70 -15.91
N GLN B 163 28.79 -8.60 -15.68
CA GLN B 163 29.83 -8.86 -16.66
C GLN B 163 29.24 -9.42 -17.94
N ALA B 164 28.27 -10.33 -17.84
CA ALA B 164 27.62 -10.85 -19.03
C ALA B 164 26.88 -9.75 -19.77
N ILE B 165 26.20 -8.86 -19.04
CA ILE B 165 25.49 -7.76 -19.68
C ILE B 165 26.47 -6.87 -20.43
N ALA B 166 27.62 -6.58 -19.82
CA ALA B 166 28.64 -5.78 -20.50
C ALA B 166 29.17 -6.50 -21.74
N ASP B 167 29.42 -7.80 -21.62
CA ASP B 167 29.99 -8.55 -22.74
C ASP B 167 29.04 -8.60 -23.93
N VAL B 168 27.75 -8.84 -23.67
CA VAL B 168 26.80 -8.94 -24.78
C VAL B 168 26.67 -7.63 -25.55
N MET B 169 27.05 -6.51 -24.92
CA MET B 169 27.01 -5.23 -25.61
C MET B 169 28.06 -5.14 -26.71
N GLU B 170 29.14 -5.93 -26.62
CA GLU B 170 30.19 -5.85 -27.63
C GLU B 170 29.73 -6.44 -28.96
N LEU B 171 28.93 -7.50 -28.90
CA LEU B 171 28.54 -8.19 -30.13
C LEU B 171 27.83 -7.25 -31.08
N ASP B 172 28.16 -7.36 -32.36
CA ASP B 172 27.50 -6.53 -33.37
C ASP B 172 26.01 -6.85 -33.45
N GLU B 173 25.65 -8.13 -33.37
CA GLU B 173 24.27 -8.56 -33.42
C GLU B 173 24.02 -9.60 -32.33
N THR B 174 22.77 -9.71 -31.92
CA THR B 174 22.34 -10.70 -30.94
C THR B 174 21.09 -11.39 -31.45
N THR B 175 20.88 -12.63 -31.02
CA THR B 175 19.72 -13.40 -31.44
C THR B 175 19.10 -14.09 -30.24
N TYR B 176 17.77 -14.21 -30.27
CA TYR B 176 17.03 -14.92 -29.23
C TYR B 176 16.03 -15.86 -29.89
N GLU B 177 16.04 -17.12 -29.46
CA GLU B 177 15.13 -18.14 -29.98
C GLU B 177 14.24 -18.61 -28.83
N GLY B 178 12.93 -18.63 -29.07
CA GLY B 178 11.98 -19.07 -28.07
C GLY B 178 10.87 -19.90 -28.66
N ARG B 206 -0.07 -24.98 -26.22
CA ARG B 206 0.33 -24.29 -27.44
C ARG B 206 1.84 -24.34 -27.62
N GLU B 207 2.27 -24.45 -28.87
CA GLU B 207 3.70 -24.49 -29.22
C GLU B 207 3.96 -23.53 -30.36
N GLU B 208 4.98 -22.68 -30.20
CA GLU B 208 5.34 -21.72 -31.23
C GLU B 208 6.83 -21.40 -31.10
N THR B 209 7.54 -21.49 -32.22
CA THR B 209 8.97 -21.21 -32.28
C THR B 209 9.19 -19.91 -33.04
N TYR B 210 9.96 -19.00 -32.45
CA TYR B 210 10.24 -17.71 -33.08
C TYR B 210 11.64 -17.26 -32.72
N THR B 211 12.34 -16.71 -33.70
CA THR B 211 13.69 -16.19 -33.53
C THR B 211 13.69 -14.70 -33.88
N ILE B 212 14.30 -13.89 -33.01
CA ILE B 212 14.35 -12.45 -33.19
C ILE B 212 15.81 -12.00 -33.10
N LYS B 213 16.21 -11.15 -34.05
CA LYS B 213 17.58 -10.66 -34.13
C LYS B 213 17.61 -9.16 -33.88
N PHE B 214 18.46 -8.74 -32.96
CA PHE B 214 18.66 -7.34 -32.62
C PHE B 214 20.05 -6.88 -33.04
N SER B 215 20.15 -5.63 -33.47
CA SER B 215 21.45 -5.02 -33.71
C SER B 215 22.00 -4.44 -32.41
N ARG B 216 23.26 -4.02 -32.46
CA ARG B 216 23.87 -3.40 -31.28
C ARG B 216 23.15 -2.12 -30.90
N GLU B 217 22.79 -1.29 -31.88
CA GLU B 217 22.08 -0.06 -31.60
C GLU B 217 20.69 -0.34 -31.03
N GLU B 218 20.00 -1.35 -31.57
CA GLU B 218 18.68 -1.70 -31.05
C GLU B 218 18.76 -2.15 -29.60
N LEU B 219 19.75 -2.99 -29.28
CA LEU B 219 19.90 -3.44 -27.91
C LEU B 219 20.30 -2.29 -26.99
N TRP B 220 21.12 -1.37 -27.49
CA TRP B 220 21.45 -0.18 -26.69
C TRP B 220 20.20 0.64 -26.40
N ASP B 221 19.35 0.82 -27.41
CA ASP B 221 18.11 1.58 -27.21
C ASP B 221 17.20 0.87 -26.19
N GLN B 222 17.09 -0.45 -26.29
CA GLN B 222 16.28 -1.19 -25.34
C GLN B 222 16.84 -1.06 -23.92
N MET B 223 18.17 -1.14 -23.79
CA MET B 223 18.78 -1.04 -22.47
C MET B 223 18.56 0.34 -21.86
N ARG B 224 18.72 1.40 -22.65
CA ARG B 224 18.60 2.75 -22.15
C ARG B 224 17.17 3.26 -22.10
N THR B 225 16.22 2.52 -22.68
CA THR B 225 14.83 2.97 -22.70
C THR B 225 14.18 2.74 -21.34
N LEU B 226 13.38 3.70 -20.90
CA LEU B 226 12.62 3.60 -19.66
C LEU B 226 11.16 3.36 -19.98
N ASN B 227 10.47 2.69 -19.04
CA ASN B 227 9.04 2.46 -19.14
C ASN B 227 8.34 3.34 -18.12
N THR B 228 7.44 4.20 -18.58
CA THR B 228 6.75 5.16 -17.74
C THR B 228 5.29 4.74 -17.58
N MET B 229 4.75 4.94 -16.38
CA MET B 229 3.38 4.57 -16.09
C MET B 229 2.80 5.52 -15.05
N TRP B 230 1.48 5.67 -15.09
CA TRP B 230 0.79 6.51 -14.12
C TRP B 230 1.02 5.97 -12.71
N LYS B 231 1.16 6.87 -11.75
CA LYS B 231 1.22 6.51 -10.34
C LYS B 231 -0.21 6.49 -9.80
N HIS B 232 -0.75 5.30 -9.59
CA HIS B 232 -2.15 5.14 -9.24
C HIS B 232 -2.34 5.13 -7.72
N LEU B 233 -3.52 5.54 -7.29
CA LEU B 233 -3.91 5.51 -5.88
C LEU B 233 -2.90 6.25 -5.01
N GLU B 234 -2.53 7.44 -5.45
CA GLU B 234 -1.65 8.33 -4.70
C GLU B 234 -2.47 9.47 -4.13
N ARG B 235 -2.34 9.70 -2.82
CA ARG B 235 -3.11 10.71 -2.12
C ARG B 235 -2.28 11.96 -1.86
N GLY B 236 -2.96 13.02 -1.44
CA GLY B 236 -2.29 14.25 -1.09
C GLY B 236 -1.75 15.04 -2.27
N ARG B 237 -2.28 14.81 -3.47
CA ARG B 237 -1.81 15.50 -4.66
C ARG B 237 -2.99 15.83 -5.55
N LEU B 238 -3.07 17.10 -5.97
CA LEU B 238 -4.14 17.51 -6.88
C LEU B 238 -3.89 17.01 -8.29
N ASN B 239 -2.64 17.03 -8.74
CA ASN B 239 -2.27 16.66 -10.10
C ASN B 239 -1.59 15.29 -10.09
N ARG B 240 -2.00 14.45 -11.03
CA ARG B 240 -1.38 13.12 -11.15
C ARG B 240 0.04 13.25 -11.67
N ARG B 241 0.87 12.27 -11.32
CA ARG B 241 2.25 12.22 -11.80
C ARG B 241 2.60 10.78 -12.14
N THR B 242 3.67 10.64 -12.92
CA THR B 242 4.10 9.35 -13.46
C THR B 242 5.37 8.87 -12.77
N ILE B 243 5.65 7.58 -12.93
CA ILE B 243 6.88 6.96 -12.44
C ILE B 243 7.51 6.22 -13.60
N ALA B 244 8.81 5.94 -13.46
CA ALA B 244 9.58 5.30 -14.51
C ALA B 244 10.36 4.12 -13.93
N THR B 245 10.51 3.08 -14.74
CA THR B 245 11.27 1.90 -14.37
C THR B 245 12.23 1.54 -15.50
N PRO B 246 13.39 0.98 -15.19
CA PRO B 246 14.35 0.61 -16.22
C PRO B 246 14.10 -0.79 -16.77
N SER B 247 14.84 -1.12 -17.81
CA SER B 247 14.79 -2.45 -18.39
C SER B 247 15.64 -3.42 -17.60
N MET B 248 15.37 -4.72 -17.78
CA MET B 248 16.08 -5.73 -17.01
C MET B 248 17.57 -5.76 -17.32
N LEU B 249 17.98 -5.23 -18.47
CA LEU B 249 19.39 -5.25 -18.83
C LEU B 249 20.22 -4.43 -17.85
N ILE B 250 19.71 -3.26 -17.44
CA ILE B 250 20.45 -2.35 -16.58
C ILE B 250 20.00 -2.44 -15.12
N ARG B 251 19.16 -3.43 -14.79
CA ARG B 251 18.67 -3.52 -13.42
C ARG B 251 19.74 -4.03 -12.46
N GLY B 252 20.70 -4.81 -12.94
CA GLY B 252 21.76 -5.28 -12.06
C GLY B 252 22.62 -4.14 -11.53
N PHE B 253 23.05 -3.25 -12.41
CA PHE B 253 23.86 -2.11 -11.98
C PHE B 253 23.06 -1.20 -11.06
N VAL B 254 21.79 -0.96 -11.39
CA VAL B 254 20.94 -0.13 -10.53
C VAL B 254 20.81 -0.76 -9.16
N LYS B 255 20.62 -2.08 -9.10
CA LYS B 255 20.51 -2.76 -7.83
C LYS B 255 21.80 -2.64 -7.02
N ILE B 256 22.95 -2.81 -7.67
CA ILE B 256 24.23 -2.69 -6.97
C ILE B 256 24.38 -1.29 -6.38
N VAL B 257 24.10 -0.27 -7.19
CA VAL B 257 24.27 1.11 -6.74
C VAL B 257 23.30 1.41 -5.61
N GLU B 258 22.05 0.94 -5.72
CA GLU B 258 21.06 1.21 -4.69
C GLU B 258 21.39 0.49 -3.39
N ASP B 259 21.93 -0.73 -3.49
CA ASP B 259 22.36 -1.43 -2.28
C ASP B 259 23.51 -0.70 -1.60
N ALA B 260 24.47 -0.21 -2.39
CA ALA B 260 25.55 0.59 -1.79
C ALA B 260 25.00 1.85 -1.15
N ALA B 261 24.06 2.51 -1.81
CA ALA B 261 23.45 3.72 -1.25
C ALA B 261 22.74 3.42 0.05
N LYS B 262 22.00 2.32 0.11
CA LYS B 262 21.32 1.94 1.35
C LYS B 262 22.33 1.63 2.44
N GLU B 263 23.41 0.94 2.11
CA GLU B 263 24.42 0.61 3.11
C GLU B 263 25.04 1.87 3.69
N ILE B 264 25.36 2.85 2.84
CA ILE B 264 25.95 4.08 3.35
C ILE B 264 24.93 4.89 4.13
N LEU B 265 23.68 4.91 3.67
CA LEU B 265 22.65 5.73 4.33
C LEU B 265 22.27 5.17 5.69
N GLU B 266 22.32 3.86 5.86
CA GLU B 266 21.94 3.26 7.13
C GLU B 266 22.85 3.70 8.27
N ASN B 267 24.03 4.24 7.96
CA ASN B 267 24.98 4.68 8.99
C ASN B 267 25.23 6.18 8.91
N VAL B 268 24.37 6.93 8.23
CA VAL B 268 24.47 8.38 8.13
C VAL B 268 23.41 8.99 9.04
N PRO B 269 23.78 9.77 10.05
CA PRO B 269 22.75 10.31 10.96
C PRO B 269 21.71 11.15 10.25
N THR B 270 22.08 11.87 9.20
CA THR B 270 21.16 12.75 8.48
C THR B 270 20.51 11.93 7.35
N SER B 271 19.42 11.25 7.69
CA SER B 271 18.66 10.46 6.73
C SER B 271 17.44 9.92 7.46
N GLY B 272 16.45 9.48 6.68
CA GLY B 272 15.23 8.96 7.28
C GLY B 272 14.61 7.79 6.53
N VAL B 273 15.31 7.26 5.54
CA VAL B 273 14.75 6.19 4.72
C VAL B 273 14.84 4.85 5.46
N PRO B 274 16.03 4.38 5.86
CA PRO B 274 16.14 2.99 6.31
C PRO B 274 16.03 2.80 7.82
N VAL B 275 16.05 3.90 8.57
CA VAL B 275 16.07 3.82 10.04
C VAL B 275 14.67 4.03 10.61
N GLY B 276 13.63 3.99 9.78
CA GLY B 276 12.27 4.19 10.21
C GLY B 276 11.80 5.63 10.20
N GLY B 277 12.71 6.58 10.12
CA GLY B 277 12.34 7.99 10.09
C GLY B 277 11.90 8.58 11.41
N GLU B 278 10.98 7.89 12.11
CA GLU B 278 10.47 8.43 13.36
C GLU B 278 11.54 8.50 14.44
N GLU B 279 12.46 7.54 14.47
CA GLU B 279 13.44 7.49 15.55
C GLU B 279 14.32 8.74 15.54
N LYS B 280 14.80 9.14 14.37
CA LYS B 280 15.70 10.29 14.31
C LYS B 280 14.95 11.60 14.59
N LEU B 281 13.72 11.71 14.09
CA LEU B 281 12.93 12.90 14.38
C LEU B 281 12.66 13.00 15.89
N ALA B 282 12.35 11.88 16.52
CA ALA B 282 12.14 11.88 17.97
C ALA B 282 13.42 12.25 18.72
N LYS B 283 14.55 11.72 18.27
CA LYS B 283 15.82 12.05 18.90
C LYS B 283 16.11 13.54 18.81
N LEU B 284 15.88 14.14 17.63
CA LEU B 284 16.09 15.57 17.48
C LEU B 284 15.11 16.37 18.31
N ALA B 285 13.86 15.91 18.40
CA ALA B 285 12.87 16.60 19.23
C ALA B 285 13.28 16.59 20.69
N SER B 286 13.81 15.45 21.17
CA SER B 286 14.23 15.37 22.57
C SER B 286 15.36 16.34 22.87
N LYS B 287 16.18 16.69 21.88
CA LYS B 287 17.26 17.63 22.10
C LYS B 287 16.71 19.00 22.47
N GLN B 288 17.49 19.73 23.26
CA GLN B 288 17.10 21.05 23.73
C GLN B 288 18.33 21.96 23.68
N THR B 289 18.23 23.11 24.33
CA THR B 289 19.34 24.06 24.40
C THR B 289 19.31 24.73 25.77
N PHE B 290 20.11 25.78 25.93
CA PHE B 290 20.25 26.49 27.19
C PHE B 290 19.28 27.65 27.34
N HIS B 291 18.13 27.59 26.67
CA HIS B 291 17.10 28.65 26.71
C HIS B 291 17.71 30.03 26.48
N THR B 292 18.85 30.09 25.81
CA THR B 292 19.48 31.35 25.44
C THR B 292 19.83 31.41 23.96
N ALA B 293 20.20 30.28 23.36
CA ALA B 293 20.46 30.23 21.94
C ALA B 293 19.16 30.22 21.15
N VAL B 294 19.19 30.85 19.98
CA VAL B 294 18.01 30.94 19.12
C VAL B 294 17.85 29.62 18.38
N THR B 295 16.69 28.99 18.52
CA THR B 295 16.38 27.74 17.86
C THR B 295 15.37 27.98 16.75
N GLY B 296 15.40 27.10 15.75
CA GLY B 296 14.47 27.18 14.64
C GLY B 296 14.28 25.83 14.01
N GLU B 297 13.11 25.63 13.41
CA GLU B 297 12.72 24.36 12.82
C GLU B 297 12.15 24.63 11.44
N LEU B 298 12.88 24.23 10.39
CA LEU B 298 12.48 24.44 9.02
C LEU B 298 12.05 23.11 8.42
N SER B 299 10.76 22.97 8.16
CA SER B 299 10.20 21.75 7.58
C SER B 299 9.70 22.07 6.18
N GLY B 300 10.02 21.21 5.22
CA GLY B 300 9.59 21.49 3.87
C GLY B 300 9.85 20.33 2.94
N ASP B 301 9.60 20.59 1.66
CA ASP B 301 9.82 19.64 0.57
C ASP B 301 10.73 20.28 -0.47
N GLN B 302 11.00 19.54 -1.54
CA GLN B 302 11.77 20.03 -2.67
C GLN B 302 10.86 20.09 -3.90
N GLU B 303 10.82 21.25 -4.54
CA GLU B 303 10.00 21.42 -5.73
C GLU B 303 10.72 20.81 -6.94
N LYS B 304 9.98 20.03 -7.73
CA LYS B 304 10.53 19.39 -8.92
C LYS B 304 11.82 18.64 -8.58
N PHE B 305 11.75 17.84 -7.52
CA PHE B 305 12.94 17.17 -7.02
C PHE B 305 13.58 16.28 -8.09
N ASN B 306 12.75 15.47 -8.76
CA ASN B 306 13.26 14.56 -9.78
C ASN B 306 13.49 15.22 -11.13
N GLU B 307 12.94 16.42 -11.35
CA GLU B 307 13.09 17.13 -12.61
C GLU B 307 14.17 18.20 -12.56
N CYS B 308 15.01 18.19 -11.52
CA CYS B 308 16.08 19.18 -11.38
C CYS B 308 17.39 18.54 -10.96
N LEU B 309 17.52 17.22 -11.06
CA LEU B 309 18.74 16.50 -10.72
C LEU B 309 19.37 15.94 -11.99
N ASP B 310 20.69 15.99 -12.06
CA ASP B 310 21.43 15.45 -13.19
C ASP B 310 22.13 14.17 -12.77
N PRO B 311 21.98 13.07 -13.51
CA PRO B 311 22.69 11.84 -13.12
C PRO B 311 24.20 12.01 -13.06
N ASP B 312 24.75 12.96 -13.82
CA ASP B 312 26.19 13.19 -13.79
C ASP B 312 26.65 13.61 -12.40
N ALA B 313 25.84 14.42 -11.70
CA ALA B 313 26.21 14.81 -10.35
C ALA B 313 26.31 13.60 -9.43
N MET B 314 25.32 12.70 -9.52
CA MET B 314 25.34 11.52 -8.67
C MET B 314 26.52 10.61 -9.00
N ARG B 315 26.79 10.42 -10.29
CA ARG B 315 27.91 9.55 -10.67
C ARG B 315 29.23 10.17 -10.25
N LEU B 316 29.35 11.50 -10.33
CA LEU B 316 30.56 12.16 -9.86
C LEU B 316 30.72 12.00 -8.35
N MET B 317 29.64 12.14 -7.60
CA MET B 317 29.71 11.93 -6.16
C MET B 317 30.13 10.51 -5.84
N TRP B 318 29.57 9.52 -6.52
CA TRP B 318 29.95 8.13 -6.28
C TRP B 318 31.40 7.88 -6.65
N THR B 319 31.86 8.48 -7.75
CA THR B 319 33.26 8.33 -8.14
C THR B 319 34.18 8.93 -7.08
N VAL B 320 33.81 10.09 -6.54
CA VAL B 320 34.62 10.71 -5.48
C VAL B 320 34.66 9.80 -4.26
N PHE B 321 33.50 9.27 -3.87
CA PHE B 321 33.44 8.37 -2.72
C PHE B 321 34.36 7.17 -2.92
N LEU B 322 34.25 6.50 -4.06
CA LEU B 322 35.05 5.31 -4.31
C LEU B 322 36.54 5.64 -4.40
N ARG B 323 36.89 6.72 -5.11
CA ARG B 323 38.29 7.07 -5.28
C ARG B 323 38.93 7.42 -3.94
N LYS B 324 38.24 8.18 -3.09
CA LYS B 324 38.77 8.47 -1.78
C LYS B 324 38.79 7.24 -0.88
N LEU B 325 38.05 6.19 -1.25
CA LEU B 325 38.01 4.95 -0.49
C LEU B 325 39.13 4.00 -0.87
N GLY B 326 39.89 4.29 -1.93
CA GLY B 326 40.92 3.40 -2.40
C GLY B 326 40.43 2.26 -3.27
N CYS B 327 39.19 2.32 -3.74
CA CYS B 327 38.63 1.23 -4.52
C CYS B 327 39.31 1.14 -5.88
N PRO B 328 39.31 -0.03 -6.50
CA PRO B 328 39.95 -0.20 -7.80
C PRO B 328 39.11 0.41 -8.92
N ASP B 329 39.71 0.42 -10.12
CA ASP B 329 39.07 1.07 -11.27
C ASP B 329 37.79 0.36 -11.67
N TRP B 330 37.77 -0.97 -11.65
CA TRP B 330 36.59 -1.70 -12.10
C TRP B 330 35.38 -1.40 -11.22
N ILE B 331 35.60 -1.18 -9.92
CA ILE B 331 34.49 -0.80 -9.04
C ILE B 331 33.91 0.54 -9.48
N MET B 332 34.78 1.51 -9.78
CA MET B 332 34.30 2.82 -10.22
C MET B 332 33.54 2.71 -11.54
N GLU B 333 34.06 1.91 -12.48
CA GLU B 333 33.34 1.72 -13.74
C GLU B 333 31.97 1.09 -13.51
N LEU B 334 31.91 0.09 -12.64
CA LEU B 334 30.64 -0.56 -12.35
C LEU B 334 29.65 0.42 -11.74
N PHE B 335 30.12 1.27 -10.81
CA PHE B 335 29.23 2.23 -10.16
C PHE B 335 28.84 3.36 -11.09
N ASN B 336 29.64 3.68 -12.10
CA ASN B 336 29.33 4.76 -13.03
C ASN B 336 28.50 4.32 -14.21
N ILE B 337 28.51 3.04 -14.58
CA ILE B 337 27.78 2.59 -15.75
C ILE B 337 26.29 2.92 -15.66
N PRO B 338 25.58 2.60 -14.57
CA PRO B 338 24.13 2.86 -14.58
C PRO B 338 23.77 4.32 -14.76
N PHE B 339 24.53 5.23 -14.15
CA PHE B 339 24.25 6.65 -14.31
C PHE B 339 24.47 7.10 -15.75
N MET B 340 25.55 6.62 -16.38
CA MET B 340 25.79 6.98 -17.77
C MET B 340 24.69 6.45 -18.68
N VAL B 341 24.22 5.22 -18.43
CA VAL B 341 23.13 4.67 -19.24
C VAL B 341 21.86 5.48 -19.00
N PHE B 342 21.65 5.96 -17.77
CA PHE B 342 20.49 6.79 -17.48
C PHE B 342 20.59 8.14 -18.17
N LYS B 343 21.82 8.65 -18.36
CA LYS B 343 21.97 9.94 -19.03
C LYS B 343 21.41 9.90 -20.44
N SER B 344 21.67 8.83 -21.17
CA SER B 344 21.14 8.66 -22.53
C SER B 344 19.81 7.90 -22.50
N LYS B 345 18.86 8.40 -21.72
CA LYS B 345 17.59 7.71 -21.52
C LYS B 345 16.61 8.06 -22.62
N LEU B 346 15.78 7.08 -22.98
CA LEU B 346 14.68 7.22 -23.93
C LEU B 346 13.38 7.03 -23.17
N ALA B 347 12.86 8.12 -22.62
CA ALA B 347 11.62 8.03 -21.85
C ALA B 347 10.46 7.65 -22.75
N ASP B 348 9.60 6.77 -22.25
CA ASP B 348 8.45 6.30 -23.02
C ASP B 348 7.35 7.36 -22.97
N MET B 349 7.05 7.95 -24.13
CA MET B 349 6.05 9.01 -24.17
C MET B 349 4.68 8.50 -23.76
N GLY B 350 4.29 7.34 -24.27
CA GLY B 350 3.00 6.76 -23.94
C GLY B 350 2.05 6.69 -25.11
N GLU B 351 0.79 7.09 -24.87
CA GLU B 351 -0.23 6.98 -25.91
C GLU B 351 -0.20 8.18 -26.86
N GLY B 352 0.07 9.37 -26.33
CA GLY B 352 0.16 10.57 -27.13
C GLY B 352 -0.63 11.70 -26.52
N LEU B 353 -0.55 12.85 -27.17
CA LEU B 353 -1.27 14.04 -26.75
C LEU B 353 -2.67 14.06 -27.35
N VAL B 354 -3.59 14.70 -26.62
CA VAL B 354 -5.01 14.71 -26.97
C VAL B 354 -5.31 15.97 -27.78
N TYR B 355 -5.99 15.80 -28.92
CA TYR B 355 -6.43 16.90 -29.74
C TYR B 355 -7.92 16.75 -30.02
N THR B 356 -8.63 17.89 -30.04
CA THR B 356 -10.07 17.90 -30.20
C THR B 356 -10.44 18.76 -31.40
N LYS B 357 -11.05 18.15 -32.40
CA LYS B 357 -11.58 18.88 -33.56
C LYS B 357 -13.08 19.15 -33.38
N GLY B 358 -13.38 19.93 -32.35
CA GLY B 358 -14.76 20.18 -31.97
C GLY B 358 -15.18 19.30 -30.80
N LYS B 359 -15.95 18.25 -31.10
CA LYS B 359 -16.33 17.28 -30.09
C LYS B 359 -15.57 15.97 -30.18
N LEU B 360 -14.91 15.71 -31.31
CA LEU B 360 -14.11 14.50 -31.45
C LEU B 360 -12.84 14.60 -30.61
N THR B 361 -12.22 13.45 -30.37
CA THR B 361 -10.97 13.38 -29.63
C THR B 361 -10.05 12.38 -30.33
N ASP B 362 -8.79 12.78 -30.50
CA ASP B 362 -7.78 11.92 -31.12
C ASP B 362 -6.50 12.01 -30.31
N ARG B 363 -5.71 10.94 -30.37
CA ARG B 363 -4.43 10.86 -29.69
C ARG B 363 -3.33 10.80 -30.73
N LYS B 364 -2.44 11.80 -30.73
CA LYS B 364 -1.37 11.86 -31.70
C LYS B 364 -0.03 12.01 -31.00
N PRO B 365 1.03 11.38 -31.50
CA PRO B 365 2.34 11.50 -30.86
C PRO B 365 2.93 12.89 -31.04
N LEU B 366 3.88 13.22 -30.18
CA LEU B 366 4.55 14.50 -30.25
C LEU B 366 5.21 14.67 -31.62
N GLY B 367 5.04 15.86 -32.20
CA GLY B 367 5.63 16.20 -33.48
C GLY B 367 4.68 16.15 -34.65
N GLU B 368 3.52 15.50 -34.50
CA GLU B 368 2.56 15.45 -35.60
C GLU B 368 1.85 16.79 -35.76
N MET B 369 1.45 17.41 -34.65
CA MET B 369 0.76 18.69 -34.66
C MET B 369 1.41 19.62 -33.65
N PRO B 370 1.31 20.94 -33.85
CA PRO B 370 1.93 21.87 -32.90
C PRO B 370 1.33 21.70 -31.51
N SER B 371 2.19 21.88 -30.50
CA SER B 371 1.79 21.72 -29.11
C SER B 371 2.71 22.57 -28.24
N GLU B 372 2.44 22.55 -26.94
CA GLU B 372 3.27 23.30 -25.99
C GLU B 372 4.64 22.66 -25.78
N PHE B 373 4.86 21.46 -26.29
CA PHE B 373 6.14 20.77 -26.16
C PHE B 373 6.83 20.61 -27.51
N ASP B 374 6.62 21.57 -28.42
CA ASP B 374 7.23 21.47 -29.74
C ASP B 374 8.75 21.50 -29.67
N ASP B 375 9.31 22.16 -28.65
CA ASP B 375 10.77 22.29 -28.57
C ASP B 375 11.46 20.95 -28.51
N LEU B 376 10.76 19.89 -28.10
CA LEU B 376 11.35 18.56 -27.97
C LEU B 376 11.16 17.69 -29.20
N VAL B 377 10.52 18.20 -30.27
CA VAL B 377 10.27 17.37 -31.43
C VAL B 377 11.57 16.84 -32.01
N ARG B 378 12.67 17.57 -31.81
CA ARG B 378 13.96 17.10 -32.32
C ARG B 378 14.39 15.81 -31.64
N ASN B 379 14.17 15.70 -30.33
CA ASN B 379 14.58 14.51 -29.57
C ASN B 379 13.47 13.48 -29.52
N VAL B 380 12.96 13.07 -30.68
CA VAL B 380 11.83 12.16 -30.79
C VAL B 380 12.26 10.92 -31.55
N VAL B 381 11.95 9.76 -30.99
CA VAL B 381 12.18 8.48 -31.64
C VAL B 381 10.81 7.87 -31.93
N GLY B 382 10.79 6.70 -32.58
CA GLY B 382 9.55 6.06 -32.99
C GLY B 382 8.40 6.28 -32.02
N ASN B 383 8.62 5.97 -30.74
CA ASN B 383 7.63 6.26 -29.72
C ASN B 383 8.24 6.75 -28.40
N SER B 384 9.56 6.93 -28.34
CA SER B 384 10.24 7.39 -27.14
C SER B 384 10.93 8.71 -27.40
N ILE B 385 11.17 9.45 -26.33
CA ILE B 385 11.79 10.77 -26.38
C ILE B 385 13.11 10.71 -25.63
N SER B 386 14.19 11.06 -26.31
CA SER B 386 15.51 11.06 -25.69
C SER B 386 15.67 12.28 -24.79
N CYS B 387 16.09 12.05 -23.56
CA CYS B 387 16.22 13.11 -22.58
C CYS B 387 17.53 12.96 -21.83
N ARG B 388 18.27 14.06 -21.70
CA ARG B 388 19.54 14.07 -20.97
C ARG B 388 19.39 14.65 -19.57
N LEU B 389 18.89 15.88 -19.46
CA LEU B 389 18.77 16.54 -18.17
C LEU B 389 17.57 16.01 -17.40
N GLY B 390 17.68 16.05 -16.07
CA GLY B 390 16.59 15.63 -15.22
C GLY B 390 16.56 14.13 -15.00
N MET B 391 15.58 13.71 -14.19
CA MET B 391 15.42 12.31 -13.82
C MET B 391 13.93 12.01 -13.74
N PHE B 392 13.61 10.83 -13.23
CA PHE B 392 12.22 10.41 -13.01
C PHE B 392 12.09 9.82 -11.62
N MET B 393 10.89 9.98 -11.05
CA MET B 393 10.65 9.50 -9.70
C MET B 393 10.56 7.98 -9.67
N GLY B 394 11.05 7.39 -8.59
CA GLY B 394 10.90 5.97 -8.35
C GLY B 394 12.01 5.09 -8.89
N MET B 395 13.11 5.66 -9.36
CA MET B 395 14.22 4.89 -9.89
C MET B 395 15.49 5.03 -9.06
N TYR B 396 15.96 6.25 -8.83
CA TYR B 396 17.15 6.51 -8.02
C TYR B 396 16.71 7.34 -6.81
N ASN B 397 16.28 6.64 -5.76
CA ASN B 397 15.81 7.31 -4.54
C ASN B 397 16.94 7.52 -3.54
N LEU B 398 17.66 6.45 -3.21
CA LEU B 398 18.73 6.56 -2.22
C LEU B 398 19.88 7.41 -2.74
N THR B 399 20.20 7.30 -4.04
CA THR B 399 21.24 8.14 -4.61
C THR B 399 20.85 9.61 -4.56
N SER B 400 19.58 9.91 -4.86
CA SER B 400 19.11 11.29 -4.76
C SER B 400 19.19 11.79 -3.31
N THR B 401 18.84 10.93 -2.36
CA THR B 401 18.96 11.30 -0.96
C THR B 401 20.41 11.59 -0.59
N LEU B 402 21.34 10.77 -1.07
CA LEU B 402 22.76 11.03 -0.81
C LEU B 402 23.20 12.35 -1.44
N LEU B 403 22.73 12.63 -2.64
CA LEU B 403 23.07 13.90 -3.29
C LEU B 403 22.56 15.07 -2.46
N ALA B 404 21.35 14.96 -1.94
CA ALA B 404 20.81 16.01 -1.08
C ALA B 404 21.61 16.13 0.22
N LEU B 405 22.08 15.01 0.76
CA LEU B 405 22.75 15.02 2.05
C LEU B 405 24.15 15.60 1.95
N ILE B 406 24.85 15.32 0.85
CA ILE B 406 26.21 15.86 0.72
C ILE B 406 26.19 17.38 0.74
N SER B 407 25.08 17.98 0.30
CA SER B 407 24.97 19.44 0.32
C SER B 407 25.07 19.98 1.75
N ILE B 408 24.46 19.29 2.70
CA ILE B 408 24.41 19.79 4.07
C ILE B 408 25.80 19.91 4.67
N GLU B 409 26.75 19.10 4.17
CA GLU B 409 28.09 19.06 4.75
C GLU B 409 28.88 20.28 4.32
N ARG B 410 28.54 21.41 4.94
CA ARG B 410 29.22 22.68 4.74
C ARG B 410 29.95 23.06 6.02
N GLU B 411 30.65 24.19 5.97
CA GLU B 411 31.37 24.71 7.12
C GLU B 411 30.55 25.71 7.94
N GLU B 412 29.37 26.09 7.46
CA GLU B 412 28.52 27.06 8.14
C GLU B 412 27.08 26.59 8.17
N LEU B 413 26.89 25.28 8.32
CA LEU B 413 25.56 24.66 8.41
C LEU B 413 25.48 23.80 9.66
N THR B 414 25.79 24.40 10.81
CA THR B 414 25.81 23.69 12.08
C THR B 414 24.38 23.50 12.56
N GLY B 415 23.72 22.46 12.03
CA GLY B 415 22.37 22.13 12.41
C GLY B 415 22.10 20.67 12.13
N SER B 416 20.94 20.22 12.57
CA SER B 416 20.55 18.81 12.46
C SER B 416 19.55 18.67 11.31
N HIS B 417 19.98 18.02 10.23
CA HIS B 417 19.18 17.88 9.03
C HIS B 417 18.79 16.42 8.84
N VAL B 418 17.50 16.19 8.57
CA VAL B 418 16.99 14.86 8.26
C VAL B 418 16.20 14.95 6.97
N GLU B 419 16.56 14.13 5.99
CA GLU B 419 15.93 14.17 4.68
C GLU B 419 15.52 12.77 4.26
N SER B 420 14.32 12.67 3.69
CA SER B 420 13.81 11.42 3.13
C SER B 420 13.40 11.72 1.69
N SER B 421 14.26 11.32 0.74
CA SER B 421 13.98 11.49 -0.68
C SER B 421 13.65 12.94 -1.00
N ASP B 422 12.42 13.36 -0.66
CA ASP B 422 11.94 14.70 -0.94
C ASP B 422 11.72 15.52 0.31
N ASP B 423 11.07 14.96 1.33
CA ASP B 423 10.78 15.72 2.53
C ASP B 423 12.07 15.98 3.31
N PHE B 424 12.09 17.09 4.05
CA PHE B 424 13.25 17.42 4.84
C PHE B 424 12.85 18.28 6.03
N ILE B 425 13.59 18.12 7.12
CA ILE B 425 13.43 18.92 8.33
C ILE B 425 14.80 19.27 8.87
N HIS B 426 15.01 20.55 9.17
CA HIS B 426 16.30 21.06 9.62
C HIS B 426 16.10 21.83 10.92
N PHE B 427 16.86 21.46 11.94
CA PHE B 427 16.86 22.15 13.22
C PHE B 427 18.10 23.02 13.30
N PHE B 428 17.90 24.34 13.36
CA PHE B 428 18.98 25.30 13.54
C PHE B 428 19.07 25.68 15.01
N ASN B 429 20.30 25.75 15.51
CA ASN B 429 20.59 26.20 16.88
C ASN B 429 21.73 27.21 16.78
N CYS B 430 21.38 28.47 16.59
CA CYS B 430 22.35 29.53 16.36
C CYS B 430 22.36 30.50 17.53
N LYS B 431 23.19 31.53 17.42
CA LYS B 431 23.35 32.50 18.50
C LYS B 431 22.43 33.71 18.36
N THR B 432 21.89 33.96 17.17
CA THR B 432 21.03 35.12 16.95
C THR B 432 20.17 34.87 15.73
N HIS B 433 19.11 35.67 15.61
CA HIS B 433 18.14 35.47 14.53
C HIS B 433 18.78 35.69 13.17
N GLU B 434 19.61 36.73 13.04
CA GLU B 434 20.26 36.99 11.76
C GLU B 434 21.14 35.81 11.35
N GLU B 435 21.83 35.20 12.30
CA GLU B 435 22.62 34.01 12.00
C GLU B 435 21.72 32.86 11.53
N MET B 436 20.55 32.70 12.15
CA MET B 436 19.63 31.64 11.72
C MET B 436 19.17 31.88 10.29
N PHE B 437 18.83 33.13 9.96
CA PHE B 437 18.42 33.43 8.59
C PHE B 437 19.56 33.19 7.61
N LYS B 438 20.79 33.59 7.99
CA LYS B 438 21.93 33.34 7.13
C LYS B 438 22.14 31.85 6.89
N GLN B 439 22.00 31.05 7.95
CA GLN B 439 22.17 29.60 7.80
C GLN B 439 21.07 28.99 6.94
N ALA B 440 19.83 29.46 7.10
CA ALA B 440 18.75 28.96 6.26
C ALA B 440 19.00 29.30 4.79
N GLU B 441 19.43 30.52 4.51
CA GLU B 441 19.73 30.91 3.14
C GLU B 441 20.91 30.12 2.61
N THR B 442 21.91 29.86 3.44
CA THR B 442 23.04 29.04 3.01
C THR B 442 22.60 27.62 2.66
N LEU B 443 21.69 27.07 3.47
CA LEU B 443 21.15 25.75 3.17
C LEU B 443 20.43 25.74 1.83
N ARG B 444 19.58 26.75 1.61
CA ARG B 444 18.86 26.84 0.35
C ARG B 444 19.83 26.94 -0.83
N LEU B 445 20.85 27.78 -0.70
CA LEU B 445 21.78 28.01 -1.80
C LEU B 445 22.65 26.78 -2.05
N THR B 446 23.02 26.06 -0.99
CA THR B 446 23.79 24.83 -1.20
C THR B 446 22.95 23.76 -1.89
N LEU B 447 21.70 23.61 -1.47
CA LEU B 447 20.81 22.67 -2.15
C LEU B 447 20.68 23.05 -3.62
N LYS B 448 20.57 24.35 -3.93
CA LYS B 448 20.57 24.78 -5.31
C LYS B 448 21.89 24.42 -6.00
N LEU B 449 23.00 24.59 -5.28
CA LEU B 449 24.32 24.25 -5.81
C LEU B 449 24.35 22.81 -6.31
N VAL B 450 23.91 21.88 -5.46
CA VAL B 450 23.86 20.48 -5.88
C VAL B 450 22.80 20.26 -6.95
N GLY B 451 21.73 21.05 -6.94
CA GLY B 451 20.69 20.95 -7.94
C GLY B 451 19.32 20.63 -7.36
N ILE B 452 19.13 20.94 -6.08
CA ILE B 452 17.88 20.70 -5.37
C ILE B 452 17.31 22.03 -4.93
N ASN B 453 16.07 22.30 -5.31
CA ASN B 453 15.39 23.55 -4.99
C ASN B 453 14.28 23.26 -4.00
N MET B 454 14.44 23.76 -2.77
CA MET B 454 13.38 23.61 -1.79
C MET B 454 12.21 24.51 -2.17
N SER B 455 11.00 23.95 -2.13
CA SER B 455 9.84 24.69 -2.58
C SER B 455 9.59 25.88 -1.65
N PRO B 456 9.58 27.11 -2.15
CA PRO B 456 9.39 28.25 -1.23
C PRO B 456 8.05 28.21 -0.52
N SER B 457 7.01 27.74 -1.20
CA SER B 457 5.67 27.74 -0.60
C SER B 457 5.52 26.63 0.44
N LYS B 458 6.11 25.47 0.18
CA LYS B 458 5.97 24.31 1.06
C LYS B 458 7.00 24.27 2.18
N CYS B 459 7.95 25.21 2.19
CA CYS B 459 8.98 25.25 3.23
C CYS B 459 8.60 26.32 4.25
N ILE B 460 8.50 25.92 5.51
CA ILE B 460 8.11 26.82 6.59
C ILE B 460 9.13 26.69 7.72
N LEU B 461 9.61 27.83 8.20
CA LEU B 461 10.54 27.89 9.32
C LEU B 461 9.84 28.51 10.52
N ILE B 462 9.85 27.80 11.64
CA ILE B 462 9.17 28.21 12.86
C ILE B 462 10.22 28.44 13.94
N SER B 463 10.17 29.60 14.58
CA SER B 463 11.11 29.95 15.64
C SER B 463 10.32 30.55 16.81
N PRO B 464 10.56 30.10 18.06
CA PRO B 464 11.50 29.05 18.47
C PRO B 464 11.05 27.66 18.07
N ALA B 465 12.00 26.73 17.96
CA ALA B 465 11.69 25.39 17.50
C ALA B 465 10.81 24.66 18.50
N GLY B 466 10.12 23.63 18.00
CA GLY B 466 9.24 22.84 18.84
C GLY B 466 7.98 22.39 18.13
N ILE B 467 7.76 22.87 16.91
CA ILE B 467 6.61 22.47 16.10
C ILE B 467 7.09 22.23 14.68
N GLY B 468 6.64 21.13 14.09
CA GLY B 468 7.01 20.84 12.72
C GLY B 468 6.38 19.54 12.26
N GLU B 469 6.66 19.20 11.00
CA GLU B 469 6.19 17.96 10.40
C GLU B 469 7.27 17.41 9.49
N PHE B 470 7.30 16.08 9.38
CA PHE B 470 8.29 15.42 8.53
C PHE B 470 7.84 13.98 8.29
N ASN B 471 7.73 13.59 7.03
CA ASN B 471 7.36 12.23 6.66
C ASN B 471 6.07 11.79 7.35
N SER B 472 5.09 12.68 7.36
CA SER B 472 3.77 12.44 7.92
C SER B 472 3.78 12.35 9.44
N LYS B 473 4.92 12.56 10.09
CA LYS B 473 5.02 12.55 11.54
C LYS B 473 5.09 13.98 12.03
N PHE B 474 4.20 14.34 12.95
CA PHE B 474 4.07 15.71 13.43
C PHE B 474 4.73 15.82 14.80
N HIS B 475 5.69 16.73 14.92
CA HIS B 475 6.42 16.95 16.15
C HIS B 475 5.89 18.21 16.83
N HIS B 476 5.51 18.08 18.10
CA HIS B 476 5.03 19.21 18.90
C HIS B 476 5.79 19.20 20.22
N ARG B 477 6.50 20.29 20.49
CA ARG B 477 7.30 20.41 21.71
C ARG B 477 8.19 19.18 21.90
N ASP B 478 7.67 18.17 22.61
CA ASP B 478 8.47 17.00 22.93
C ASP B 478 7.65 15.73 22.71
N PHE B 479 6.94 15.67 21.59
CA PHE B 479 6.12 14.51 21.26
C PHE B 479 5.98 14.41 19.75
N VAL B 480 6.40 13.28 19.18
CA VAL B 480 6.33 13.05 17.75
C VAL B 480 5.20 12.05 17.51
N GLY B 481 4.05 12.53 17.02
CA GLY B 481 2.93 11.69 16.71
C GLY B 481 2.98 11.22 15.27
N ASN B 482 2.91 9.91 15.07
CA ASN B 482 2.95 9.32 13.75
C ASN B 482 1.54 9.23 13.19
N VAL B 483 1.32 9.84 12.03
CA VAL B 483 0.04 9.79 11.34
C VAL B 483 0.25 9.09 10.01
N ALA B 484 -0.53 8.03 9.76
CA ALA B 484 -0.39 7.26 8.54
C ALA B 484 -1.06 7.95 7.38
N THR B 485 -0.50 7.78 6.19
CA THR B 485 -1.11 8.31 4.98
C THR B 485 -2.43 7.60 4.67
N GLU B 486 -2.63 6.38 5.17
CA GLU B 486 -3.86 5.63 4.98
C GLU B 486 -4.14 4.82 6.23
N LEU B 487 -5.41 4.76 6.62
CA LEU B 487 -5.80 3.88 7.70
C LEU B 487 -5.64 2.42 7.25
N PRO B 488 -5.38 1.50 8.18
CA PRO B 488 -5.26 0.10 7.79
C PRO B 488 -6.54 -0.38 7.12
N ALA B 489 -6.37 -1.17 6.06
CA ALA B 489 -7.51 -1.74 5.34
C ALA B 489 -8.14 -2.80 6.24
N LEU B 490 -9.24 -2.45 6.90
CA LEU B 490 -9.91 -3.37 7.82
C LEU B 490 -10.78 -4.36 7.04
N VAL B 491 -10.11 -5.06 6.12
CA VAL B 491 -10.75 -6.08 5.29
C VAL B 491 -9.82 -7.28 5.18
N PRO B 492 -10.39 -8.48 5.10
CA PRO B 492 -9.55 -9.66 4.87
C PRO B 492 -8.78 -9.53 3.57
N ASN B 493 -7.53 -10.00 3.59
CA ASN B 493 -6.67 -9.86 2.42
C ASN B 493 -7.24 -10.61 1.23
N GLY B 494 -7.75 -11.83 1.44
CA GLY B 494 -8.32 -12.61 0.37
C GLY B 494 -7.66 -13.96 0.19
N THR B 495 -6.76 -14.33 1.12
CA THR B 495 -6.07 -15.61 1.01
C THR B 495 -6.92 -16.74 1.56
N ASN B 496 -7.23 -16.69 2.85
CA ASN B 496 -8.02 -17.73 3.51
C ASN B 496 -8.41 -17.22 4.90
N PRO B 497 -9.42 -17.83 5.51
CA PRO B 497 -9.88 -17.32 6.81
C PRO B 497 -8.79 -17.18 7.85
N MET B 498 -8.00 -18.23 8.08
CA MET B 498 -6.98 -18.18 9.12
C MET B 498 -5.89 -17.17 8.78
N THR B 499 -5.37 -17.24 7.56
CA THR B 499 -4.31 -16.31 7.15
C THR B 499 -4.82 -14.88 7.15
N ASP B 500 -6.04 -14.66 6.64
CA ASP B 500 -6.59 -13.31 6.61
C ASP B 500 -6.78 -12.76 8.01
N LEU B 501 -7.31 -13.57 8.91
CA LEU B 501 -7.51 -13.11 10.29
C LEU B 501 -6.17 -12.77 10.94
N ALA B 502 -5.17 -13.64 10.78
CA ALA B 502 -3.87 -13.37 11.36
C ALA B 502 -3.25 -12.11 10.79
N MET B 503 -3.34 -11.93 9.47
CA MET B 503 -2.75 -10.75 8.83
C MET B 503 -3.46 -9.47 9.28
N GLY B 504 -4.80 -9.50 9.36
CA GLY B 504 -5.51 -8.32 9.80
C GLY B 504 -5.19 -7.95 11.25
N LEU B 505 -5.14 -8.95 12.12
CA LEU B 505 -4.77 -8.69 13.50
C LEU B 505 -3.35 -8.14 13.59
N ASN B 506 -2.43 -8.70 12.81
CA ASN B 506 -1.05 -8.21 12.82
C ASN B 506 -0.98 -6.78 12.32
N VAL B 507 -1.76 -6.43 11.29
CA VAL B 507 -1.76 -5.08 10.76
C VAL B 507 -2.29 -4.10 11.81
N ILE B 508 -3.39 -4.46 12.46
CA ILE B 508 -3.94 -3.58 13.50
C ILE B 508 -2.96 -3.43 14.64
N LYS B 509 -2.27 -4.53 15.01
CA LYS B 509 -1.27 -4.46 16.07
C LYS B 509 -0.11 -3.55 15.67
N HIS B 510 0.34 -3.64 14.42
CA HIS B 510 1.42 -2.78 13.95
C HIS B 510 1.00 -1.32 13.98
N SER B 511 -0.25 -1.03 13.60
CA SER B 511 -0.74 0.34 13.69
C SER B 511 -0.85 0.80 15.14
N VAL B 512 -1.20 -0.11 16.05
CA VAL B 512 -1.37 0.26 17.46
C VAL B 512 -0.03 0.58 18.09
N ASN B 513 0.98 -0.26 17.86
CA ASN B 513 2.27 -0.09 18.52
C ASN B 513 3.18 0.90 17.81
N THR B 514 2.77 1.43 16.66
CA THR B 514 3.53 2.47 15.98
C THR B 514 3.11 3.87 16.41
N GLY B 515 2.19 3.99 17.38
CA GLY B 515 1.76 5.27 17.88
C GLY B 515 0.53 5.84 17.21
N GLN B 516 0.01 5.19 16.17
CA GLN B 516 -1.16 5.73 15.47
C GLN B 516 -2.44 5.42 16.24
N MET B 517 -2.73 4.13 16.47
CA MET B 517 -3.95 3.71 17.12
C MET B 517 -3.71 3.51 18.62
N ASN B 518 -4.65 3.99 19.43
CA ASN B 518 -4.63 3.80 20.86
C ASN B 518 -5.61 2.70 21.24
N LEU B 519 -5.85 2.52 22.54
CA LEU B 519 -6.73 1.46 23.00
C LEU B 519 -8.09 1.53 22.33
N CYS B 520 -8.73 2.70 22.41
CA CYS B 520 -10.07 2.84 21.84
C CYS B 520 -10.05 2.67 20.33
N THR B 521 -9.14 3.36 19.65
CA THR B 521 -9.06 3.25 18.20
C THR B 521 -8.71 1.84 17.77
N GLY B 522 -7.78 1.20 18.47
CA GLY B 522 -7.41 -0.17 18.13
C GLY B 522 -8.57 -1.13 18.29
N ALA B 523 -9.28 -1.04 19.41
CA ALA B 523 -10.42 -1.92 19.63
C ALA B 523 -11.52 -1.68 18.61
N LEU B 524 -11.80 -0.42 18.29
CA LEU B 524 -12.83 -0.12 17.30
C LEU B 524 -12.42 -0.64 15.93
N ALA B 525 -11.15 -0.47 15.56
CA ALA B 525 -10.67 -0.99 14.29
C ALA B 525 -10.79 -2.50 14.24
N MET B 526 -10.47 -3.17 15.35
CA MET B 526 -10.63 -4.62 15.39
C MET B 526 -12.08 -5.02 15.24
N ARG B 527 -12.99 -4.30 15.88
CA ARG B 527 -14.42 -4.63 15.77
C ARG B 527 -14.88 -4.48 14.32
N ILE B 528 -14.47 -3.40 13.67
CA ILE B 528 -14.85 -3.19 12.27
C ILE B 528 -14.25 -4.29 11.40
N PHE B 529 -12.98 -4.63 11.63
CA PHE B 529 -12.34 -5.68 10.85
C PHE B 529 -13.02 -7.02 11.07
N ASN B 530 -13.42 -7.31 12.31
CA ASN B 530 -14.12 -8.56 12.59
C ASN B 530 -15.44 -8.62 11.85
N HIS B 531 -16.19 -7.51 11.84
CA HIS B 531 -17.44 -7.50 11.10
C HIS B 531 -17.20 -7.73 9.61
N ALA B 532 -16.22 -7.03 9.04
CA ALA B 532 -15.93 -7.19 7.61
C ALA B 532 -15.45 -8.61 7.30
N TYR B 533 -14.63 -9.17 8.18
CA TYR B 533 -14.07 -10.50 7.97
C TYR B 533 -15.15 -11.57 8.06
N LYS B 534 -16.09 -11.43 9.01
CA LYS B 534 -17.21 -12.35 9.07
C LYS B 534 -18.10 -12.22 7.83
N TYR B 535 -18.34 -10.97 7.38
CA TYR B 535 -19.17 -10.80 6.20
C TYR B 535 -18.53 -11.40 4.96
N ALA B 536 -17.21 -11.23 4.81
CA ALA B 536 -16.55 -11.67 3.58
C ALA B 536 -16.65 -13.18 3.39
N TYR B 537 -16.72 -13.94 4.49
CA TYR B 537 -16.72 -15.40 4.43
C TYR B 537 -18.11 -15.99 4.62
N MET B 538 -19.16 -15.19 4.46
CA MET B 538 -20.53 -15.68 4.53
C MET B 538 -20.81 -16.35 5.87
N ALA B 539 -20.60 -15.58 6.94
CA ALA B 539 -20.82 -16.08 8.29
C ALA B 539 -21.49 -15.03 9.16
N LEU B 540 -22.32 -14.17 8.58
CA LEU B 540 -22.97 -13.08 9.30
C LEU B 540 -24.48 -13.26 9.37
N GLY B 541 -25.15 -13.41 8.22
CA GLY B 541 -26.60 -13.54 8.20
C GLY B 541 -27.05 -14.93 7.82
N VAL B 542 -27.98 -15.02 6.87
CA VAL B 542 -28.48 -16.29 6.36
C VAL B 542 -27.80 -16.52 5.02
N THR B 543 -26.79 -17.39 5.02
CA THR B 543 -26.01 -17.70 3.83
C THR B 543 -25.91 -19.20 3.66
N ARG B 544 -25.24 -19.64 2.60
CA ARG B 544 -25.08 -21.06 2.36
C ARG B 544 -24.28 -21.72 3.46
N ARG B 545 -23.21 -21.08 3.92
CA ARG B 545 -22.37 -21.65 4.97
C ARG B 545 -23.14 -21.83 6.27
N THR B 546 -23.79 -20.75 6.72
CA THR B 546 -24.53 -20.82 7.98
C THR B 546 -25.69 -21.81 7.89
N ARG B 547 -26.40 -21.81 6.75
CA ARG B 547 -27.50 -22.74 6.58
C ARG B 547 -27.00 -24.19 6.61
N PHE B 548 -25.89 -24.46 5.92
CA PHE B 548 -25.34 -25.80 5.92
C PHE B 548 -24.92 -26.23 7.32
N MET B 549 -24.27 -25.32 8.06
CA MET B 549 -23.84 -25.66 9.42
C MET B 549 -25.03 -25.92 10.32
N GLU B 550 -26.08 -25.11 10.21
CA GLU B 550 -27.26 -25.31 11.05
C GLU B 550 -27.97 -26.61 10.70
N GLU B 551 -28.09 -26.93 9.41
CA GLU B 551 -28.80 -28.12 9.00
C GLU B 551 -28.09 -29.40 9.43
N ASN B 552 -26.79 -29.34 9.70
CA ASN B 552 -26.01 -30.51 10.10
C ASN B 552 -25.53 -30.43 11.54
N ALA B 553 -26.06 -29.51 12.34
CA ALA B 553 -25.70 -29.38 13.74
C ALA B 553 -24.20 -29.21 13.92
N ILE B 554 -23.58 -28.44 13.02
CA ILE B 554 -22.16 -28.12 13.11
C ILE B 554 -22.05 -26.85 13.95
N THR B 555 -21.71 -27.00 15.22
CA THR B 555 -21.62 -25.85 16.09
C THR B 555 -20.51 -24.92 15.61
N PRO B 556 -20.78 -23.62 15.45
CA PRO B 556 -19.70 -22.70 15.08
C PRO B 556 -18.62 -22.63 16.15
N LEU B 557 -17.40 -22.97 15.75
CA LEU B 557 -16.27 -23.01 16.68
C LEU B 557 -15.21 -21.95 16.40
N LEU B 558 -15.11 -21.48 15.16
CA LEU B 558 -14.12 -20.49 14.77
C LEU B 558 -14.79 -19.15 14.45
N THR B 559 -13.98 -18.10 14.43
CA THR B 559 -14.52 -16.76 14.17
C THR B 559 -15.15 -16.68 12.79
N ASN B 560 -14.50 -17.26 11.78
CA ASN B 560 -15.06 -17.26 10.44
C ASN B 560 -16.30 -18.15 10.32
N GLN B 561 -16.57 -19.00 11.31
CA GLN B 561 -17.74 -19.85 11.30
C GLN B 561 -18.96 -19.19 11.92
N GLY B 562 -18.84 -17.94 12.38
CA GLY B 562 -19.91 -17.25 13.05
C GLY B 562 -19.79 -17.21 14.56
N ALA B 563 -18.83 -17.91 15.13
CA ALA B 563 -18.64 -17.88 16.57
C ALA B 563 -18.25 -16.48 17.02
N SER B 564 -18.45 -16.22 18.31
CA SER B 564 -18.11 -14.92 18.85
C SER B 564 -16.60 -14.69 18.74
N PRO B 565 -16.17 -13.43 18.57
CA PRO B 565 -14.73 -13.17 18.44
C PRO B 565 -13.97 -13.51 19.71
N VAL B 566 -13.10 -14.52 19.64
CA VAL B 566 -12.30 -14.91 20.80
C VAL B 566 -11.13 -13.95 21.02
N HIS B 567 -10.73 -13.20 20.00
CA HIS B 567 -9.61 -12.30 20.13
C HIS B 567 -9.98 -11.07 20.95
N SER B 568 -9.00 -10.51 21.63
CA SER B 568 -9.14 -9.28 22.40
C SER B 568 -8.00 -8.33 22.04
N PHE B 569 -8.02 -7.14 22.62
CA PHE B 569 -6.96 -6.18 22.35
C PHE B 569 -5.62 -6.71 22.87
N SER B 570 -5.61 -7.27 24.08
CA SER B 570 -4.39 -7.86 24.59
C SER B 570 -3.94 -9.05 23.75
N THR B 571 -4.89 -9.89 23.34
CA THR B 571 -4.59 -11.09 22.58
C THR B 571 -4.72 -10.84 21.07
N MET B 572 -4.06 -9.81 20.58
CA MET B 572 -4.01 -9.55 19.14
C MET B 572 -2.92 -10.33 18.45
N HIS B 573 -2.07 -11.02 19.20
CA HIS B 573 -0.97 -11.80 18.63
C HIS B 573 -1.15 -13.30 18.77
N LEU B 574 -1.96 -13.76 19.72
CA LEU B 574 -2.18 -15.19 19.89
C LEU B 574 -2.93 -15.76 18.69
N ASP B 575 -2.62 -17.00 18.35
CA ASP B 575 -3.33 -17.68 17.29
C ASP B 575 -4.75 -18.02 17.72
N GLU B 576 -5.68 -17.98 16.76
CA GLU B 576 -7.07 -18.26 17.08
C GLU B 576 -7.23 -19.69 17.59
N VAL B 577 -6.63 -20.66 16.89
CA VAL B 577 -6.79 -22.06 17.27
C VAL B 577 -6.18 -22.32 18.64
N ALA B 578 -4.96 -21.82 18.86
CA ALA B 578 -4.29 -22.05 20.14
C ALA B 578 -5.05 -21.39 21.29
N LEU B 579 -5.51 -20.16 21.09
CA LEU B 579 -6.26 -19.47 22.13
C LEU B 579 -7.56 -20.20 22.44
N ARG B 580 -8.28 -20.63 21.39
CA ARG B 580 -9.52 -21.37 21.62
C ARG B 580 -9.26 -22.67 22.36
N ARG B 581 -8.19 -23.38 21.99
CA ARG B 581 -7.85 -24.62 22.69
C ARG B 581 -7.55 -24.35 24.15
N HIS B 582 -6.78 -23.31 24.45
CA HIS B 582 -6.47 -22.99 25.84
C HIS B 582 -7.72 -22.65 26.62
N LEU B 583 -8.62 -21.85 26.02
CA LEU B 583 -9.85 -21.46 26.68
C LEU B 583 -10.86 -22.61 26.77
N GLY B 584 -10.61 -23.72 26.10
CA GLY B 584 -11.54 -24.84 26.11
C GLY B 584 -12.65 -24.75 25.10
N LEU B 585 -12.64 -23.73 24.22
CA LEU B 585 -13.69 -23.62 23.22
C LEU B 585 -13.57 -24.70 22.16
N LEU B 586 -12.37 -25.27 21.98
CA LEU B 586 -12.15 -26.37 21.06
C LEU B 586 -11.73 -27.61 21.85
N ASP B 587 -12.34 -28.75 21.53
CA ASP B 587 -12.00 -29.99 22.19
C ASP B 587 -10.94 -30.75 21.40
N GLU B 588 -10.43 -31.82 22.00
CA GLU B 588 -9.34 -32.57 21.37
C GLU B 588 -9.77 -33.18 20.05
N GLU B 589 -10.99 -33.72 19.98
CA GLU B 589 -11.44 -34.36 18.75
C GLU B 589 -11.54 -33.35 17.61
N THR B 590 -12.11 -32.18 17.88
CA THR B 590 -12.22 -31.16 16.84
C THR B 590 -10.84 -30.71 16.37
N LEU B 591 -9.90 -30.54 17.31
CA LEU B 591 -8.55 -30.16 16.93
C LEU B 591 -7.90 -31.23 16.07
N ARG B 592 -8.09 -32.51 16.43
CA ARG B 592 -7.53 -33.59 15.63
C ARG B 592 -8.11 -33.58 14.22
N ARG B 593 -9.42 -33.38 14.10
CA ARG B 593 -10.04 -33.35 12.79
C ARG B 593 -9.59 -32.13 11.97
N ILE B 594 -9.37 -31.00 12.64
CA ILE B 594 -9.05 -29.76 11.92
C ILE B 594 -7.59 -29.76 11.48
N LEU B 595 -6.67 -30.06 12.38
CA LEU B 595 -5.24 -29.97 12.11
C LEU B 595 -4.68 -31.22 11.47
N ASN B 596 -5.51 -32.21 11.17
CA ASN B 596 -5.06 -33.43 10.50
C ASN B 596 -4.27 -33.06 9.25
N PRO B 597 -2.96 -33.32 9.22
CA PRO B 597 -2.17 -32.91 8.04
C PRO B 597 -2.59 -33.59 6.75
N ASN B 598 -3.37 -34.67 6.83
CA ASN B 598 -3.79 -35.41 5.65
C ASN B 598 -5.09 -34.89 5.05
N ASN B 599 -5.65 -33.81 5.60
CA ASN B 599 -6.89 -33.27 5.05
C ASN B 599 -6.63 -32.75 3.63
N PRO B 600 -7.62 -32.84 2.75
CA PRO B 600 -7.40 -32.49 1.34
C PRO B 600 -7.61 -31.01 1.00
N VAL B 601 -7.70 -30.12 1.99
CA VAL B 601 -8.00 -28.73 1.74
C VAL B 601 -6.88 -27.83 2.26
N THR B 602 -5.66 -28.32 2.22
CA THR B 602 -4.50 -27.53 2.61
C THR B 602 -3.29 -28.02 1.85
N GLN B 603 -2.54 -27.07 1.27
CA GLN B 603 -1.31 -27.40 0.55
C GLN B 603 -0.49 -26.13 0.39
N LYS B 604 0.80 -26.32 0.12
CA LYS B 604 1.72 -25.20 -0.09
C LYS B 604 2.49 -25.38 -1.39
N GLN B 619 8.28 -8.98 4.34
CA GLN B 619 9.23 -8.28 5.21
C GLN B 619 8.61 -8.03 6.59
N ILE B 620 7.49 -7.31 6.60
CA ILE B 620 6.79 -6.98 7.84
C ILE B 620 5.37 -7.55 7.76
N MET B 621 5.22 -8.68 7.07
CA MET B 621 3.92 -9.32 6.87
C MET B 621 4.00 -10.78 7.29
N GLU B 622 4.55 -11.03 8.47
CA GLU B 622 4.70 -12.39 8.97
C GLU B 622 3.33 -13.04 9.16
N ASP B 623 3.27 -14.34 8.89
CA ASP B 623 2.06 -15.13 9.07
C ASP B 623 2.40 -16.32 9.96
N TYR B 624 1.85 -16.34 11.18
CA TYR B 624 2.11 -17.39 12.15
C TYR B 624 0.92 -18.31 12.34
N SER B 625 -0.04 -18.29 11.43
CA SER B 625 -1.20 -19.17 11.53
C SER B 625 -0.78 -20.62 11.32
N VAL B 626 -1.36 -21.51 12.14
CA VAL B 626 -1.05 -22.93 12.06
C VAL B 626 -1.69 -23.50 10.79
N PRO B 627 -1.13 -24.55 10.19
CA PRO B 627 -1.71 -25.12 8.97
C PRO B 627 -2.91 -26.02 9.24
N SER B 628 -4.06 -25.40 9.43
CA SER B 628 -5.29 -26.10 9.70
C SER B 628 -6.02 -26.41 8.39
N CYS B 629 -7.19 -27.05 8.51
CA CYS B 629 -7.99 -27.34 7.33
C CYS B 629 -8.61 -26.08 6.73
N PHE B 630 -8.66 -25.00 7.49
CA PHE B 630 -9.21 -23.73 7.01
C PHE B 630 -8.19 -22.86 6.30
N LYS B 631 -6.93 -23.29 6.25
CA LYS B 631 -5.89 -22.56 5.52
C LYS B 631 -5.83 -23.02 4.07
N TYR B 632 -6.97 -22.95 3.39
CA TYR B 632 -7.10 -23.44 2.03
C TYR B 632 -6.68 -22.37 1.02
N THR B 633 -6.83 -22.69 -0.26
CA THR B 633 -6.51 -21.78 -1.35
C THR B 633 -7.69 -21.69 -2.30
N LEU B 634 -7.96 -20.47 -2.78
CA LEU B 634 -9.07 -20.24 -3.69
C LEU B 634 -8.61 -20.43 -5.13
N SER B 635 -9.44 -21.14 -5.90
CA SER B 635 -9.13 -21.44 -7.29
C SER B 635 -9.33 -20.19 -8.12
N ARG B 636 -8.23 -19.54 -8.49
CA ARG B 636 -8.27 -18.30 -9.26
C ARG B 636 -8.22 -18.63 -10.75
N ASN B 637 -9.34 -18.46 -11.43
CA ASN B 637 -9.42 -18.72 -12.86
C ASN B 637 -10.64 -18.04 -13.47
N HIS B 645 0.63 -15.57 -25.74
CA HIS B 645 0.75 -15.65 -24.29
C HIS B 645 0.55 -17.08 -23.81
N LYS B 646 -0.11 -17.89 -24.63
CA LYS B 646 -0.36 -19.29 -24.27
C LYS B 646 0.93 -20.11 -24.21
N ALA B 647 2.04 -19.59 -24.73
CA ALA B 647 3.32 -20.27 -24.68
C ALA B 647 4.09 -19.99 -23.40
N LEU B 648 3.51 -19.22 -22.47
CA LEU B 648 4.15 -18.89 -21.21
C LEU B 648 3.50 -19.52 -20.00
N LEU B 649 2.17 -19.71 -20.03
CA LEU B 649 1.51 -20.39 -18.92
C LEU B 649 1.98 -21.84 -18.82
N ASN B 650 2.19 -22.50 -19.96
CA ASN B 650 2.72 -23.85 -19.94
C ASN B 650 4.12 -23.87 -19.31
N LYS B 651 4.96 -22.88 -19.64
CA LYS B 651 6.27 -22.80 -19.03
C LYS B 651 6.17 -22.58 -17.53
N GLU B 652 5.24 -21.73 -17.10
CA GLU B 652 5.07 -21.51 -15.66
C GLU B 652 4.63 -22.79 -14.95
N GLU B 653 3.69 -23.53 -15.54
CA GLU B 653 3.25 -24.79 -14.93
C GLU B 653 4.38 -25.80 -14.90
N ARG B 654 5.18 -25.86 -15.96
CA ARG B 654 6.32 -26.77 -15.99
C ARG B 654 7.33 -26.42 -14.92
N TYR B 655 7.62 -25.13 -14.73
CA TYR B 655 8.53 -24.73 -13.67
C TYR B 655 7.93 -25.04 -12.30
N GLN B 656 6.61 -24.89 -12.16
CA GLN B 656 5.97 -25.23 -10.89
C GLN B 656 6.15 -26.71 -10.57
N ARG B 657 5.94 -27.57 -11.57
CA ARG B 657 6.14 -29.00 -11.35
C ARG B 657 7.60 -29.30 -11.01
N VAL B 658 8.54 -28.65 -11.71
CA VAL B 658 9.95 -28.89 -11.45
C VAL B 658 10.32 -28.49 -10.01
N THR B 659 9.85 -27.33 -9.57
CA THR B 659 10.16 -26.88 -8.23
C THR B 659 9.47 -27.75 -7.19
N SER B 660 8.27 -28.25 -7.47
CA SER B 660 7.61 -29.15 -6.53
C SER B 660 8.39 -30.45 -6.37
N ILE B 661 8.83 -31.03 -7.49
CA ILE B 661 9.58 -32.27 -7.40
C ILE B 661 10.91 -32.04 -6.69
N ILE B 662 11.54 -30.88 -6.94
CA ILE B 662 12.77 -30.56 -6.23
C ILE B 662 12.51 -30.43 -4.74
N ASN B 663 11.43 -29.74 -4.37
CA ASN B 663 11.14 -29.52 -2.96
C ASN B 663 10.90 -30.84 -2.23
N LYS B 664 10.16 -31.76 -2.85
CA LYS B 664 9.90 -33.03 -2.19
C LYS B 664 11.13 -33.93 -2.21
N LEU B 665 11.97 -33.84 -3.24
CA LEU B 665 13.16 -34.67 -3.35
C LEU B 665 14.38 -34.04 -2.71
N PHE B 666 14.47 -32.71 -2.66
CA PHE B 666 15.55 -31.99 -2.02
C PHE B 666 15.01 -31.36 -0.75
N PRO B 667 15.04 -32.06 0.39
CA PRO B 667 14.61 -31.45 1.64
C PRO B 667 15.69 -30.56 2.26
N GLU B 668 16.28 -29.71 1.44
CA GLU B 668 17.32 -28.79 1.88
C GLU B 668 17.18 -27.41 1.29
N VAL B 669 16.38 -27.24 0.22
CA VAL B 669 16.25 -25.95 -0.45
C VAL B 669 15.25 -25.03 0.23
N LEU B 670 14.46 -25.54 1.17
CA LEU B 670 13.53 -24.73 1.94
C LEU B 670 14.18 -24.08 3.16
N ILE B 671 15.45 -24.40 3.43
CA ILE B 671 16.15 -23.88 4.59
C ILE B 671 17.25 -22.91 4.19
N GLN B 672 17.93 -23.17 3.08
CA GLN B 672 19.03 -22.32 2.61
C GLN B 672 18.88 -22.06 1.12
N GLU B 673 19.49 -20.97 0.67
CA GLU B 673 19.49 -20.65 -0.74
C GLU B 673 20.10 -21.80 -1.55
N ALA B 674 19.46 -22.16 -2.65
CA ALA B 674 19.94 -23.25 -3.47
C ALA B 674 21.37 -23.01 -3.92
N SER B 675 22.20 -24.04 -3.85
CA SER B 675 23.59 -23.93 -4.25
C SER B 675 24.14 -25.34 -4.44
N ALA B 676 24.72 -25.59 -5.61
CA ALA B 676 25.34 -26.88 -5.89
C ALA B 676 26.18 -26.77 -7.17
N PRO B 677 27.41 -27.30 -7.18
CA PRO B 677 28.21 -27.23 -8.41
C PRO B 677 27.70 -28.20 -9.47
N GLY B 678 27.06 -27.65 -10.50
CA GLY B 678 26.49 -28.44 -11.57
C GLY B 678 25.10 -27.94 -11.90
N THR B 679 24.42 -28.68 -12.78
CA THR B 679 23.09 -28.32 -13.22
C THR B 679 22.04 -29.05 -12.37
N VAL B 680 20.77 -28.82 -12.72
CA VAL B 680 19.69 -29.45 -11.98
C VAL B 680 19.74 -30.96 -12.15
N ARG B 681 20.03 -31.44 -13.36
CA ARG B 681 20.00 -32.87 -13.63
C ARG B 681 21.00 -33.61 -12.76
N GLU B 682 22.23 -33.11 -12.67
CA GLU B 682 23.27 -33.81 -11.91
C GLU B 682 22.90 -33.89 -10.44
N SER B 683 22.53 -32.76 -9.84
CA SER B 683 22.19 -32.75 -8.42
C SER B 683 20.98 -33.63 -8.14
N LEU B 684 19.95 -33.56 -8.99
CA LEU B 684 18.77 -34.38 -8.78
C LEU B 684 19.10 -35.86 -8.89
N LYS B 685 19.91 -36.23 -9.88
CA LYS B 685 20.31 -37.63 -10.02
C LYS B 685 21.08 -38.11 -8.79
N ARG B 686 22.02 -37.30 -8.32
CA ARG B 686 22.81 -37.68 -7.15
C ARG B 686 21.91 -37.86 -5.93
N ARG B 687 21.01 -36.90 -5.69
CA ARG B 687 20.13 -36.99 -4.53
C ARG B 687 19.21 -38.20 -4.63
N LEU B 688 18.63 -38.44 -5.81
CA LEU B 688 17.73 -39.58 -5.96
C LEU B 688 18.46 -40.89 -5.77
N GLU B 689 19.68 -41.01 -6.31
CA GLU B 689 20.46 -42.22 -6.11
C GLU B 689 20.77 -42.44 -4.64
N LEU B 690 21.19 -41.37 -3.94
CA LEU B 690 21.52 -41.51 -2.52
C LEU B 690 20.28 -41.92 -1.73
N VAL B 691 19.13 -41.33 -2.04
CA VAL B 691 17.91 -41.67 -1.31
C VAL B 691 17.50 -43.11 -1.56
N VAL B 692 17.49 -43.53 -2.83
CA VAL B 692 17.03 -44.88 -3.16
C VAL B 692 17.97 -45.92 -2.57
N GLU B 693 19.28 -45.71 -2.73
CA GLU B 693 20.26 -46.68 -2.26
C GLU B 693 20.37 -46.72 -0.74
N ARG B 694 19.82 -45.74 -0.04
CA ARG B 694 19.86 -45.71 1.42
C ARG B 694 18.63 -46.33 2.06
N SER B 695 17.65 -46.76 1.26
CA SER B 695 16.45 -47.37 1.81
C SER B 695 16.71 -48.81 2.25
N ASP B 696 15.82 -49.32 3.09
CA ASP B 696 15.93 -50.68 3.60
C ASP B 696 15.27 -51.72 2.71
N LEU B 697 14.77 -51.32 1.53
CA LEU B 697 14.11 -52.26 0.65
C LEU B 697 15.11 -53.27 0.10
N ASP B 698 14.58 -54.42 -0.33
CA ASP B 698 15.42 -55.48 -0.85
C ASP B 698 16.06 -55.07 -2.18
N GLU B 699 17.05 -55.85 -2.61
CA GLU B 699 17.76 -55.54 -3.84
C GLU B 699 16.83 -55.57 -5.04
N GLU B 700 15.94 -56.56 -5.09
CA GLU B 700 15.03 -56.67 -6.24
C GLU B 700 14.12 -55.44 -6.34
N ARG B 701 13.56 -55.02 -5.20
CA ARG B 701 12.69 -53.84 -5.23
C ARG B 701 13.47 -52.58 -5.60
N LYS B 702 14.71 -52.44 -5.10
CA LYS B 702 15.52 -51.30 -5.46
C LYS B 702 15.80 -51.29 -6.96
N LYS B 703 16.13 -52.45 -7.53
CA LYS B 703 16.38 -52.51 -8.96
C LYS B 703 15.12 -52.20 -9.76
N ARG B 704 13.97 -52.69 -9.29
CA ARG B 704 12.71 -52.38 -9.97
C ARG B 704 12.45 -50.88 -9.96
N ILE B 705 12.69 -50.23 -8.82
CA ILE B 705 12.48 -48.78 -8.74
C ILE B 705 13.44 -48.06 -9.67
N LEU B 706 14.71 -48.45 -9.66
CA LEU B 706 15.72 -47.76 -10.46
C LEU B 706 15.44 -47.92 -11.95
N SER B 707 15.02 -49.11 -12.38
CA SER B 707 14.79 -49.36 -13.80
C SER B 707 13.75 -48.42 -14.37
N ARG B 708 12.74 -48.05 -13.57
CA ARG B 708 11.71 -47.14 -14.02
C ARG B 708 12.22 -45.72 -14.21
N ILE B 709 13.40 -45.40 -13.69
CA ILE B 709 13.95 -44.06 -13.84
C ILE B 709 14.34 -43.81 -15.30
N PHE B 710 13.90 -42.69 -15.84
CA PHE B 710 14.21 -42.33 -17.22
C PHE B 710 15.58 -41.67 -17.33
N ALA C 7 6.74 -50.82 2.66
CA ALA C 7 5.90 -50.72 1.48
C ALA C 7 5.64 -49.25 1.12
N GLU C 8 5.41 -48.43 2.15
CA GLU C 8 5.17 -47.01 1.92
C GLU C 8 6.40 -46.36 1.29
N SER C 9 7.59 -46.71 1.77
CA SER C 9 8.81 -46.17 1.17
C SER C 9 8.93 -46.56 -0.29
N GLU C 10 8.63 -47.82 -0.61
CA GLU C 10 8.70 -48.26 -2.01
C GLU C 10 7.69 -47.53 -2.88
N CYS C 11 6.47 -47.34 -2.37
CA CYS C 11 5.47 -46.62 -3.15
C CYS C 11 5.89 -45.17 -3.38
N THR C 12 6.43 -44.53 -2.34
CA THR C 12 6.91 -43.16 -2.49
C THR C 12 8.04 -43.09 -3.50
N LEU C 13 8.97 -44.04 -3.45
CA LEU C 13 10.07 -44.03 -4.40
C LEU C 13 9.57 -44.27 -5.83
N ARG C 14 8.58 -45.14 -6.01
CA ARG C 14 8.01 -45.34 -7.34
C ARG C 14 7.33 -44.08 -7.85
N ALA C 15 6.60 -43.39 -6.97
CA ALA C 15 5.98 -42.13 -7.36
C ALA C 15 7.03 -41.10 -7.74
N LEU C 16 8.14 -41.04 -6.97
CA LEU C 16 9.21 -40.11 -7.30
C LEU C 16 9.86 -40.46 -8.62
N VAL C 17 9.98 -41.76 -8.92
CA VAL C 17 10.56 -42.17 -10.20
C VAL C 17 9.63 -41.78 -11.35
N GLU C 18 8.32 -41.93 -11.15
CA GLU C 18 7.36 -41.47 -12.16
C GLU C 18 7.48 -39.96 -12.37
N GLU C 19 7.63 -39.22 -11.27
CA GLU C 19 7.80 -37.77 -11.38
C GLU C 19 9.09 -37.42 -12.10
N TYR C 20 10.16 -38.18 -11.83
CA TYR C 20 11.42 -37.97 -12.54
C TYR C 20 11.26 -38.23 -14.03
N ASN C 21 10.54 -39.29 -14.40
CA ASN C 21 10.23 -39.52 -15.80
C ASN C 21 9.49 -38.33 -16.39
N GLY C 22 8.46 -37.85 -15.69
CA GLY C 22 7.71 -36.71 -16.20
C GLY C 22 8.57 -35.48 -16.38
N ALA C 23 9.47 -35.22 -15.43
CA ALA C 23 10.34 -34.06 -15.48
C ALA C 23 11.32 -34.16 -16.63
N CYS C 24 11.94 -35.32 -16.81
CA CYS C 24 12.95 -35.47 -17.85
C CYS C 24 12.32 -35.53 -19.24
N LYS C 25 11.06 -35.96 -19.33
CA LYS C 25 10.42 -36.11 -20.63
C LYS C 25 9.68 -34.85 -21.05
N GLU C 26 9.04 -34.16 -20.09
CA GLU C 26 8.26 -32.98 -20.42
C GLU C 26 9.08 -31.70 -20.36
N ALA C 27 10.09 -31.65 -19.50
CA ALA C 27 10.89 -30.44 -19.29
C ALA C 27 12.37 -30.71 -19.53
N PRO C 28 12.73 -31.25 -20.69
CA PRO C 28 14.16 -31.49 -20.96
C PRO C 28 14.99 -30.22 -20.95
N LYS C 29 14.44 -29.12 -21.44
CA LYS C 29 15.21 -27.87 -21.49
C LYS C 29 15.44 -27.30 -20.10
N GLU C 30 14.40 -27.31 -19.26
CA GLU C 30 14.54 -26.73 -17.92
C GLU C 30 15.43 -27.60 -17.04
N MET C 31 15.39 -28.92 -17.22
CA MET C 31 16.17 -29.83 -16.40
C MET C 31 17.67 -29.67 -16.59
N SER C 32 18.12 -29.03 -17.66
CA SER C 32 19.54 -28.84 -17.92
C SER C 32 20.08 -27.51 -17.41
N LYS C 33 19.24 -26.67 -16.82
CA LYS C 33 19.70 -25.37 -16.33
C LYS C 33 20.39 -25.54 -14.98
N GLN C 34 21.14 -24.50 -14.60
CA GLN C 34 21.92 -24.55 -13.38
C GLN C 34 21.01 -24.77 -12.18
N PHE C 35 21.50 -25.52 -11.20
CA PHE C 35 20.71 -25.79 -10.00
C PHE C 35 20.38 -24.51 -9.26
N THR C 36 21.34 -23.58 -9.18
CA THR C 36 21.07 -22.30 -8.56
C THR C 36 19.94 -21.56 -9.28
N ASP C 37 19.75 -21.84 -10.57
CA ASP C 37 18.64 -21.25 -11.32
C ASP C 37 17.31 -21.52 -10.64
N TYR C 38 17.24 -22.50 -9.75
CA TYR C 38 16.03 -22.72 -8.96
C TYR C 38 15.57 -21.44 -8.31
N ASN C 39 16.49 -20.72 -7.66
CA ASN C 39 16.11 -19.50 -6.96
C ASN C 39 15.41 -18.52 -7.91
N THR C 40 15.77 -18.56 -9.19
CA THR C 40 15.11 -17.67 -10.15
C THR C 40 13.69 -18.12 -10.45
N PHE C 41 13.47 -19.42 -10.66
CA PHE C 41 12.17 -19.89 -11.12
C PHE C 41 11.35 -20.55 -10.01
N LYS C 42 11.80 -20.45 -8.75
CA LYS C 42 10.92 -20.81 -7.65
C LYS C 42 9.88 -19.72 -7.39
N ARG C 43 10.20 -18.48 -7.73
CA ARG C 43 9.29 -17.35 -7.65
C ARG C 43 8.58 -17.08 -8.97
N TYR C 44 8.79 -17.93 -9.97
CA TYR C 44 8.15 -17.74 -11.27
C TYR C 44 6.64 -17.65 -11.09
N THR C 45 6.05 -16.63 -11.71
CA THR C 45 4.61 -16.39 -11.60
C THR C 45 4.18 -15.43 -12.69
N THR C 46 3.14 -15.81 -13.44
CA THR C 46 2.56 -14.94 -14.44
C THR C 46 1.51 -14.00 -13.86
N SER C 47 0.94 -14.33 -12.71
CA SER C 47 -0.01 -13.43 -12.07
C SER C 47 0.68 -12.13 -11.72
N LYS C 48 0.02 -11.02 -12.05
CA LYS C 48 0.56 -9.71 -11.72
C LYS C 48 0.33 -9.40 -10.25
N LYS C 49 0.97 -8.32 -9.78
CA LYS C 49 0.73 -7.85 -8.42
C LYS C 49 -0.66 -7.25 -8.35
N ASP C 50 -1.64 -8.07 -7.94
CA ASP C 50 -3.04 -7.68 -8.04
C ASP C 50 -3.29 -6.31 -7.43
N HIS C 51 -2.68 -6.03 -6.28
CA HIS C 51 -2.85 -4.79 -5.53
C HIS C 51 -4.22 -4.70 -4.88
N ALA C 52 -5.11 -5.66 -5.11
CA ALA C 52 -6.42 -5.65 -4.49
C ALA C 52 -7.04 -7.04 -4.52
N PRO C 53 -6.44 -8.03 -3.86
CA PRO C 53 -7.12 -9.32 -3.72
C PRO C 53 -8.28 -9.25 -2.76
N GLN C 54 -8.23 -8.35 -1.78
CA GLN C 54 -9.36 -8.14 -0.88
C GLN C 54 -10.60 -7.70 -1.63
N MET C 55 -10.42 -6.95 -2.72
CA MET C 55 -11.56 -6.51 -3.51
C MET C 55 -12.24 -7.68 -4.21
N ARG C 56 -11.46 -8.67 -4.66
CA ARG C 56 -12.02 -9.85 -5.32
C ARG C 56 -12.39 -10.96 -4.35
N LEU C 57 -12.05 -10.82 -3.06
CA LEU C 57 -12.32 -11.88 -2.11
C LEU C 57 -13.82 -12.15 -2.00
N VAL C 58 -14.63 -11.11 -1.96
CA VAL C 58 -16.07 -11.30 -1.77
C VAL C 58 -16.64 -12.13 -2.91
N TYR C 59 -16.26 -11.81 -4.14
N TYR C 59 -16.26 -11.81 -4.14
CA TYR C 59 -16.73 -12.59 -5.29
CA TYR C 59 -16.73 -12.58 -5.29
C TYR C 59 -16.18 -14.00 -5.25
C TYR C 59 -16.18 -14.00 -5.24
N SER C 60 -14.89 -14.16 -4.91
CA SER C 60 -14.29 -15.49 -4.92
C SER C 60 -14.95 -16.42 -3.92
N VAL C 61 -15.23 -15.92 -2.71
CA VAL C 61 -15.83 -16.77 -1.69
C VAL C 61 -17.21 -17.24 -2.12
N ARG C 62 -17.95 -16.38 -2.82
CA ARG C 62 -19.32 -16.69 -3.23
C ARG C 62 -19.39 -17.44 -4.55
N LYS C 63 -18.25 -17.81 -5.12
CA LYS C 63 -18.25 -18.62 -6.33
C LYS C 63 -18.83 -19.99 -6.03
N PRO C 64 -19.34 -20.69 -7.06
CA PRO C 64 -19.88 -22.03 -6.81
C PRO C 64 -18.85 -23.01 -6.26
N TRP C 65 -17.63 -22.97 -6.76
CA TRP C 65 -16.56 -23.91 -6.37
C TRP C 65 -15.28 -23.14 -6.11
N PRO C 66 -15.21 -22.40 -5.01
CA PRO C 66 -14.01 -21.58 -4.78
C PRO C 66 -12.79 -22.39 -4.37
N ILE C 67 -12.93 -23.35 -3.48
CA ILE C 67 -11.76 -24.02 -2.90
C ILE C 67 -11.27 -25.09 -3.87
N SER C 68 -9.95 -25.24 -3.94
CA SER C 68 -9.31 -26.29 -4.73
C SER C 68 -8.75 -27.33 -3.75
N MET C 69 -9.24 -28.56 -3.86
CA MET C 69 -8.87 -29.64 -2.96
C MET C 69 -8.14 -30.73 -3.73
N THR C 70 -7.32 -31.49 -3.02
CA THR C 70 -6.65 -32.62 -3.63
C THR C 70 -7.68 -33.71 -3.94
N PRO C 71 -7.42 -34.53 -4.97
CA PRO C 71 -8.41 -35.56 -5.32
C PRO C 71 -8.51 -36.65 -4.26
N SER C 72 -9.15 -36.33 -3.15
CA SER C 72 -9.32 -37.24 -2.04
C SER C 72 -10.67 -37.95 -2.14
N LYS C 73 -10.82 -39.01 -1.33
CA LYS C 73 -12.03 -39.82 -1.31
C LYS C 73 -12.78 -39.74 0.00
N GLU C 74 -12.19 -39.20 1.06
CA GLU C 74 -12.86 -39.16 2.35
C GLU C 74 -14.11 -38.29 2.31
N ILE C 75 -14.03 -37.16 1.60
CA ILE C 75 -15.16 -36.23 1.51
C ILE C 75 -16.20 -36.82 0.56
N PRO C 76 -17.44 -37.06 1.00
CA PRO C 76 -18.45 -37.59 0.08
C PRO C 76 -18.81 -36.58 -1.00
N LEU C 77 -19.20 -37.12 -2.16
CA LEU C 77 -19.60 -36.24 -3.27
C LEU C 77 -20.82 -35.42 -2.91
N VAL C 78 -21.81 -36.03 -2.27
CA VAL C 78 -23.02 -35.35 -1.85
C VAL C 78 -23.27 -35.71 -0.39
N PHE C 79 -23.58 -34.69 0.43
CA PHE C 79 -23.84 -34.87 1.85
C PHE C 79 -25.10 -34.11 2.20
N ASN C 80 -26.14 -34.85 2.62
CA ASN C 80 -27.42 -34.24 2.99
C ASN C 80 -27.96 -33.39 1.84
N GLY C 81 -27.77 -33.88 0.61
CA GLY C 81 -28.19 -33.18 -0.58
C GLY C 81 -27.19 -32.15 -1.08
N THR C 82 -26.44 -31.54 -0.17
CA THR C 82 -25.43 -30.57 -0.58
C THR C 82 -24.30 -31.25 -1.34
N LYS C 83 -23.84 -30.60 -2.40
CA LYS C 83 -22.71 -31.10 -3.19
C LYS C 83 -21.43 -30.54 -2.56
N LEU C 84 -20.61 -31.42 -1.99
CA LEU C 84 -19.43 -31.00 -1.25
C LEU C 84 -18.22 -30.80 -2.16
N LYS C 85 -18.05 -31.66 -3.16
CA LYS C 85 -16.89 -31.60 -4.05
C LYS C 85 -17.34 -31.76 -5.50
N ASP C 86 -16.50 -31.26 -6.41
CA ASP C 86 -16.72 -31.38 -7.85
C ASP C 86 -15.54 -32.17 -8.41
N THR C 87 -15.73 -33.48 -8.58
CA THR C 87 -14.67 -34.37 -9.04
C THR C 87 -14.46 -34.16 -10.54
N ILE C 88 -13.75 -33.09 -10.86
CA ILE C 88 -13.42 -32.76 -12.25
C ILE C 88 -14.69 -32.62 -13.06
N ARG C 96 -6.13 -31.60 -9.39
CA ARG C 96 -6.82 -31.17 -8.19
C ARG C 96 -8.29 -30.87 -8.49
N THR C 97 -9.18 -31.42 -7.67
CA THR C 97 -10.61 -31.21 -7.83
C THR C 97 -11.03 -29.92 -7.13
N ARG C 98 -12.31 -29.58 -7.24
CA ARG C 98 -12.86 -28.36 -6.68
C ARG C 98 -13.92 -28.70 -5.64
N ALA C 99 -14.07 -27.81 -4.66
CA ALA C 99 -15.03 -28.00 -3.59
C ALA C 99 -15.46 -26.64 -3.05
N ASN C 100 -16.62 -26.62 -2.40
CA ASN C 100 -17.21 -25.40 -1.89
C ASN C 100 -16.69 -25.08 -0.49
N ILE C 101 -17.01 -23.87 -0.03
CA ILE C 101 -16.50 -23.38 1.24
C ILE C 101 -17.06 -24.15 2.44
N VAL C 102 -18.12 -24.94 2.25
CA VAL C 102 -18.66 -25.73 3.35
C VAL C 102 -17.83 -26.98 3.64
N VAL C 103 -16.91 -27.35 2.73
CA VAL C 103 -16.10 -28.54 2.96
C VAL C 103 -15.23 -28.40 4.21
N PRO C 104 -14.49 -27.30 4.41
CA PRO C 104 -13.71 -27.18 5.66
C PRO C 104 -14.57 -27.24 6.90
N ASP C 105 -15.78 -26.67 6.86
CA ASP C 105 -16.67 -26.76 8.00
C ASP C 105 -17.10 -28.20 8.26
N TYR C 106 -17.43 -28.94 7.19
CA TYR C 106 -17.82 -30.33 7.33
C TYR C 106 -16.67 -31.16 7.90
N TRP C 107 -15.45 -30.90 7.43
CA TRP C 107 -14.29 -31.63 7.93
C TRP C 107 -14.08 -31.41 9.42
N SER C 108 -14.50 -30.25 9.93
CA SER C 108 -14.30 -29.96 11.35
C SER C 108 -15.16 -30.82 12.25
N LYS C 109 -16.17 -31.50 11.70
CA LYS C 109 -17.04 -32.38 12.47
C LYS C 109 -16.89 -33.85 12.08
N TYR C 110 -17.04 -34.16 10.80
CA TYR C 110 -16.86 -35.52 10.29
C TYR C 110 -15.62 -35.56 9.43
N GLY C 111 -14.56 -36.17 9.94
CA GLY C 111 -13.32 -36.27 9.19
C GLY C 111 -12.33 -37.15 9.91
N SER C 112 -11.27 -37.51 9.19
CA SER C 112 -10.22 -38.33 9.77
C SER C 112 -9.50 -37.58 10.88
N GLN C 113 -9.14 -38.29 11.94
CA GLN C 113 -8.50 -37.71 13.10
C GLN C 113 -7.04 -38.13 13.15
N THR C 114 -6.15 -37.16 13.35
CA THR C 114 -4.73 -37.43 13.49
C THR C 114 -4.38 -37.61 14.96
N SER C 115 -3.17 -38.11 15.20
CA SER C 115 -2.72 -38.37 16.56
C SER C 115 -2.57 -37.07 17.34
N LEU C 116 -2.81 -37.15 18.65
CA LEU C 116 -2.67 -35.99 19.51
C LEU C 116 -1.24 -35.44 19.46
N GLU C 117 -0.26 -36.30 19.20
CA GLU C 117 1.13 -35.84 19.10
C GLU C 117 1.30 -34.85 17.96
N VAL C 118 0.65 -35.11 16.82
CA VAL C 118 0.74 -34.19 15.70
C VAL C 118 0.12 -32.85 16.05
N VAL C 119 -1.04 -32.87 16.73
CA VAL C 119 -1.69 -31.63 17.13
C VAL C 119 -0.79 -30.84 18.06
N ASN C 120 -0.19 -31.51 19.04
CA ASN C 120 0.71 -30.82 19.96
C ASN C 120 1.91 -30.25 19.23
N ALA C 121 2.47 -31.00 18.28
CA ALA C 121 3.64 -30.51 17.54
C ALA C 121 3.29 -29.28 16.71
N ILE C 122 2.15 -29.30 16.01
CA ILE C 122 1.78 -28.18 15.15
C ILE C 122 1.55 -26.93 15.98
N LEU C 123 0.87 -27.05 17.11
CA LEU C 123 0.50 -25.92 17.94
C LEU C 123 1.59 -25.54 18.94
N TYR C 124 2.77 -26.16 18.86
CA TYR C 124 3.79 -25.94 19.88
C TYR C 124 4.10 -24.46 20.05
N ALA C 125 4.38 -23.76 18.95
CA ALA C 125 4.71 -22.35 19.04
C ALA C 125 3.50 -21.53 19.51
N GLU C 126 2.35 -21.73 18.87
CA GLU C 126 1.16 -20.96 19.25
C GLU C 126 0.70 -21.32 20.66
N ASP C 127 0.73 -22.60 21.01
CA ASP C 127 0.34 -22.99 22.36
C ASP C 127 1.28 -22.39 23.40
N LEU C 128 2.58 -22.36 23.08
CA LEU C 128 3.54 -21.74 23.99
C LEU C 128 3.25 -20.26 24.15
N LYS C 129 2.93 -19.58 23.05
CA LYS C 129 2.59 -18.16 23.14
C LYS C 129 1.36 -17.94 24.01
N VAL C 130 0.33 -18.76 23.82
CA VAL C 130 -0.89 -18.62 24.61
C VAL C 130 -0.61 -18.86 26.08
N GLN C 131 0.15 -19.90 26.39
CA GLN C 131 0.49 -20.20 27.78
C GLN C 131 1.31 -19.07 28.39
N ARG C 132 2.26 -18.52 27.62
CA ARG C 132 3.05 -17.40 28.12
C ARG C 132 2.17 -16.20 28.42
N PHE C 133 1.20 -15.91 27.56
CA PHE C 133 0.28 -14.81 27.83
C PHE C 133 -0.54 -15.07 29.08
N PHE C 134 -1.01 -16.30 29.25
CA PHE C 134 -1.90 -16.64 30.36
C PHE C 134 -1.16 -17.11 31.61
N SER C 135 0.17 -17.14 31.58
CA SER C 135 0.96 -17.57 32.73
C SER C 135 1.57 -16.40 33.49
N THR C 136 1.11 -15.17 33.22
CA THR C 136 1.65 -13.98 33.87
C THR C 136 0.51 -13.13 34.40
N GLU C 137 0.80 -12.36 35.44
CA GLU C 137 -0.15 -11.46 36.06
C GLU C 137 0.17 -10.02 35.68
N TRP C 138 -0.85 -9.17 35.80
CA TRP C 138 -0.74 -7.77 35.43
C TRP C 138 -0.90 -6.89 36.67
N GLY C 139 -0.08 -5.86 36.77
CA GLY C 139 -0.14 -4.93 37.88
C GLY C 139 -1.21 -3.87 37.68
N GLU C 140 -1.27 -2.96 38.65
CA GLU C 140 -2.21 -1.85 38.58
C GLU C 140 -1.90 -0.98 37.38
N ILE C 141 -2.87 -0.87 36.46
CA ILE C 141 -2.67 -0.05 35.27
C ILE C 141 -2.52 1.40 35.68
N ARG C 142 -1.50 2.07 35.13
CA ARG C 142 -1.22 3.46 35.44
C ARG C 142 -1.59 4.35 34.26
N TYR C 143 -1.76 5.64 34.54
CA TYR C 143 -2.03 6.64 33.53
C TYR C 143 -1.15 7.86 33.78
N GLY C 144 -0.64 8.44 32.71
CA GLY C 144 0.21 9.61 32.84
C GLY C 144 0.83 9.99 31.51
N ARG C 145 1.63 11.04 31.56
CA ARG C 145 2.33 11.54 30.38
C ARG C 145 3.63 10.76 30.21
N MET C 146 3.51 9.59 29.59
CA MET C 146 4.63 8.69 29.37
C MET C 146 5.04 8.76 27.91
N LEU C 147 6.36 8.89 27.67
CA LEU C 147 6.88 9.01 26.32
C LEU C 147 7.30 7.62 25.84
N PRO C 148 6.59 7.01 24.88
CA PRO C 148 6.97 5.66 24.41
C PRO C 148 8.03 5.69 23.30
N PHE C 149 9.28 5.91 23.70
CA PHE C 149 10.38 5.95 22.76
C PHE C 149 10.60 4.57 22.16
N ARG C 150 10.28 4.43 20.87
CA ARG C 150 10.43 3.14 20.20
C ARG C 150 11.89 2.75 20.11
N LYS C 151 12.16 1.46 20.31
CA LYS C 151 13.50 0.91 20.25
C LYS C 151 13.46 -0.42 19.53
N PRO C 152 14.58 -0.86 18.96
CA PRO C 152 14.65 -2.19 18.32
C PRO C 152 14.93 -3.26 19.37
N VAL C 153 13.96 -4.15 19.56
CA VAL C 153 14.06 -5.23 20.55
C VAL C 153 13.60 -6.53 19.91
N GLN C 154 13.93 -7.64 20.56
CA GLN C 154 13.54 -8.94 20.05
C GLN C 154 12.02 -9.07 20.05
N ALA C 155 11.49 -9.70 19.00
CA ALA C 155 10.05 -9.76 18.83
C ALA C 155 9.42 -10.77 19.79
N CYS C 156 9.79 -12.04 19.67
CA CYS C 156 9.20 -13.11 20.44
C CYS C 156 10.28 -13.91 21.15
N PRO C 157 10.05 -14.35 22.39
CA PRO C 157 11.03 -15.21 23.06
C PRO C 157 11.26 -16.49 22.26
N THR C 158 12.50 -16.93 22.22
CA THR C 158 12.93 -18.05 21.41
C THR C 158 13.36 -19.22 22.30
N ILE C 159 13.54 -20.37 21.66
CA ILE C 159 13.95 -21.57 22.39
C ILE C 159 15.31 -21.34 23.06
N GLU C 160 16.28 -20.90 22.28
CA GLU C 160 17.63 -20.66 22.77
C GLU C 160 18.27 -19.55 21.94
N GLU C 161 19.28 -18.92 22.52
CA GLU C 161 20.00 -17.85 21.84
C GLU C 161 20.85 -18.45 20.73
N VAL C 162 20.42 -18.28 19.49
CA VAL C 162 21.13 -18.80 18.32
C VAL C 162 21.35 -17.64 17.36
N ASN C 163 22.59 -17.49 16.89
CA ASN C 163 22.92 -16.40 16.00
C ASN C 163 22.17 -16.56 14.67
N PRO C 164 21.78 -15.45 14.04
CA PRO C 164 21.06 -15.57 12.76
C PRO C 164 21.83 -16.34 11.70
N ALA C 165 23.15 -16.23 11.68
CA ALA C 165 23.94 -16.94 10.68
C ALA C 165 23.82 -18.44 10.85
N SER C 166 23.71 -18.93 12.08
CA SER C 166 23.65 -20.36 12.35
C SER C 166 22.23 -20.93 12.28
N ILE C 167 21.21 -20.08 12.07
CA ILE C 167 19.84 -20.59 12.01
C ILE C 167 19.66 -21.57 10.88
N PRO C 168 20.05 -21.27 9.64
CA PRO C 168 19.90 -22.27 8.57
C PRO C 168 20.63 -23.57 8.86
N HIS C 169 21.82 -23.49 9.44
CA HIS C 169 22.56 -24.70 9.80
C HIS C 169 21.81 -25.50 10.86
N THR C 170 21.23 -24.81 11.85
CA THR C 170 20.46 -25.51 12.87
C THR C 170 19.26 -26.21 12.25
N LEU C 171 18.55 -25.53 11.34
CA LEU C 171 17.41 -26.16 10.69
C LEU C 171 17.84 -27.37 9.87
N LEU C 172 18.95 -27.25 9.14
CA LEU C 172 19.45 -28.39 8.37
C LEU C 172 19.78 -29.56 9.29
N GLN C 173 20.46 -29.30 10.40
CA GLN C 173 20.79 -30.38 11.31
C GLN C 173 19.54 -31.02 11.88
N VAL C 174 18.52 -30.21 12.19
CA VAL C 174 17.28 -30.75 12.74
C VAL C 174 16.61 -31.66 11.73
N PHE C 175 16.54 -31.22 10.47
CA PHE C 175 15.69 -31.91 9.50
C PHE C 175 16.45 -33.00 8.73
N CYS C 176 17.51 -32.62 8.02
CA CYS C 176 18.29 -33.55 7.20
C CYS C 176 19.76 -33.41 7.56
N PRO C 177 20.15 -33.87 8.75
CA PRO C 177 21.54 -33.69 9.18
C PRO C 177 22.56 -34.41 8.31
N GLN C 178 22.13 -35.42 7.55
CA GLN C 178 23.06 -36.23 6.77
C GLN C 178 23.32 -35.68 5.37
N TYR C 179 22.74 -34.52 5.04
CA TYR C 179 22.95 -33.89 3.73
C TYR C 179 23.84 -32.66 3.81
N THR C 180 24.51 -32.43 4.93
CA THR C 180 25.32 -31.24 5.13
C THR C 180 26.73 -31.63 5.55
N THR C 181 27.68 -30.73 5.28
CA THR C 181 29.08 -31.00 5.54
C THR C 181 29.36 -31.00 7.04
N LEU C 182 30.47 -31.64 7.41
CA LEU C 182 30.84 -31.71 8.82
C LEU C 182 31.13 -30.31 9.38
N ASP C 183 31.80 -29.47 8.61
CA ASP C 183 32.05 -28.10 9.06
C ASP C 183 30.74 -27.37 9.31
N SER C 184 29.76 -27.53 8.41
CA SER C 184 28.43 -26.99 8.65
C SER C 184 27.78 -27.67 9.85
N LYS C 185 28.05 -28.97 10.05
CA LYS C 185 27.49 -29.66 11.21
C LYS C 185 27.97 -29.04 12.51
N ARG C 186 29.14 -28.40 12.52
CA ARG C 186 29.68 -27.75 13.69
C ARG C 186 29.47 -26.24 13.66
N LYS C 187 28.36 -25.79 13.08
CA LYS C 187 28.02 -24.37 13.03
C LYS C 187 26.64 -24.08 13.61
N ALA C 188 26.01 -25.07 14.25
CA ALA C 188 24.65 -24.92 14.75
C ALA C 188 24.62 -25.21 16.25
N HIS C 189 23.69 -24.55 16.94
CA HIS C 189 23.53 -24.77 18.37
C HIS C 189 23.13 -26.22 18.65
N MET C 190 23.86 -26.86 19.55
CA MET C 190 23.58 -28.27 19.86
C MET C 190 22.33 -28.43 20.71
N GLY C 191 22.16 -27.58 21.73
CA GLY C 191 20.95 -27.67 22.53
C GLY C 191 19.70 -27.34 21.74
N ALA C 192 19.76 -26.28 20.94
CA ALA C 192 18.59 -25.89 20.15
C ALA C 192 18.22 -26.98 19.16
N VAL C 193 19.20 -27.51 18.44
CA VAL C 193 18.91 -28.56 17.47
C VAL C 193 18.36 -29.79 18.18
N GLU C 194 18.96 -30.16 19.31
CA GLU C 194 18.50 -31.35 20.04
C GLU C 194 17.05 -31.20 20.45
N LYS C 195 16.70 -30.10 21.12
CA LYS C 195 15.34 -29.95 21.62
C LYS C 195 14.34 -29.73 20.49
N LEU C 196 14.74 -29.03 19.43
CA LEU C 196 13.84 -28.83 18.30
C LEU C 196 13.54 -30.15 17.61
N LYS C 197 14.55 -31.01 17.46
CA LYS C 197 14.30 -32.35 16.94
C LYS C 197 13.43 -33.15 17.89
N ARG C 198 13.61 -32.96 19.20
CA ARG C 198 12.78 -33.67 20.17
C ARG C 198 11.31 -33.31 20.03
N VAL C 199 11.01 -32.01 19.87
CA VAL C 199 9.62 -31.57 19.84
C VAL C 199 9.00 -31.60 18.45
N MET C 200 9.80 -31.62 17.40
CA MET C 200 9.30 -31.64 16.03
C MET C 200 9.34 -33.02 15.40
N GLU C 201 9.52 -34.06 16.20
CA GLU C 201 9.75 -35.41 15.68
C GLU C 201 8.50 -36.14 15.20
N PRO C 202 7.33 -36.00 15.87
CA PRO C 202 6.30 -37.04 15.73
C PRO C 202 5.86 -37.29 14.30
N ILE C 203 5.27 -36.29 13.63
CA ILE C 203 4.89 -36.42 12.23
C ILE C 203 5.28 -35.17 11.46
N CYS C 204 5.69 -34.12 12.18
CA CYS C 204 6.11 -32.90 11.51
C CYS C 204 7.37 -33.08 10.67
N LYS C 205 8.09 -34.18 10.84
CA LYS C 205 9.38 -34.40 10.21
C LYS C 205 9.34 -35.62 9.29
N VAL C 206 8.26 -35.77 8.51
CA VAL C 206 8.20 -36.84 7.52
C VAL C 206 7.92 -36.26 6.13
N GLN C 207 6.78 -35.61 5.98
CA GLN C 207 6.39 -35.02 4.70
C GLN C 207 5.99 -33.57 4.80
N THR C 208 5.35 -33.16 5.90
CA THR C 208 4.91 -31.78 6.08
C THR C 208 6.08 -30.90 6.52
N GLN C 209 7.14 -30.92 5.69
CA GLN C 209 8.32 -30.13 5.98
C GLN C 209 8.10 -28.65 5.69
N GLU C 210 7.21 -28.31 4.76
CA GLU C 210 7.01 -26.92 4.40
C GLU C 210 6.57 -26.10 5.60
N SER C 211 5.66 -26.63 6.41
CA SER C 211 5.22 -25.95 7.62
C SER C 211 6.12 -26.24 8.80
N ALA C 212 6.73 -27.43 8.85
CA ALA C 212 7.62 -27.77 9.95
C ALA C 212 8.83 -26.84 10.00
N VAL C 213 9.40 -26.53 8.84
CA VAL C 213 10.55 -25.63 8.80
C VAL C 213 10.15 -24.24 9.27
N HIS C 214 8.98 -23.77 8.86
CA HIS C 214 8.52 -22.46 9.32
C HIS C 214 8.31 -22.44 10.82
N ILE C 215 7.70 -23.50 11.37
CA ILE C 215 7.50 -23.57 12.81
C ILE C 215 8.84 -23.58 13.54
N ALA C 216 9.79 -24.37 13.05
CA ALA C 216 11.11 -24.42 13.67
C ALA C 216 11.78 -23.05 13.64
N ARG C 217 11.72 -22.37 12.49
CA ARG C 217 12.32 -21.05 12.37
C ARG C 217 11.69 -20.08 13.35
N SER C 218 10.35 -20.06 13.40
CA SER C 218 9.67 -19.19 14.37
C SER C 218 10.08 -19.53 15.79
N LEU C 219 10.42 -20.79 16.05
CA LEU C 219 10.85 -21.18 17.39
C LEU C 219 12.25 -20.65 17.70
N ILE C 220 13.18 -20.77 16.75
CA ILE C 220 14.58 -20.44 17.01
C ILE C 220 14.94 -19.05 16.50
N ASP C 221 14.28 -18.61 15.42
CA ASP C 221 14.60 -17.32 14.81
C ASP C 221 13.96 -16.20 15.61
N SER C 222 14.79 -15.35 16.20
CA SER C 222 14.34 -14.20 16.99
C SER C 222 14.52 -12.95 16.14
N ASN C 223 13.46 -12.56 15.44
CA ASN C 223 13.49 -11.37 14.61
C ASN C 223 13.38 -10.11 15.47
N LYS C 224 14.25 -9.15 15.21
CA LYS C 224 14.20 -7.87 15.92
C LYS C 224 13.24 -6.92 15.23
N LYS C 225 12.47 -6.18 16.02
CA LYS C 225 11.49 -5.25 15.50
C LYS C 225 11.52 -3.97 16.33
N TRP C 226 11.10 -2.88 15.71
CA TRP C 226 10.97 -1.60 16.38
C TRP C 226 9.64 -1.56 17.13
N LEU C 227 9.71 -1.51 18.46
CA LEU C 227 8.51 -1.53 19.29
C LEU C 227 8.59 -0.43 20.34
N PRO C 228 7.44 0.06 20.80
CA PRO C 228 7.45 1.09 21.85
C PRO C 228 7.87 0.51 23.19
N THR C 229 8.74 1.22 23.88
CA THR C 229 9.30 0.74 25.15
C THR C 229 9.38 1.91 26.12
N VAL C 230 8.41 1.98 27.04
CA VAL C 230 8.50 2.94 28.13
C VAL C 230 9.72 2.63 29.00
N VAL C 231 9.93 1.35 29.30
CA VAL C 231 11.12 0.87 29.99
C VAL C 231 11.76 -0.20 29.13
N ASP C 232 12.94 -0.65 29.55
CA ASP C 232 13.65 -1.69 28.82
C ASP C 232 12.76 -2.92 28.70
N HIS C 233 12.68 -3.47 27.48
CA HIS C 233 11.75 -4.54 27.16
C HIS C 233 12.50 -5.84 26.93
N THR C 234 12.09 -6.89 27.64
CA THR C 234 12.57 -8.23 27.38
C THR C 234 11.75 -8.86 26.26
N PRO C 235 12.27 -9.91 25.61
CA PRO C 235 11.48 -10.54 24.54
C PRO C 235 10.11 -10.99 25.00
N ARG C 236 10.00 -11.49 26.24
CA ARG C 236 8.70 -11.89 26.75
C ARG C 236 7.74 -10.72 26.80
N THR C 237 8.21 -9.55 27.27
CA THR C 237 7.36 -8.37 27.29
C THR C 237 7.20 -7.79 25.89
N ALA C 238 8.28 -7.75 25.11
CA ALA C 238 8.20 -7.23 23.75
C ALA C 238 7.21 -8.02 22.90
N GLU C 239 6.90 -9.26 23.28
CA GLU C 239 5.90 -10.02 22.55
C GLU C 239 4.53 -9.36 22.63
N MET C 240 4.19 -8.80 23.80
CA MET C 240 2.87 -8.24 24.04
C MET C 240 2.92 -6.71 24.25
N ALA C 241 4.05 -6.10 23.92
CA ALA C 241 4.21 -4.65 24.07
C ALA C 241 3.14 -3.85 23.35
N HIS C 242 2.31 -4.46 22.50
CA HIS C 242 1.31 -3.70 21.77
C HIS C 242 0.18 -3.19 22.65
N PHE C 243 0.11 -3.63 23.92
CA PHE C 243 -0.89 -3.11 24.84
C PHE C 243 -0.32 -2.74 26.21
N LEU C 244 0.98 -2.91 26.43
CA LEU C 244 1.56 -2.56 27.72
C LEU C 244 1.70 -1.05 27.88
N CYS C 245 1.85 -0.32 26.77
CA CYS C 245 2.01 1.12 26.83
C CYS C 245 1.56 1.73 25.51
N SER C 246 0.79 2.82 25.59
CA SER C 246 0.30 3.53 24.42
C SER C 246 0.40 5.04 24.63
N LYS C 247 1.49 5.48 25.26
CA LYS C 247 1.77 6.90 25.47
C LYS C 247 0.87 7.51 26.54
N TYR C 248 -0.11 6.75 27.03
CA TYR C 248 -1.03 7.24 28.05
C TYR C 248 -1.21 6.28 29.21
N HIS C 249 -0.62 5.09 29.17
CA HIS C 249 -0.76 4.12 30.24
C HIS C 249 0.46 3.22 30.25
N TYR C 250 0.64 2.51 31.37
CA TYR C 250 1.78 1.62 31.53
C TYR C 250 1.38 0.51 32.49
N VAL C 251 1.20 -0.70 31.96
CA VAL C 251 0.87 -1.86 32.79
C VAL C 251 2.16 -2.58 33.15
N HIS C 252 2.39 -2.77 34.43
CA HIS C 252 3.59 -3.41 34.92
C HIS C 252 3.37 -4.91 35.05
N THR C 253 4.26 -5.69 34.42
CA THR C 253 4.20 -7.15 34.50
C THR C 253 5.06 -7.61 35.68
N ASN C 254 5.33 -8.92 35.73
CA ASN C 254 6.17 -9.49 36.78
C ASN C 254 7.47 -8.71 36.95
#